data_8ON9
#
_entry.id   8ON9
#
_cell.length_a   1.00
_cell.length_b   1.00
_cell.length_c   1.00
_cell.angle_alpha   90.00
_cell.angle_beta   90.00
_cell.angle_gamma   90.00
#
_symmetry.space_group_name_H-M   'P 1'
#
loop_
_entity.id
_entity.type
_entity.pdbx_description
1 polymer 'FMRFamide-gated sodium channel 1 (FaNaC1)'
2 polymer 'ASSFVRIamide, neuropeptide'
3 branched 2-acetamido-2-deoxy-beta-D-glucopyranose-(1-4)-2-acetamido-2-deoxy-beta-D-glucopyranose
4 non-polymer 2-acetamido-2-deoxy-beta-D-glucopyranose
#
loop_
_entity_poly.entity_id
_entity_poly.type
_entity_poly.pdbx_seq_one_letter_code
_entity_poly.pdbx_strand_id
1 'polypeptide(L)'
;MSAIRDVMTKFAEQTTMHGVPKVINAKSSMGRLFWSLVCLAAGAMFCLQMSEVLQRYFSYPKKVTVEVVPTPVPFPSISI
CNMRNLDVHILNTLNRMFIEDDRPFSNINKSEHEFIRAYMKKVAKYAPLFWNYQDEYPEVFQEIFSRTTFSANIDPEVIA
LAAVQLEGFVVNCHYAGHRCNKTRDFYRFFDPYYFNCFTYKAHEPTDIEDNLSEGIENGWSSILLSGSGMLDKNDEIRML
PGLHEWRSAVSASEGVRVVIHPPSTTPYPFTEGYDVPPGFSASFGIHPRRNIRIGPPHGNCSDKNPFGDGTERYRLMACQ
KMCMQHYIVETCGCADVGLPKLPLQANISWCRDDDNFPDECMFTASEECLQLLMQLHNRIKCARSIKSKITKNTTAMEAC
NCFPPCDEVSYDVSYSLSKWPSAGYEGDAAYFDVFGIEKFNERFNKTGTQGKYELFTKYFNVSNREESMKDFARLNVYIA
DSNVVKTQESEDYTRNQLVSDIGGQLGLWVGISLITLAEVLELIIDLFRLFSKHTYRSVPVIRQSIKYKDKRNGAEMNYD
TRYSQSNGGPHARYLHHGHSIPKHPPELPDTSLALEVLFQ
;
A,B,C
2 'polypeptide(L)' ASSFVRI(NH2) D,E,F
#
loop_
_chem_comp.id
_chem_comp.type
_chem_comp.name
_chem_comp.formula
NAG D-saccharide, beta linking 2-acetamido-2-deoxy-beta-D-glucopyranose 'C8 H15 N O6'
NH2 non-polymer 'AMINO GROUP' 'H2 N'
#
# COMPACT_ATOMS: atom_id res chain seq x y z
N ALA A 3 -49.32 -10.30 -63.63
CA ALA A 3 -50.02 -9.44 -62.68
C ALA A 3 -49.28 -9.37 -61.35
N ILE A 4 -49.62 -8.37 -60.53
CA ILE A 4 -49.00 -8.23 -59.22
C ILE A 4 -49.37 -9.41 -58.34
N ARG A 5 -50.62 -9.87 -58.41
CA ARG A 5 -51.05 -11.00 -57.60
C ARG A 5 -50.30 -12.27 -57.95
N ASP A 6 -49.92 -12.45 -59.22
CA ASP A 6 -49.19 -13.65 -59.60
C ASP A 6 -47.83 -13.73 -58.90
N VAL A 7 -47.04 -12.65 -59.00
CA VAL A 7 -45.73 -12.65 -58.36
C VAL A 7 -45.86 -12.63 -56.85
N MET A 8 -46.91 -11.99 -56.32
CA MET A 8 -47.15 -12.05 -54.88
C MET A 8 -47.41 -13.48 -54.42
N THR A 9 -48.23 -14.22 -55.16
CA THR A 9 -48.51 -15.61 -54.80
C THR A 9 -47.25 -16.46 -54.91
N LYS A 10 -46.46 -16.24 -55.97
CA LYS A 10 -45.19 -16.97 -56.09
C LYS A 10 -44.29 -16.70 -54.90
N PHE A 11 -44.04 -15.42 -54.60
CA PHE A 11 -43.20 -15.06 -53.48
C PHE A 11 -43.74 -15.67 -52.18
N ALA A 12 -45.06 -15.69 -52.03
CA ALA A 12 -45.64 -16.31 -50.85
C ALA A 12 -45.37 -17.80 -50.79
N GLU A 13 -45.31 -18.48 -51.94
CA GLU A 13 -45.15 -19.93 -51.87
C GLU A 13 -43.69 -20.36 -51.76
N GLN A 14 -42.72 -19.55 -52.21
CA GLN A 14 -41.31 -19.99 -52.08
C GLN A 14 -40.53 -19.01 -51.20
N THR A 15 -41.19 -18.46 -50.19
CA THR A 15 -40.54 -17.53 -49.27
C THR A 15 -40.11 -18.29 -48.02
N THR A 16 -38.99 -17.88 -47.45
CA THR A 16 -38.58 -18.37 -46.15
C THR A 16 -38.86 -17.37 -45.04
N MET A 17 -39.43 -16.22 -45.36
CA MET A 17 -39.91 -15.31 -44.33
C MET A 17 -41.13 -15.93 -43.65
N HIS A 18 -41.28 -15.69 -42.34
CA HIS A 18 -42.36 -16.38 -41.58
C HIS A 18 -43.67 -15.59 -41.56
N GLY A 19 -43.62 -14.26 -41.71
CA GLY A 19 -44.83 -13.47 -41.56
C GLY A 19 -45.65 -13.18 -42.82
N VAL A 20 -45.02 -12.67 -43.86
CA VAL A 20 -45.74 -12.23 -45.05
C VAL A 20 -46.41 -13.38 -45.81
N PRO A 21 -45.98 -14.65 -45.69
CA PRO A 21 -46.84 -15.71 -46.24
C PRO A 21 -48.24 -15.72 -45.68
N LYS A 22 -48.41 -15.49 -44.37
CA LYS A 22 -49.75 -15.40 -43.80
C LYS A 22 -50.52 -14.20 -44.37
N VAL A 23 -49.86 -13.05 -44.44
CA VAL A 23 -50.55 -11.83 -44.88
C VAL A 23 -50.97 -11.95 -46.34
N ILE A 24 -50.10 -12.48 -47.19
CA ILE A 24 -50.39 -12.53 -48.62
C ILE A 24 -51.49 -13.55 -48.94
N ASN A 25 -51.48 -14.71 -48.30
CA ASN A 25 -52.47 -15.75 -48.57
C ASN A 25 -53.72 -15.62 -47.70
N ALA A 26 -53.81 -14.58 -46.88
CA ALA A 26 -54.96 -14.42 -46.00
C ALA A 26 -56.23 -14.32 -46.82
N LYS A 27 -57.24 -15.10 -46.41
CA LYS A 27 -58.53 -15.12 -47.08
C LYS A 27 -59.61 -14.41 -46.27
N SER A 28 -59.24 -13.77 -45.17
CA SER A 28 -60.18 -13.01 -44.35
C SER A 28 -59.55 -11.67 -44.00
N SER A 29 -60.36 -10.61 -44.04
CA SER A 29 -59.85 -9.28 -43.74
C SER A 29 -59.35 -9.18 -42.31
N MET A 30 -60.10 -9.74 -41.36
CA MET A 30 -59.66 -9.70 -39.96
C MET A 30 -58.38 -10.50 -39.75
N GLY A 31 -58.25 -11.63 -40.45
CA GLY A 31 -57.00 -12.37 -40.38
C GLY A 31 -55.84 -11.60 -40.97
N ARG A 32 -56.07 -10.92 -42.09
CA ARG A 32 -55.03 -10.08 -42.68
C ARG A 32 -54.61 -8.97 -41.72
N LEU A 33 -55.58 -8.31 -41.09
CA LEU A 33 -55.27 -7.27 -40.12
C LEU A 33 -54.46 -7.81 -38.96
N PHE A 34 -54.88 -8.96 -38.42
CA PHE A 34 -54.20 -9.55 -37.28
C PHE A 34 -52.76 -9.90 -37.63
N TRP A 35 -52.55 -10.52 -38.79
CA TRP A 35 -51.20 -10.94 -39.15
C TRP A 35 -50.31 -9.75 -39.48
N SER A 36 -50.87 -8.72 -40.12
CA SER A 36 -50.11 -7.50 -40.39
C SER A 36 -49.70 -6.82 -39.08
N LEU A 37 -50.62 -6.76 -38.12
CA LEU A 37 -50.28 -6.17 -36.82
C LEU A 37 -49.19 -6.98 -36.12
N VAL A 38 -49.28 -8.31 -36.20
CA VAL A 38 -48.25 -9.16 -35.60
C VAL A 38 -46.89 -8.86 -36.23
N CYS A 39 -46.84 -8.80 -37.56
CA CYS A 39 -45.58 -8.54 -38.25
C CYS A 39 -45.02 -7.16 -37.88
N LEU A 40 -45.87 -6.14 -37.86
CA LEU A 40 -45.41 -4.80 -37.54
C LEU A 40 -44.91 -4.71 -36.11
N ALA A 41 -45.62 -5.33 -35.16
CA ALA A 41 -45.17 -5.31 -33.77
C ALA A 41 -43.84 -6.04 -33.61
N ALA A 42 -43.69 -7.18 -34.28
CA ALA A 42 -42.43 -7.91 -34.23
C ALA A 42 -41.30 -7.06 -34.81
N GLY A 43 -41.54 -6.39 -35.94
CA GLY A 43 -40.52 -5.54 -36.51
C GLY A 43 -40.14 -4.38 -35.61
N ALA A 44 -41.12 -3.75 -34.98
CA ALA A 44 -40.84 -2.61 -34.10
C ALA A 44 -40.03 -3.06 -32.89
N MET A 45 -40.41 -4.17 -32.27
CA MET A 45 -39.66 -4.65 -31.11
C MET A 45 -38.25 -5.07 -31.53
N PHE A 46 -38.12 -5.68 -32.70
CA PHE A 46 -36.81 -6.02 -33.24
C PHE A 46 -35.94 -4.78 -33.43
N CYS A 47 -36.54 -3.70 -33.96
CA CYS A 47 -35.80 -2.47 -34.15
C CYS A 47 -35.35 -1.88 -32.82
N LEU A 48 -36.22 -1.92 -31.81
CA LEU A 48 -35.84 -1.41 -30.49
C LEU A 48 -34.67 -2.20 -29.91
N GLN A 49 -34.75 -3.53 -29.99
CA GLN A 49 -33.68 -4.36 -29.46
C GLN A 49 -32.37 -4.15 -30.20
N MET A 50 -32.43 -3.99 -31.53
CA MET A 50 -31.22 -3.71 -32.28
C MET A 50 -30.67 -2.32 -31.97
N SER A 51 -31.54 -1.36 -31.67
CA SER A 51 -31.06 -0.06 -31.22
C SER A 51 -30.27 -0.20 -29.94
N GLU A 52 -30.78 -0.98 -28.98
CA GLU A 52 -30.03 -1.22 -27.76
C GLU A 52 -28.71 -1.94 -28.05
N VAL A 53 -28.74 -2.94 -28.94
CA VAL A 53 -27.54 -3.70 -29.26
C VAL A 53 -26.47 -2.80 -29.85
N LEU A 54 -26.85 -1.97 -30.83
CA LEU A 54 -25.89 -1.08 -31.47
C LEU A 54 -25.41 0.01 -30.53
N GLN A 55 -26.27 0.47 -29.62
CA GLN A 55 -25.80 1.41 -28.61
C GLN A 55 -24.74 0.77 -27.73
N ARG A 56 -24.93 -0.50 -27.35
CA ARG A 56 -23.90 -1.18 -26.58
C ARG A 56 -22.61 -1.33 -27.38
N TYR A 57 -22.74 -1.69 -28.66
CA TYR A 57 -21.54 -1.95 -29.47
C TYR A 57 -20.73 -0.68 -29.70
N PHE A 58 -21.37 0.39 -30.15
CA PHE A 58 -20.60 1.61 -30.53
C PHE A 58 -20.24 2.44 -29.30
N SER A 59 -20.36 1.87 -28.11
CA SER A 59 -19.89 2.55 -26.89
C SER A 59 -18.49 2.00 -26.66
N TYR A 60 -18.15 0.96 -27.42
CA TYR A 60 -16.83 0.34 -27.34
C TYR A 60 -16.41 0.04 -25.90
N PRO A 61 -17.14 -0.82 -25.19
CA PRO A 61 -16.79 -1.11 -23.81
C PRO A 61 -15.51 -1.93 -23.71
N LYS A 62 -14.88 -1.83 -22.53
CA LYS A 62 -13.64 -2.53 -22.27
C LYS A 62 -13.88 -3.68 -21.29
N LYS A 63 -13.01 -4.67 -21.36
CA LYS A 63 -13.04 -5.82 -20.46
C LYS A 63 -11.69 -5.95 -19.77
N VAL A 64 -11.70 -6.07 -18.45
CA VAL A 64 -10.50 -6.05 -17.63
C VAL A 64 -10.44 -7.30 -16.78
N THR A 65 -9.26 -7.91 -16.72
CA THR A 65 -9.02 -9.08 -15.89
C THR A 65 -7.79 -8.83 -15.03
N VAL A 66 -7.90 -9.19 -13.75
CA VAL A 66 -6.80 -9.07 -12.80
C VAL A 66 -6.39 -10.47 -12.37
N GLU A 67 -5.12 -10.80 -12.55
CA GLU A 67 -4.65 -12.14 -12.26
C GLU A 67 -3.16 -12.09 -11.92
N VAL A 68 -2.69 -13.16 -11.28
CA VAL A 68 -1.28 -13.31 -10.95
C VAL A 68 -0.65 -14.27 -11.96
N VAL A 69 0.51 -13.90 -12.49
CA VAL A 69 1.18 -14.70 -13.50
C VAL A 69 2.61 -14.96 -13.07
N PRO A 70 3.21 -16.09 -13.47
CA PRO A 70 4.58 -16.39 -13.04
C PRO A 70 5.66 -15.73 -13.88
N THR A 71 5.31 -15.02 -14.95
CA THR A 71 6.31 -14.40 -15.79
C THR A 71 7.05 -13.33 -15.00
N PRO A 72 8.37 -13.40 -14.91
CA PRO A 72 9.11 -12.46 -14.07
C PRO A 72 9.41 -11.15 -14.80
N VAL A 73 9.38 -10.07 -14.04
CA VAL A 73 9.74 -8.74 -14.54
C VAL A 73 11.20 -8.50 -14.17
N PRO A 74 11.92 -7.65 -14.92
CA PRO A 74 13.31 -7.35 -14.54
C PRO A 74 13.36 -6.55 -13.24
N PHE A 75 14.50 -6.65 -12.57
CA PHE A 75 14.68 -5.94 -11.31
C PHE A 75 14.63 -4.44 -11.57
N PRO A 76 13.89 -3.68 -10.76
CA PRO A 76 13.74 -2.25 -11.02
C PRO A 76 15.03 -1.48 -10.80
N SER A 77 15.14 -0.35 -11.51
CA SER A 77 16.24 0.56 -11.25
C SER A 77 15.99 1.32 -9.96
N ILE A 78 17.06 1.52 -9.18
CA ILE A 78 16.98 2.20 -7.90
C ILE A 78 17.82 3.46 -7.99
N SER A 79 17.19 4.61 -7.76
CA SER A 79 17.85 5.90 -7.78
C SER A 79 17.89 6.44 -6.36
N ILE A 80 19.09 6.74 -5.87
CA ILE A 80 19.30 7.21 -4.51
C ILE A 80 19.85 8.63 -4.57
N CYS A 81 19.24 9.54 -3.84
CA CYS A 81 19.65 10.97 -3.83
C CYS A 81 19.82 11.45 -2.40
N ASN A 82 21.05 11.81 -2.01
CA ASN A 82 21.32 12.30 -0.67
C ASN A 82 20.62 13.65 -0.49
N MET A 83 19.87 13.78 0.61
CA MET A 83 19.14 15.01 0.85
C MET A 83 20.06 16.20 1.11
N ARG A 84 21.33 15.93 1.42
CA ARG A 84 22.34 16.99 1.48
C ARG A 84 23.03 17.08 0.13
N ASN A 85 23.00 18.27 -0.47
CA ASN A 85 23.44 18.41 -1.85
C ASN A 85 24.96 18.44 -1.97
N LEU A 86 25.63 19.15 -1.06
CA LEU A 86 27.07 19.37 -1.17
C LEU A 86 27.84 18.45 -0.24
N ASP A 87 29.12 18.28 -0.55
CA ASP A 87 30.00 17.46 0.27
C ASP A 87 30.25 18.12 1.62
N VAL A 88 30.48 17.29 2.64
CA VAL A 88 30.65 17.81 3.99
C VAL A 88 31.90 18.67 4.10
N HIS A 89 33.00 18.24 3.46
CA HIS A 89 34.23 19.01 3.53
C HIS A 89 34.08 20.37 2.87
N ILE A 90 33.41 20.41 1.73
CA ILE A 90 33.16 21.68 1.05
C ILE A 90 32.32 22.60 1.93
N LEU A 91 31.29 22.05 2.57
CA LEU A 91 30.44 22.85 3.43
C LEU A 91 31.23 23.42 4.61
N ASN A 92 32.07 22.59 5.23
CA ASN A 92 32.88 23.07 6.34
C ASN A 92 33.86 24.15 5.88
N THR A 93 34.45 23.96 4.70
CA THR A 93 35.36 24.96 4.17
C THR A 93 34.65 26.29 3.94
N LEU A 94 33.45 26.25 3.36
CA LEU A 94 32.69 27.47 3.14
C LEU A 94 32.34 28.15 4.46
N ASN A 95 31.90 27.35 5.44
CA ASN A 95 31.53 27.92 6.73
C ASN A 95 32.72 28.57 7.41
N ARG A 96 33.88 27.92 7.38
CA ARG A 96 35.06 28.48 8.03
C ARG A 96 35.57 29.70 7.29
N MET A 97 35.48 29.70 5.95
CA MET A 97 35.87 30.88 5.18
C MET A 97 34.98 32.07 5.52
N PHE A 98 33.68 31.85 5.63
CA PHE A 98 32.79 32.95 6.01
C PHE A 98 33.02 33.39 7.46
N ILE A 99 33.37 32.45 8.34
CA ILE A 99 33.68 32.83 9.72
C ILE A 99 34.92 33.71 9.77
N GLU A 100 35.96 33.35 9.02
CA GLU A 100 37.17 34.17 9.00
C GLU A 100 36.89 35.54 8.39
N ASP A 101 36.14 35.58 7.30
CA ASP A 101 35.79 36.84 6.64
C ASP A 101 34.42 36.69 6.02
N ASP A 102 33.47 37.52 6.46
CA ASP A 102 32.09 37.42 6.02
C ASP A 102 31.83 38.11 4.69
N ARG A 103 32.83 38.77 4.10
CA ARG A 103 32.66 39.41 2.80
C ARG A 103 32.98 38.39 1.72
N PRO A 104 32.01 37.93 0.93
CA PRO A 104 32.32 36.93 -0.11
C PRO A 104 33.23 37.46 -1.21
N PHE A 105 33.25 38.77 -1.44
CA PHE A 105 34.08 39.31 -2.51
C PHE A 105 35.56 39.07 -2.23
N SER A 106 36.00 39.27 -0.99
CA SER A 106 37.40 39.09 -0.65
C SER A 106 37.82 37.62 -0.66
N ASN A 107 36.86 36.70 -0.62
CA ASN A 107 37.15 35.28 -0.56
C ASN A 107 37.14 34.61 -1.94
N ILE A 108 36.98 35.38 -3.01
CA ILE A 108 36.90 34.78 -4.35
C ILE A 108 38.21 34.11 -4.72
N ASN A 109 39.33 34.75 -4.40
CA ASN A 109 40.65 34.24 -4.79
C ASN A 109 41.31 33.43 -3.68
N LYS A 110 40.60 33.11 -2.61
CA LYS A 110 41.19 32.39 -1.49
C LYS A 110 41.23 30.88 -1.69
N SER A 111 40.52 30.35 -2.68
CA SER A 111 40.46 28.90 -2.88
C SER A 111 40.72 28.58 -4.34
N GLU A 112 41.41 27.47 -4.58
CA GLU A 112 41.67 26.97 -5.92
C GLU A 112 40.54 26.09 -6.45
N HIS A 113 39.58 25.72 -5.60
CA HIS A 113 38.47 24.89 -6.03
C HIS A 113 37.54 25.72 -6.90
N GLU A 114 37.23 25.21 -8.10
CA GLU A 114 36.46 26.00 -9.06
C GLU A 114 35.05 26.29 -8.55
N PHE A 115 34.41 25.29 -7.93
CA PHE A 115 33.06 25.50 -7.42
C PHE A 115 33.05 26.58 -6.36
N ILE A 116 34.05 26.61 -5.49
CA ILE A 116 34.10 27.63 -4.44
C ILE A 116 34.22 29.01 -5.05
N ARG A 117 35.07 29.15 -6.07
CA ARG A 117 35.24 30.44 -6.72
C ARG A 117 33.94 30.92 -7.35
N ALA A 118 33.28 30.03 -8.10
CA ALA A 118 32.01 30.40 -8.73
C ALA A 118 30.95 30.74 -7.68
N TYR A 119 30.90 29.95 -6.61
CA TYR A 119 29.94 30.18 -5.54
C TYR A 119 30.16 31.54 -4.90
N MET A 120 31.41 31.88 -4.59
CA MET A 120 31.67 33.16 -3.94
C MET A 120 31.42 34.33 -4.88
N LYS A 121 31.70 34.17 -6.18
CA LYS A 121 31.33 35.22 -7.13
C LYS A 121 29.82 35.44 -7.14
N LYS A 122 29.07 34.34 -7.20
CA LYS A 122 27.61 34.45 -7.26
C LYS A 122 27.06 35.08 -5.98
N VAL A 123 27.62 34.71 -4.82
CA VAL A 123 27.15 35.27 -3.56
C VAL A 123 27.54 36.74 -3.44
N ALA A 124 28.73 37.11 -3.93
CA ALA A 124 29.16 38.49 -3.88
C ALA A 124 28.29 39.36 -4.76
N LYS A 125 27.77 38.80 -5.86
CA LYS A 125 26.82 39.59 -6.66
C LYS A 125 25.51 39.88 -5.93
N TYR A 126 25.34 39.41 -4.69
CA TYR A 126 24.14 39.70 -3.91
C TYR A 126 24.43 40.23 -2.51
N ALA A 127 25.65 40.07 -2.00
CA ALA A 127 25.94 40.38 -0.60
C ALA A 127 25.60 41.82 -0.21
N PRO A 128 25.98 42.86 -0.97
CA PRO A 128 25.64 44.22 -0.53
C PRO A 128 24.16 44.45 -0.34
N LEU A 129 23.32 43.86 -1.19
CA LEU A 129 21.88 43.94 -0.99
C LEU A 129 21.48 43.22 0.29
N PHE A 130 22.09 42.05 0.55
CA PHE A 130 21.78 41.30 1.77
C PHE A 130 22.25 42.02 3.02
N TRP A 131 23.21 42.94 2.91
CA TRP A 131 23.65 43.68 4.08
C TRP A 131 22.77 44.89 4.38
N ASN A 132 21.82 45.21 3.50
CA ASN A 132 21.03 46.44 3.63
C ASN A 132 19.53 46.20 3.72
N TYR A 133 19.03 45.03 3.26
CA TYR A 133 17.60 44.86 3.08
C TYR A 133 17.09 43.58 3.71
N GLN A 134 17.72 43.12 4.80
CA GLN A 134 17.17 41.98 5.53
C GLN A 134 15.85 42.34 6.21
N ASP A 135 15.82 43.48 6.91
CA ASP A 135 14.63 43.87 7.66
C ASP A 135 13.45 44.17 6.76
N GLU A 136 13.71 44.66 5.55
CA GLU A 136 12.62 45.07 4.67
C GLU A 136 12.11 43.95 3.78
N TYR A 137 13.00 43.08 3.29
CA TYR A 137 12.59 41.98 2.42
C TYR A 137 13.30 40.70 2.85
N PRO A 138 13.00 40.20 4.04
CA PRO A 138 13.63 38.94 4.47
C PRO A 138 13.25 37.76 3.60
N GLU A 139 12.02 37.74 3.08
CA GLU A 139 11.56 36.60 2.31
C GLU A 139 12.26 36.52 0.95
N VAL A 140 12.59 37.67 0.36
CA VAL A 140 13.21 37.67 -0.97
C VAL A 140 14.58 37.01 -0.91
N PHE A 141 15.40 37.39 0.07
CA PHE A 141 16.76 36.86 0.14
C PHE A 141 16.78 35.37 0.47
N GLN A 142 15.79 34.90 1.23
CA GLN A 142 15.68 33.46 1.47
C GLN A 142 15.45 32.70 0.18
N GLU A 143 14.61 33.24 -0.70
CA GLU A 143 14.30 32.58 -1.96
C GLU A 143 15.48 32.64 -2.92
N ILE A 144 16.19 33.78 -2.95
CA ILE A 144 17.29 33.93 -3.89
C ILE A 144 18.44 33.00 -3.53
N PHE A 145 18.70 32.82 -2.24
CA PHE A 145 19.81 31.97 -1.79
C PHE A 145 19.45 30.50 -1.72
N SER A 146 18.39 30.06 -2.41
CA SER A 146 17.99 28.66 -2.39
C SER A 146 18.89 27.83 -3.30
N ARG A 147 18.71 26.51 -3.22
CA ARG A 147 19.53 25.59 -4.02
C ARG A 147 19.33 25.82 -5.51
N THR A 148 18.08 25.98 -5.95
CA THR A 148 17.78 26.02 -7.37
C THR A 148 18.42 27.21 -8.07
N THR A 149 18.68 28.30 -7.35
CA THR A 149 19.33 29.45 -7.97
C THR A 149 20.75 29.10 -8.41
N PHE A 150 21.49 28.38 -7.58
CA PHE A 150 22.86 28.03 -7.91
C PHE A 150 22.92 26.97 -9.02
N SER A 151 22.04 25.97 -8.96
CA SER A 151 22.03 24.94 -10.00
C SER A 151 21.62 25.50 -11.36
N ALA A 152 20.87 26.61 -11.37
CA ALA A 152 20.46 27.20 -12.64
C ALA A 152 21.45 28.22 -13.18
N ASN A 153 22.49 28.56 -12.42
CA ASN A 153 23.43 29.58 -12.83
C ASN A 153 24.88 29.12 -12.82
N ILE A 154 25.17 27.94 -12.28
CA ILE A 154 26.52 27.39 -12.24
C ILE A 154 26.56 26.15 -13.12
N ASP A 155 27.65 25.99 -13.86
CA ASP A 155 27.78 24.85 -14.76
C ASP A 155 27.66 23.55 -13.97
N PRO A 156 26.76 22.65 -14.35
CA PRO A 156 26.62 21.39 -13.59
C PRO A 156 27.90 20.59 -13.50
N GLU A 157 28.78 20.66 -14.50
CA GLU A 157 30.07 20.00 -14.41
C GLU A 157 30.97 20.62 -13.35
N VAL A 158 30.71 21.87 -12.96
CA VAL A 158 31.44 22.49 -11.86
C VAL A 158 30.84 22.10 -10.52
N ILE A 159 29.50 22.02 -10.45
CA ILE A 159 28.84 21.60 -9.22
C ILE A 159 29.19 20.15 -8.89
N ALA A 160 29.32 19.31 -9.92
CA ALA A 160 29.60 17.90 -9.70
C ALA A 160 30.92 17.68 -8.97
N LEU A 161 31.85 18.63 -9.04
CA LEU A 161 33.10 18.51 -8.31
C LEU A 161 32.95 18.75 -6.82
N ALA A 162 31.86 19.37 -6.39
CA ALA A 162 31.61 19.63 -4.98
C ALA A 162 30.40 18.92 -4.41
N ALA A 163 29.52 18.39 -5.26
CA ALA A 163 28.37 17.65 -4.77
C ALA A 163 28.82 16.32 -4.18
N VAL A 164 27.85 15.55 -3.66
CA VAL A 164 28.15 14.28 -3.04
C VAL A 164 28.72 13.33 -4.07
N GLN A 165 29.87 12.74 -3.76
CA GLN A 165 30.55 11.82 -4.67
C GLN A 165 30.12 10.39 -4.38
N LEU A 166 30.13 9.56 -5.43
CA LEU A 166 29.73 8.17 -5.28
C LEU A 166 30.65 7.43 -4.32
N GLU A 167 31.95 7.67 -4.41
CA GLU A 167 32.90 6.98 -3.55
C GLU A 167 32.69 7.34 -2.08
N GLY A 168 32.23 8.54 -1.80
CA GLY A 168 31.94 8.99 -0.45
C GLY A 168 30.50 8.88 -0.03
N PHE A 169 29.65 8.23 -0.84
CA PHE A 169 28.24 8.09 -0.53
C PHE A 169 27.83 6.64 -0.29
N VAL A 170 28.20 5.74 -1.21
CA VAL A 170 27.84 4.34 -1.10
C VAL A 170 28.99 3.63 -0.40
N VAL A 171 28.79 3.28 0.87
CA VAL A 171 29.82 2.56 1.61
C VAL A 171 29.99 1.15 1.05
N ASN A 172 28.88 0.46 0.81
CA ASN A 172 28.91 -0.91 0.31
C ASN A 172 27.63 -1.17 -0.47
N CYS A 173 27.67 -2.21 -1.31
CA CYS A 173 26.51 -2.62 -2.06
C CYS A 173 26.57 -4.12 -2.30
N HIS A 174 25.39 -4.74 -2.39
CA HIS A 174 25.29 -6.16 -2.68
C HIS A 174 24.01 -6.42 -3.47
N TYR A 175 24.10 -7.27 -4.47
CA TYR A 175 22.96 -7.63 -5.29
C TYR A 175 23.11 -9.06 -5.78
N ALA A 176 22.05 -9.85 -5.64
CA ALA A 176 22.01 -11.23 -6.12
C ALA A 176 23.19 -12.05 -5.60
N GLY A 177 23.50 -11.87 -4.32
CA GLY A 177 24.57 -12.62 -3.70
C GLY A 177 25.96 -12.25 -4.16
N HIS A 178 26.13 -11.09 -4.79
CA HIS A 178 27.44 -10.65 -5.26
C HIS A 178 27.64 -9.18 -4.93
N ARG A 179 28.89 -8.82 -4.65
CA ARG A 179 29.22 -7.42 -4.39
C ARG A 179 29.05 -6.59 -5.65
N CYS A 180 28.45 -5.42 -5.50
CA CYS A 180 28.23 -4.54 -6.65
C CYS A 180 29.52 -3.86 -7.08
N ASN A 181 29.64 -3.65 -8.39
CA ASN A 181 30.70 -2.82 -8.95
C ASN A 181 30.20 -1.39 -9.02
N LYS A 182 30.79 -0.52 -8.19
CA LYS A 182 30.28 0.85 -8.08
C LYS A 182 30.52 1.65 -9.35
N THR A 183 31.63 1.41 -10.05
CA THR A 183 31.91 2.18 -11.26
C THR A 183 31.05 1.72 -12.42
N ARG A 184 30.70 0.44 -12.49
CA ARG A 184 29.93 -0.06 -13.66
C ARG A 184 28.42 -0.04 -13.42
N ASP A 185 27.96 -0.20 -12.19
CA ASP A 185 26.53 -0.33 -11.95
C ASP A 185 25.83 0.99 -11.65
N PHE A 186 26.50 1.94 -11.02
CA PHE A 186 25.89 3.21 -10.68
C PHE A 186 26.11 4.23 -11.79
N TYR A 187 25.07 4.99 -12.10
CA TYR A 187 25.12 6.02 -13.14
C TYR A 187 24.71 7.35 -12.52
N ARG A 188 25.55 8.35 -12.66
CA ARG A 188 25.29 9.65 -12.07
C ARG A 188 24.44 10.52 -12.99
N PHE A 189 23.50 11.21 -12.36
CA PHE A 189 22.60 12.13 -13.08
C PHE A 189 22.48 13.39 -12.23
N PHE A 190 22.22 14.52 -12.85
CA PHE A 190 22.11 15.79 -12.14
C PHE A 190 20.64 16.16 -11.95
N ASP A 191 20.28 16.57 -10.73
CA ASP A 191 18.91 17.06 -10.42
C ASP A 191 19.08 18.44 -9.80
N PRO A 192 18.28 19.46 -10.17
CA PRO A 192 18.47 20.83 -9.69
C PRO A 192 18.42 20.98 -8.18
N TYR A 193 17.66 20.14 -7.46
CA TYR A 193 17.57 20.23 -5.98
C TYR A 193 18.55 19.25 -5.36
N TYR A 194 18.45 17.96 -5.66
CA TYR A 194 19.45 16.98 -5.20
C TYR A 194 20.57 17.02 -6.25
N PHE A 195 21.65 17.76 -6.01
CA PHE A 195 22.69 18.04 -6.98
C PHE A 195 23.21 16.78 -7.67
N ASN A 196 23.69 15.82 -6.88
CA ASN A 196 24.19 14.56 -7.42
C ASN A 196 23.27 13.42 -7.01
N CYS A 197 22.82 12.65 -8.00
CA CYS A 197 22.01 11.47 -7.77
C CYS A 197 22.58 10.32 -8.58
N PHE A 198 22.36 9.11 -8.09
CA PHE A 198 22.94 7.91 -8.70
C PHE A 198 21.85 6.88 -8.91
N THR A 199 21.81 6.30 -10.11
CA THR A 199 20.84 5.27 -10.46
C THR A 199 21.55 3.93 -10.56
N TYR A 200 21.06 2.94 -9.83
CA TYR A 200 21.62 1.60 -9.87
C TYR A 200 20.90 0.79 -10.94
N LYS A 201 21.67 0.19 -11.84
CA LYS A 201 21.13 -0.68 -12.87
C LYS A 201 21.63 -2.10 -12.61
N ALA A 202 20.70 -3.05 -12.53
CA ALA A 202 21.03 -4.39 -12.09
C ALA A 202 21.98 -5.09 -13.06
N HIS A 203 22.86 -5.91 -12.49
CA HIS A 203 23.81 -6.70 -13.26
C HIS A 203 23.77 -8.12 -12.72
N GLU A 204 23.21 -9.04 -13.50
CA GLU A 204 23.06 -10.42 -13.06
C GLU A 204 24.43 -11.10 -12.94
N PRO A 205 24.54 -12.09 -12.05
CA PRO A 205 25.82 -12.78 -11.89
C PRO A 205 26.25 -13.49 -13.17
N THR A 206 27.56 -13.54 -13.38
CA THR A 206 28.13 -14.19 -14.55
C THR A 206 27.96 -15.70 -14.48
N LEU A 212 33.61 -12.64 -5.24
CA LEU A 212 32.88 -11.81 -4.29
C LEU A 212 31.46 -12.29 -4.11
N SER A 213 31.31 -13.55 -3.67
CA SER A 213 30.00 -14.15 -3.45
C SER A 213 29.58 -13.86 -2.02
N GLU A 214 28.83 -12.78 -1.84
CA GLU A 214 28.40 -12.36 -0.51
C GLU A 214 27.18 -11.45 -0.65
N GLY A 215 26.44 -11.33 0.44
CA GLY A 215 25.33 -10.39 0.49
C GLY A 215 23.99 -11.04 0.27
N ILE A 216 22.98 -10.18 0.13
CA ILE A 216 21.61 -10.63 -0.06
C ILE A 216 21.48 -11.36 -1.40
N GLU A 217 20.74 -12.48 -1.38
CA GLU A 217 20.56 -13.28 -2.58
C GLU A 217 19.30 -12.91 -3.35
N ASN A 218 18.25 -12.45 -2.67
CA ASN A 218 16.96 -12.21 -3.30
C ASN A 218 16.67 -10.73 -3.50
N GLY A 219 17.69 -9.87 -3.46
CA GLY A 219 17.45 -8.45 -3.66
C GLY A 219 18.69 -7.59 -3.68
N TRP A 220 18.52 -6.32 -3.31
CA TRP A 220 19.58 -5.32 -3.36
C TRP A 220 19.71 -4.65 -2.01
N SER A 221 20.94 -4.54 -1.52
CA SER A 221 21.22 -3.94 -0.22
C SER A 221 22.44 -3.04 -0.33
N SER A 222 22.43 -1.94 0.42
CA SER A 222 23.53 -1.00 0.40
C SER A 222 23.54 -0.19 1.69
N ILE A 223 24.74 0.25 2.08
CA ILE A 223 24.93 1.11 3.25
C ILE A 223 25.36 2.48 2.74
N LEU A 224 24.65 3.52 3.18
CA LEU A 224 24.86 4.86 2.66
C LEU A 224 25.19 5.81 3.79
N LEU A 225 26.15 6.70 3.54
CA LEU A 225 26.46 7.79 4.47
C LEU A 225 25.56 8.96 4.14
N SER A 226 24.60 9.26 5.02
CA SER A 226 23.61 10.29 4.77
C SER A 226 23.52 11.36 5.85
N GLY A 227 24.02 11.12 7.05
CA GLY A 227 23.92 12.09 8.10
C GLY A 227 24.86 13.27 7.89
N SER A 228 24.68 14.28 8.72
CA SER A 228 25.49 15.49 8.66
C SER A 228 25.97 15.90 10.05
N GLY A 229 26.22 14.92 10.92
CA GLY A 229 26.69 15.22 12.26
C GLY A 229 28.11 15.72 12.32
N MET A 230 28.89 15.51 11.26
CA MET A 230 30.27 15.96 11.21
C MET A 230 30.40 17.42 10.81
N LEU A 231 29.31 18.08 10.44
CA LEU A 231 29.36 19.50 10.13
C LEU A 231 29.59 20.31 11.39
N ASP A 232 30.26 21.46 11.22
CA ASP A 232 30.56 22.32 12.36
C ASP A 232 29.28 22.87 12.97
N LYS A 233 29.26 22.96 14.30
CA LYS A 233 28.12 23.48 15.04
C LYS A 233 28.40 24.93 15.41
N ASN A 234 27.82 25.85 14.66
CA ASN A 234 28.06 27.27 14.90
C ASN A 234 27.35 27.73 16.16
N ASP A 235 27.99 28.64 16.89
CA ASP A 235 27.39 29.21 18.08
C ASP A 235 26.32 30.25 17.76
N GLU A 236 26.31 30.77 16.55
CA GLU A 236 25.34 31.77 16.12
C GLU A 236 24.72 31.34 14.79
N ILE A 237 23.52 31.83 14.54
CA ILE A 237 22.84 31.54 13.27
C ILE A 237 23.54 32.32 12.16
N ARG A 238 24.00 31.59 11.14
CA ARG A 238 24.67 32.19 10.01
C ARG A 238 24.05 31.66 8.72
N MET A 239 23.90 32.55 7.75
CA MET A 239 23.33 32.19 6.46
C MET A 239 24.40 31.56 5.57
N LEU A 240 24.11 30.39 5.01
CA LEU A 240 24.98 29.72 4.06
C LEU A 240 24.16 29.48 2.79
N PRO A 241 24.30 30.37 1.80
CA PRO A 241 23.49 30.25 0.58
C PRO A 241 23.76 28.93 -0.14
N GLY A 242 22.74 28.45 -0.84
CA GLY A 242 22.83 27.21 -1.59
C GLY A 242 22.52 25.96 -0.79
N LEU A 243 22.19 26.09 0.49
CA LEU A 243 21.90 24.95 1.34
C LEU A 243 20.40 24.71 1.51
N HIS A 244 19.64 25.76 1.78
CA HIS A 244 18.25 25.65 2.20
C HIS A 244 17.34 26.13 1.09
N GLU A 245 16.44 25.26 0.64
CA GLU A 245 15.39 25.63 -0.30
C GLU A 245 14.23 26.18 0.53
N TRP A 246 14.06 27.49 0.49
CA TRP A 246 13.19 28.17 1.45
C TRP A 246 11.75 27.69 1.36
N ARG A 247 11.27 27.10 2.44
CA ARG A 247 9.87 26.73 2.63
C ARG A 247 9.34 25.77 1.58
N SER A 248 10.22 24.96 0.99
CA SER A 248 9.75 23.83 0.20
C SER A 248 9.37 22.68 1.11
N ALA A 249 8.65 21.70 0.56
CA ALA A 249 8.21 20.57 1.36
C ALA A 249 9.37 19.67 1.79
N VAL A 250 10.55 19.83 1.19
CA VAL A 250 11.73 19.04 1.54
C VAL A 250 12.85 19.99 1.95
N SER A 251 12.48 21.09 2.60
CA SER A 251 13.39 22.22 2.74
C SER A 251 14.68 21.85 3.45
N ALA A 252 14.59 21.10 4.56
CA ALA A 252 15.78 20.87 5.37
C ALA A 252 15.91 19.43 5.85
N SER A 253 15.22 18.48 5.20
CA SER A 253 15.20 17.12 5.70
C SER A 253 16.57 16.46 5.56
N GLU A 254 16.80 15.43 6.36
CA GLU A 254 18.05 14.68 6.39
C GLU A 254 17.75 13.21 6.11
N GLY A 255 18.51 12.61 5.22
CA GLY A 255 18.34 11.22 4.90
C GLY A 255 18.64 10.97 3.44
N VAL A 256 18.01 9.91 2.91
CA VAL A 256 18.18 9.48 1.53
C VAL A 256 16.83 9.45 0.86
N ARG A 257 16.77 9.98 -0.36
CA ARG A 257 15.53 9.89 -1.17
C ARG A 257 15.75 8.70 -2.09
N VAL A 258 14.85 7.76 -2.10
CA VAL A 258 14.94 6.51 -2.85
C VAL A 258 13.78 6.44 -3.82
N VAL A 259 14.10 6.23 -5.10
CA VAL A 259 13.04 6.11 -6.14
C VAL A 259 13.16 4.76 -6.84
N ILE A 260 12.11 3.96 -6.82
CA ILE A 260 12.05 2.65 -7.46
C ILE A 260 11.19 2.79 -8.71
N HIS A 261 11.78 2.51 -9.86
CA HIS A 261 11.15 2.79 -11.14
C HIS A 261 11.61 1.75 -12.14
N PRO A 262 10.92 1.62 -13.28
CA PRO A 262 11.34 0.64 -14.28
C PRO A 262 12.76 0.91 -14.74
N PRO A 263 13.47 -0.14 -15.18
CA PRO A 263 14.93 -0.01 -15.36
C PRO A 263 15.35 1.05 -16.37
N SER A 264 14.56 1.32 -17.40
CA SER A 264 15.03 2.21 -18.46
C SER A 264 14.23 3.51 -18.48
N THR A 265 13.98 4.09 -17.31
CA THR A 265 13.21 5.32 -17.20
C THR A 265 13.98 6.34 -16.37
N THR A 266 13.63 7.61 -16.57
CA THR A 266 14.25 8.71 -15.82
C THR A 266 13.48 8.97 -14.55
N PRO A 267 14.22 9.01 -13.41
CA PRO A 267 13.60 9.23 -12.14
C PRO A 267 13.24 10.70 -11.93
N TYR A 268 12.14 10.93 -11.25
CA TYR A 268 11.74 12.31 -10.94
C TYR A 268 11.69 12.40 -9.43
N PRO A 269 12.85 12.49 -8.75
CA PRO A 269 12.88 12.44 -7.29
C PRO A 269 11.99 13.36 -6.45
N PHE A 270 11.61 14.54 -6.97
CA PHE A 270 10.88 15.54 -6.16
C PHE A 270 9.39 15.25 -6.07
N THR A 271 8.89 14.33 -6.87
CA THR A 271 7.43 14.04 -6.90
C THR A 271 7.18 12.55 -6.79
N GLU A 272 8.24 11.75 -6.75
CA GLU A 272 8.07 10.30 -6.58
C GLU A 272 9.22 9.75 -5.75
N GLY A 273 8.97 8.69 -5.02
CA GLY A 273 9.97 7.98 -4.26
C GLY A 273 9.62 7.91 -2.78
N TYR A 274 10.61 7.50 -2.00
CA TYR A 274 10.43 7.29 -0.57
C TYR A 274 11.61 7.89 0.17
N ASP A 275 11.41 8.12 1.46
CA ASP A 275 12.41 8.74 2.32
C ASP A 275 12.92 7.75 3.34
N VAL A 276 14.22 7.85 3.66
CA VAL A 276 14.85 7.01 4.66
C VAL A 276 15.68 7.90 5.57
N PRO A 277 15.43 7.93 6.87
CA PRO A 277 16.21 8.79 7.76
C PRO A 277 17.54 8.16 8.10
N PRO A 278 18.54 8.96 8.44
CA PRO A 278 19.83 8.39 8.86
C PRO A 278 19.70 7.65 10.18
N GLY A 279 20.55 6.65 10.35
CA GLY A 279 20.49 5.82 11.53
C GLY A 279 19.42 4.75 11.50
N PHE A 280 18.78 4.54 10.36
CA PHE A 280 17.72 3.55 10.22
C PHE A 280 18.02 2.62 9.06
N SER A 281 17.45 1.42 9.13
CA SER A 281 17.50 0.44 8.07
C SER A 281 16.11 0.30 7.47
N ALA A 282 15.99 0.56 6.18
CA ALA A 282 14.70 0.58 5.50
C ALA A 282 14.54 -0.67 4.64
N SER A 283 13.40 -1.34 4.78
CA SER A 283 13.07 -2.51 3.98
C SER A 283 12.03 -2.12 2.94
N PHE A 284 12.33 -2.40 1.67
CA PHE A 284 11.44 -2.07 0.56
C PHE A 284 10.98 -3.38 -0.09
N GLY A 285 9.83 -3.87 0.34
CA GLY A 285 9.26 -5.06 -0.26
C GLY A 285 8.46 -4.72 -1.50
N ILE A 286 8.95 -5.10 -2.66
CA ILE A 286 8.34 -4.73 -3.93
C ILE A 286 7.36 -5.81 -4.35
N HIS A 287 6.14 -5.39 -4.71
CA HIS A 287 5.16 -6.26 -5.33
C HIS A 287 4.96 -5.80 -6.77
N PRO A 288 5.60 -6.44 -7.74
CA PRO A 288 5.51 -5.94 -9.11
C PRO A 288 4.12 -6.07 -9.70
N ARG A 289 3.78 -5.13 -10.58
CA ARG A 289 2.51 -5.13 -11.27
C ARG A 289 2.74 -4.79 -12.74
N ARG A 290 1.84 -5.28 -13.60
CA ARG A 290 1.90 -5.00 -15.02
C ARG A 290 0.52 -4.62 -15.51
N ASN A 291 0.44 -3.57 -16.33
CA ASN A 291 -0.82 -3.08 -16.86
C ASN A 291 -0.73 -3.05 -18.39
N ILE A 292 -1.73 -3.62 -19.05
CA ILE A 292 -1.83 -3.65 -20.50
C ILE A 292 -3.12 -2.97 -20.91
N ARG A 293 -3.05 -2.05 -21.87
CA ARG A 293 -4.17 -1.20 -22.22
C ARG A 293 -4.43 -1.26 -23.72
N ILE A 294 -5.65 -0.88 -24.10
CA ILE A 294 -6.12 -0.99 -25.47
C ILE A 294 -6.08 0.39 -26.11
N GLY A 295 -6.02 0.41 -27.44
CA GLY A 295 -5.77 1.62 -28.19
C GLY A 295 -6.97 2.53 -28.33
N PRO A 296 -6.99 3.33 -29.40
CA PRO A 296 -7.92 4.46 -29.51
C PRO A 296 -9.39 4.06 -29.41
N PRO A 297 -9.88 3.11 -30.23
CA PRO A 297 -11.34 2.91 -30.27
C PRO A 297 -11.94 2.53 -28.92
N HIS A 298 -11.23 1.75 -28.11
CA HIS A 298 -11.76 1.33 -26.82
C HIS A 298 -11.16 2.10 -25.65
N GLY A 299 -9.97 2.65 -25.80
CA GLY A 299 -9.35 3.38 -24.73
C GLY A 299 -8.44 4.47 -25.25
N ASN A 300 -7.49 4.87 -24.41
CA ASN A 300 -6.47 5.85 -24.79
C ASN A 300 -5.15 5.40 -24.21
N CYS A 301 -4.19 5.07 -25.07
CA CYS A 301 -2.86 4.70 -24.62
C CYS A 301 -1.85 5.09 -25.68
N SER A 302 -0.60 5.25 -25.23
CA SER A 302 0.48 5.66 -26.12
C SER A 302 1.73 4.87 -25.80
N ASP A 303 2.55 4.63 -26.83
CA ASP A 303 3.81 3.93 -26.66
C ASP A 303 5.01 4.86 -26.50
N LYS A 304 4.84 6.15 -26.81
CA LYS A 304 5.96 7.07 -26.81
C LYS A 304 5.50 8.43 -26.29
N ASN A 305 6.47 9.20 -25.79
CA ASN A 305 6.20 10.52 -25.26
C ASN A 305 6.06 11.52 -26.41
N PRO A 306 4.94 12.24 -26.50
CA PRO A 306 4.80 13.24 -27.57
C PRO A 306 5.86 14.32 -27.55
N PHE A 307 6.38 14.67 -26.39
CA PHE A 307 7.31 15.81 -26.32
C PHE A 307 8.77 15.37 -26.41
N GLY A 308 9.07 14.13 -26.04
CA GLY A 308 10.45 13.68 -25.97
C GLY A 308 10.84 12.75 -27.11
N ASP A 309 12.11 12.35 -27.08
CA ASP A 309 12.66 11.41 -28.04
C ASP A 309 12.35 9.98 -27.61
N GLY A 310 12.92 9.02 -28.32
CA GLY A 310 12.64 7.62 -28.08
C GLY A 310 13.71 6.86 -27.31
N THR A 311 14.61 7.58 -26.64
CA THR A 311 15.70 6.92 -25.92
C THR A 311 15.30 6.42 -24.54
N GLU A 312 14.11 6.75 -24.07
CA GLU A 312 13.67 6.35 -22.74
C GLU A 312 12.28 5.71 -22.83
N ARG A 313 12.02 4.78 -21.91
CA ARG A 313 10.71 4.16 -21.83
C ARG A 313 9.67 5.18 -21.38
N TYR A 314 8.45 5.03 -21.89
CA TYR A 314 7.41 6.02 -21.68
C TYR A 314 6.76 5.86 -20.31
N ARG A 315 6.62 6.98 -19.60
CA ARG A 315 5.81 7.06 -18.39
C ARG A 315 4.94 8.31 -18.47
N LEU A 316 3.74 8.22 -17.89
CA LEU A 316 2.81 9.35 -17.96
C LEU A 316 3.35 10.56 -17.22
N MET A 317 4.16 10.35 -16.19
CA MET A 317 4.70 11.47 -15.42
C MET A 317 5.59 12.35 -16.29
N ALA A 318 6.40 11.74 -17.16
CA ALA A 318 7.26 12.52 -18.04
C ALA A 318 6.44 13.41 -18.96
N CYS A 319 5.36 12.85 -19.55
CA CYS A 319 4.52 13.63 -20.44
C CYS A 319 3.85 14.77 -19.67
N GLN A 320 3.34 14.49 -18.46
CA GLN A 320 2.66 15.52 -17.69
C GLN A 320 3.62 16.64 -17.30
N LYS A 321 4.84 16.28 -16.89
CA LYS A 321 5.83 17.29 -16.51
C LYS A 321 6.26 18.12 -17.70
N MET A 322 6.43 17.48 -18.86
CA MET A 322 6.80 18.24 -20.06
C MET A 322 5.66 19.14 -20.51
N CYS A 323 4.42 18.71 -20.35
CA CYS A 323 3.28 19.57 -20.63
C CYS A 323 3.26 20.79 -19.71
N MET A 324 3.53 20.56 -18.42
CA MET A 324 3.61 21.67 -17.47
C MET A 324 4.72 22.64 -17.87
N GLN A 325 5.88 22.11 -18.25
CA GLN A 325 6.97 22.97 -18.68
C GLN A 325 6.60 23.76 -19.94
N HIS A 326 5.92 23.11 -20.88
CA HIS A 326 5.48 23.79 -22.09
C HIS A 326 4.54 24.94 -21.77
N TYR A 327 3.60 24.72 -20.85
CA TYR A 327 2.68 25.80 -20.51
C TYR A 327 3.36 26.90 -19.70
N ILE A 328 4.36 26.55 -18.89
CA ILE A 328 5.10 27.59 -18.16
C ILE A 328 5.91 28.45 -19.12
N VAL A 329 6.56 27.82 -20.10
CA VAL A 329 7.43 28.56 -21.02
C VAL A 329 6.61 29.58 -21.81
N GLU A 330 5.42 29.18 -22.27
CA GLU A 330 4.60 30.08 -23.06
C GLU A 330 4.10 31.27 -22.25
N THR A 331 3.83 31.07 -20.96
CA THR A 331 3.22 32.11 -20.14
C THR A 331 4.26 33.07 -19.57
N CYS A 332 5.19 32.57 -18.78
CA CYS A 332 6.18 33.43 -18.14
C CYS A 332 7.39 33.72 -19.01
N GLY A 333 7.51 33.06 -20.17
CA GLY A 333 8.64 33.30 -21.05
C GLY A 333 9.94 32.66 -20.61
N CYS A 334 9.91 31.79 -19.60
CA CYS A 334 11.11 31.13 -19.12
C CYS A 334 10.75 29.73 -18.66
N ALA A 335 11.76 28.86 -18.62
CA ALA A 335 11.57 27.48 -18.21
C ALA A 335 11.79 27.32 -16.71
N ASP A 336 10.97 26.51 -16.08
CA ASP A 336 11.10 26.22 -14.65
C ASP A 336 12.20 25.18 -14.46
N VAL A 337 13.17 25.49 -13.59
CA VAL A 337 14.27 24.56 -13.36
C VAL A 337 13.84 23.29 -12.65
N GLY A 338 12.66 23.28 -12.03
CA GLY A 338 12.15 22.11 -11.37
C GLY A 338 11.48 21.10 -12.27
N LEU A 339 11.46 21.35 -13.57
CA LEU A 339 10.83 20.48 -14.56
C LEU A 339 11.83 20.21 -15.67
N PRO A 340 11.68 19.08 -16.37
CA PRO A 340 12.61 18.77 -17.46
C PRO A 340 12.57 19.83 -18.56
N LYS A 341 13.71 20.02 -19.20
CA LYS A 341 13.76 20.98 -20.33
C LYS A 341 13.27 20.24 -21.58
N LEU A 342 12.25 20.80 -22.24
CA LEU A 342 11.66 20.17 -23.44
C LEU A 342 12.78 19.90 -24.44
N PRO A 343 12.83 18.74 -25.10
CA PRO A 343 13.84 18.49 -26.13
C PRO A 343 13.53 19.14 -27.50
N LEU A 344 12.60 20.10 -27.54
CA LEU A 344 12.39 20.87 -28.78
C LEU A 344 13.45 21.97 -28.82
N GLN A 345 13.25 23.03 -28.02
CA GLN A 345 14.19 24.19 -28.02
C GLN A 345 14.88 24.32 -26.67
N ALA A 346 16.20 24.55 -26.68
CA ALA A 346 16.98 24.70 -25.44
C ALA A 346 17.62 26.08 -25.44
N ASN A 347 16.95 27.06 -26.04
CA ASN A 347 17.46 28.44 -26.01
C ASN A 347 16.72 29.18 -24.91
N ILE A 348 15.71 28.55 -24.32
CA ILE A 348 14.92 29.19 -23.24
C ILE A 348 15.81 29.23 -22.00
N SER A 349 15.84 30.36 -21.32
CA SER A 349 16.65 30.50 -20.10
C SER A 349 15.81 30.12 -18.89
N TRP A 350 16.45 29.60 -17.86
CA TRP A 350 15.74 29.28 -16.63
C TRP A 350 15.14 30.55 -16.02
N CYS A 351 14.02 30.38 -15.33
CA CYS A 351 13.39 31.53 -14.68
C CYS A 351 14.25 32.11 -13.58
N ARG A 352 15.22 31.34 -13.06
CA ARG A 352 16.12 31.80 -12.03
C ARG A 352 17.45 32.29 -12.59
N ASP A 353 17.58 32.40 -13.91
CA ASP A 353 18.81 32.91 -14.50
C ASP A 353 19.04 34.35 -14.07
N ASP A 354 20.30 34.64 -13.68
CA ASP A 354 20.62 35.98 -13.19
C ASP A 354 21.96 36.49 -13.73
N ASP A 355 22.41 35.99 -14.88
CA ASP A 355 23.69 36.44 -15.43
C ASP A 355 23.67 37.88 -15.91
N ASN A 356 22.48 38.50 -15.97
CA ASN A 356 22.37 39.90 -16.35
C ASN A 356 22.71 40.85 -15.21
N PHE A 357 22.96 40.34 -14.01
CA PHE A 357 23.29 41.21 -12.89
C PHE A 357 24.61 41.91 -13.13
N PRO A 358 24.67 43.23 -13.00
CA PRO A 358 25.92 43.94 -13.22
C PRO A 358 26.95 43.64 -12.13
N ASP A 359 28.21 43.86 -12.48
CA ASP A 359 29.29 43.69 -11.51
C ASP A 359 29.27 44.76 -10.43
N GLU A 360 28.62 45.90 -10.69
CA GLU A 360 28.54 46.95 -9.68
C GLU A 360 27.74 46.52 -8.46
N CYS A 361 26.89 45.51 -8.59
CA CYS A 361 26.15 45.00 -7.43
C CYS A 361 27.06 44.33 -6.41
N MET A 362 28.31 44.02 -6.77
CA MET A 362 29.26 43.52 -5.80
C MET A 362 29.76 44.60 -4.84
N PHE A 363 29.63 45.87 -5.21
CA PHE A 363 30.25 46.95 -4.47
C PHE A 363 29.27 47.92 -3.83
N THR A 364 28.14 48.18 -4.46
CA THR A 364 27.16 49.13 -3.93
C THR A 364 25.78 48.53 -4.00
N ALA A 365 24.95 48.88 -3.02
CA ALA A 365 23.55 48.45 -2.98
C ALA A 365 22.65 49.47 -3.69
N SER A 366 22.91 49.64 -4.98
CA SER A 366 22.17 50.60 -5.77
C SER A 366 20.73 50.14 -5.97
N GLU A 367 19.85 51.11 -6.27
CA GLU A 367 18.44 50.79 -6.48
C GLU A 367 18.23 49.95 -7.74
N GLU A 368 19.14 50.05 -8.70
CA GLU A 368 19.03 49.21 -9.91
C GLU A 368 19.21 47.74 -9.58
N CYS A 369 20.18 47.43 -8.71
CA CYS A 369 20.36 46.05 -8.28
C CYS A 369 19.13 45.53 -7.55
N LEU A 370 18.54 46.38 -6.70
CA LEU A 370 17.31 45.99 -6.00
C LEU A 370 16.17 45.75 -6.98
N GLN A 371 16.07 46.59 -8.01
CA GLN A 371 15.02 46.40 -9.02
C GLN A 371 15.22 45.10 -9.77
N LEU A 372 16.47 44.77 -10.11
CA LEU A 372 16.75 43.51 -10.78
C LEU A 372 16.42 42.33 -9.87
N LEU A 373 16.72 42.45 -8.58
CA LEU A 373 16.35 41.41 -7.62
C LEU A 373 14.84 41.23 -7.57
N MET A 374 14.10 42.34 -7.57
CA MET A 374 12.64 42.27 -7.56
C MET A 374 12.12 41.64 -8.85
N GLN A 375 12.76 41.93 -9.99
CA GLN A 375 12.36 41.31 -11.25
C GLN A 375 12.57 39.80 -11.21
N LEU A 376 13.71 39.37 -10.66
CA LEU A 376 13.95 37.93 -10.53
C LEU A 376 12.93 37.28 -9.60
N HIS A 377 12.61 37.96 -8.49
CA HIS A 377 11.60 37.44 -7.58
C HIS A 377 10.24 37.33 -8.26
N ASN A 378 9.89 38.32 -9.08
CA ASN A 378 8.62 38.29 -9.80
C ASN A 378 8.60 37.17 -10.83
N ARG A 379 9.72 36.92 -11.49
CA ARG A 379 9.80 35.80 -12.43
C ARG A 379 9.59 34.47 -11.72
N ILE A 380 10.22 34.31 -10.55
CA ILE A 380 10.04 33.10 -9.77
C ILE A 380 8.58 32.95 -9.34
N LYS A 381 7.96 34.08 -8.95
CA LYS A 381 6.55 34.04 -8.56
C LYS A 381 5.66 33.65 -9.73
N CYS A 382 5.96 34.17 -10.93
CA CYS A 382 5.20 33.79 -12.12
C CYS A 382 5.29 32.29 -12.36
N ALA A 383 6.51 31.74 -12.29
CA ALA A 383 6.68 30.32 -12.51
C ALA A 383 5.92 29.51 -11.48
N ARG A 384 6.02 29.90 -10.21
CA ARG A 384 5.33 29.18 -9.15
C ARG A 384 3.81 29.24 -9.32
N SER A 385 3.29 30.41 -9.69
CA SER A 385 1.85 30.56 -9.89
C SER A 385 1.36 29.68 -11.04
N ILE A 386 2.11 29.65 -12.15
CA ILE A 386 1.70 28.80 -13.26
C ILE A 386 1.80 27.32 -12.87
N LYS A 387 2.79 26.96 -12.05
CA LYS A 387 2.91 25.56 -11.62
C LYS A 387 1.69 25.10 -10.85
N SER A 388 1.16 25.94 -9.96
CA SER A 388 0.11 25.50 -9.04
C SER A 388 -1.23 25.31 -9.73
N LYS A 389 -1.53 26.09 -10.76
CA LYS A 389 -2.87 26.14 -11.32
C LYS A 389 -3.04 25.31 -12.60
N ILE A 390 -1.95 25.03 -13.33
CA ILE A 390 -2.09 24.43 -14.65
C ILE A 390 -2.62 23.01 -14.54
N THR A 391 -2.26 22.29 -13.47
CA THR A 391 -2.69 20.90 -13.35
C THR A 391 -4.18 20.76 -13.09
N LYS A 392 -4.81 21.78 -12.50
CA LYS A 392 -6.24 21.76 -12.23
C LYS A 392 -7.07 22.23 -13.41
N ASN A 393 -6.42 22.71 -14.47
CA ASN A 393 -7.09 23.21 -15.66
C ASN A 393 -7.17 22.07 -16.67
N THR A 394 -8.34 21.43 -16.73
CA THR A 394 -8.48 20.24 -17.57
C THR A 394 -8.35 20.57 -19.05
N THR A 395 -8.78 21.75 -19.47
CA THR A 395 -8.71 22.12 -20.88
C THR A 395 -7.27 22.14 -21.38
N ALA A 396 -6.37 22.74 -20.59
CA ALA A 396 -4.97 22.81 -20.99
C ALA A 396 -4.31 21.44 -20.95
N MET A 397 -4.57 20.67 -19.90
CA MET A 397 -3.92 19.37 -19.75
C MET A 397 -4.33 18.41 -20.85
N GLU A 398 -5.61 18.42 -21.23
CA GLU A 398 -6.08 17.52 -22.27
C GLU A 398 -5.45 17.83 -23.62
N ALA A 399 -5.05 19.07 -23.85
CA ALA A 399 -4.46 19.44 -25.14
C ALA A 399 -3.08 18.84 -25.36
N CYS A 400 -2.42 18.37 -24.30
CA CYS A 400 -1.08 17.80 -24.43
C CYS A 400 -1.09 16.34 -24.85
N ASN A 401 -2.27 15.70 -24.90
CA ASN A 401 -2.40 14.32 -25.36
C ASN A 401 -1.51 13.36 -24.58
N CYS A 402 -1.47 13.55 -23.26
CA CYS A 402 -0.73 12.65 -22.37
C CYS A 402 -1.65 11.51 -21.98
N PHE A 403 -1.38 10.31 -22.50
CA PHE A 403 -2.18 9.13 -22.24
C PHE A 403 -1.34 8.06 -21.56
N PRO A 404 -1.95 7.20 -20.74
CA PRO A 404 -1.17 6.20 -20.02
C PRO A 404 -0.52 5.22 -20.97
N PRO A 405 0.61 4.63 -20.58
CA PRO A 405 1.30 3.70 -21.48
C PRO A 405 0.46 2.48 -21.80
N CYS A 406 0.64 1.96 -23.01
CA CYS A 406 -0.10 0.78 -23.43
C CYS A 406 0.39 -0.48 -22.72
N ASP A 407 1.67 -0.52 -22.33
CA ASP A 407 2.23 -1.65 -21.60
C ASP A 407 3.14 -1.07 -20.52
N GLU A 408 2.71 -1.17 -19.26
CA GLU A 408 3.37 -0.50 -18.15
C GLU A 408 3.70 -1.50 -17.06
N VAL A 409 4.86 -1.31 -16.43
CA VAL A 409 5.28 -2.08 -15.27
C VAL A 409 5.34 -1.14 -14.07
N SER A 410 4.65 -1.52 -12.99
CA SER A 410 4.58 -0.69 -11.80
C SER A 410 4.96 -1.53 -10.59
N TYR A 411 5.34 -0.85 -9.51
CA TYR A 411 5.80 -1.49 -8.29
C TYR A 411 5.05 -0.93 -7.10
N ASP A 412 4.50 -1.81 -6.27
CA ASP A 412 3.95 -1.44 -4.97
C ASP A 412 4.94 -1.85 -3.89
N VAL A 413 5.27 -0.92 -3.01
CA VAL A 413 6.39 -1.07 -2.08
C VAL A 413 5.88 -1.12 -0.66
N SER A 414 6.28 -2.15 0.07
CA SER A 414 6.06 -2.20 1.52
C SER A 414 7.23 -1.52 2.22
N TYR A 415 6.92 -0.56 3.08
CA TYR A 415 7.93 0.30 3.68
C TYR A 415 7.98 0.04 5.18
N SER A 416 9.20 -0.17 5.69
CA SER A 416 9.40 -0.44 7.11
C SER A 416 10.76 0.10 7.51
N LEU A 417 10.94 0.33 8.81
CA LEU A 417 12.15 0.92 9.34
C LEU A 417 12.64 0.13 10.54
N SER A 418 13.95 -0.10 10.59
CA SER A 418 14.64 -0.62 11.76
C SER A 418 15.73 0.36 12.15
N LYS A 419 16.23 0.22 13.38
CA LYS A 419 17.39 0.98 13.82
C LYS A 419 18.63 0.17 13.44
N TRP A 420 19.36 0.64 12.43
CA TRP A 420 20.38 -0.23 11.82
C TRP A 420 21.52 -0.52 12.79
N PRO A 421 22.32 0.47 13.24
CA PRO A 421 23.43 0.12 14.13
C PRO A 421 22.92 -0.17 15.53
N SER A 422 22.84 -1.45 15.88
CA SER A 422 22.32 -1.84 17.18
C SER A 422 23.30 -1.47 18.28
N ALA A 423 22.76 -1.11 19.44
CA ALA A 423 23.60 -0.81 20.57
C ALA A 423 24.30 -2.08 21.06
N GLY A 424 25.57 -1.95 21.41
CA GLY A 424 26.31 -3.07 21.94
C GLY A 424 27.21 -3.80 20.96
N TYR A 425 27.22 -5.13 21.06
CA TYR A 425 28.22 -5.92 20.35
C TYR A 425 27.94 -5.97 18.85
N GLU A 426 26.68 -6.06 18.46
CA GLU A 426 26.35 -6.12 17.04
C GLU A 426 26.70 -4.81 16.34
N GLY A 427 26.51 -3.68 17.04
CA GLY A 427 26.99 -2.42 16.51
C GLY A 427 28.50 -2.37 16.37
N ASP A 428 29.22 -3.00 17.31
CA ASP A 428 30.67 -3.10 17.17
C ASP A 428 31.04 -3.90 15.93
N ALA A 429 30.31 -4.98 15.67
CA ALA A 429 30.56 -5.78 14.46
C ALA A 429 30.30 -4.95 13.21
N ALA A 430 29.22 -4.17 13.21
CA ALA A 430 28.91 -3.32 12.05
C ALA A 430 30.00 -2.27 11.84
N TYR A 431 30.47 -1.66 12.94
CA TYR A 431 31.55 -0.68 12.83
C TYR A 431 32.82 -1.31 12.30
N PHE A 432 33.16 -2.51 12.76
CA PHE A 432 34.33 -3.19 12.24
C PHE A 432 34.17 -3.54 10.77
N ASP A 433 32.96 -3.92 10.36
CA ASP A 433 32.72 -4.21 8.95
C ASP A 433 32.92 -2.97 8.10
N VAL A 434 32.42 -1.82 8.57
CA VAL A 434 32.51 -0.60 7.78
C VAL A 434 33.94 -0.07 7.73
N PHE A 435 34.60 0.00 8.88
CA PHE A 435 35.89 0.69 8.97
C PHE A 435 37.09 -0.24 9.10
N GLY A 436 36.88 -1.49 9.50
CA GLY A 436 38.00 -2.39 9.66
C GLY A 436 38.26 -3.25 8.45
N ILE A 437 37.20 -3.77 7.84
CA ILE A 437 37.33 -4.63 6.68
C ILE A 437 37.23 -3.83 5.39
N GLU A 438 36.14 -3.09 5.22
CA GLU A 438 35.97 -2.27 4.03
C GLU A 438 36.93 -1.09 4.00
N LYS A 439 37.37 -0.61 5.16
CA LYS A 439 38.29 0.52 5.27
C LYS A 439 37.73 1.74 4.55
N PHE A 440 36.59 2.22 5.06
CA PHE A 440 35.88 3.33 4.42
C PHE A 440 36.71 4.61 4.43
N ASN A 441 37.41 4.88 5.54
CA ASN A 441 38.19 6.11 5.64
C ASN A 441 39.34 6.11 4.65
N GLU A 442 39.89 4.94 4.34
CA GLU A 442 41.06 4.86 3.46
C GLU A 442 40.77 5.27 2.03
N ARG A 443 39.48 5.34 1.69
CA ARG A 443 39.07 5.74 0.31
C ARG A 443 39.22 7.26 0.16
N PHE A 444 39.40 7.98 1.28
CA PHE A 444 39.49 9.46 1.23
C PHE A 444 40.85 9.91 1.77
N ASN A 445 41.81 8.99 1.83
CA ASN A 445 43.18 9.35 2.30
C ASN A 445 43.99 9.80 1.07
N LYS A 446 43.33 9.87 -0.09
CA LYS A 446 44.01 10.32 -1.33
C LYS A 446 44.33 11.82 -1.23
N THR A 447 45.32 12.29 -1.98
CA THR A 447 45.74 13.71 -1.90
C THR A 447 44.53 14.64 -2.06
N GLY A 448 43.80 14.53 -3.18
CA GLY A 448 42.70 15.44 -3.42
C GLY A 448 41.63 15.48 -2.35
N THR A 449 41.68 14.60 -1.35
CA THR A 449 40.68 14.57 -0.30
C THR A 449 41.32 14.42 1.07
N GLN A 450 42.49 15.03 1.27
CA GLN A 450 43.20 14.87 2.54
C GLN A 450 42.41 15.50 3.69
N GLY A 451 41.79 16.65 3.45
CA GLY A 451 41.02 17.30 4.49
C GLY A 451 39.84 16.47 4.95
N LYS A 452 39.16 15.79 4.02
CA LYS A 452 38.07 14.91 4.39
C LYS A 452 38.56 13.74 5.23
N TYR A 453 39.76 13.26 4.96
CA TYR A 453 40.31 12.14 5.73
C TYR A 453 40.41 12.47 7.20
N GLU A 454 40.96 13.65 7.53
CA GLU A 454 41.11 14.02 8.94
C GLU A 454 39.76 14.13 9.62
N LEU A 455 38.79 14.74 8.92
CA LEU A 455 37.45 14.88 9.49
C LEU A 455 36.83 13.53 9.79
N PHE A 456 36.94 12.58 8.85
CA PHE A 456 36.33 11.27 9.08
C PHE A 456 37.12 10.46 10.12
N THR A 457 38.44 10.63 10.18
CA THR A 457 39.22 9.94 11.19
C THR A 457 38.86 10.42 12.59
N LYS A 458 38.68 11.73 12.76
CA LYS A 458 38.30 12.25 14.06
C LYS A 458 36.87 11.89 14.41
N TYR A 459 35.95 12.07 13.47
CA TYR A 459 34.54 11.83 13.73
C TYR A 459 34.26 10.34 13.98
N PHE A 460 34.73 9.48 13.08
CA PHE A 460 34.39 8.06 13.14
C PHE A 460 35.46 7.27 13.90
N ASN A 461 35.70 7.68 15.13
CA ASN A 461 36.64 6.95 15.97
C ASN A 461 35.91 5.89 16.78
N VAL A 462 36.70 4.99 17.38
CA VAL A 462 36.12 3.86 18.11
C VAL A 462 35.38 4.34 19.34
N SER A 463 35.87 5.38 20.00
CA SER A 463 35.29 5.82 21.26
C SER A 463 33.85 6.28 21.09
N ASN A 464 33.56 7.03 20.03
CA ASN A 464 32.25 7.62 19.82
C ASN A 464 31.48 6.90 18.71
N ARG A 465 31.63 5.58 18.61
CA ARG A 465 31.01 4.85 17.51
C ARG A 465 29.49 4.80 17.64
N GLU A 466 28.98 4.79 18.88
CA GLU A 466 27.53 4.69 19.07
C GLU A 466 26.80 5.90 18.50
N GLU A 467 27.40 7.08 18.59
CA GLU A 467 26.77 8.30 18.09
C GLU A 467 27.12 8.59 16.64
N SER A 468 28.38 8.35 16.25
CA SER A 468 28.80 8.65 14.89
C SER A 468 28.16 7.74 13.86
N MET A 469 27.96 6.47 14.21
CA MET A 469 27.37 5.53 13.25
C MET A 469 25.92 5.86 12.93
N LYS A 470 25.28 6.73 13.71
CA LYS A 470 23.91 7.13 13.40
C LYS A 470 23.80 7.95 12.12
N ASP A 471 24.92 8.42 11.57
CA ASP A 471 24.89 9.14 10.31
C ASP A 471 24.77 8.21 9.10
N PHE A 472 24.93 6.91 9.29
CA PHE A 472 24.78 5.95 8.22
C PHE A 472 23.34 5.48 8.12
N ALA A 473 22.98 4.98 6.94
CA ALA A 473 21.67 4.39 6.71
C ALA A 473 21.83 3.20 5.78
N ARG A 474 20.90 2.25 5.89
CA ARG A 474 20.93 1.05 5.06
C ARG A 474 19.61 0.90 4.33
N LEU A 475 19.69 0.52 3.07
CA LEU A 475 18.52 0.21 2.26
C LEU A 475 18.51 -1.28 1.95
N ASN A 476 17.34 -1.89 2.06
CA ASN A 476 17.15 -3.31 1.76
C ASN A 476 15.98 -3.40 0.79
N VAL A 477 16.30 -3.55 -0.49
CA VAL A 477 15.30 -3.60 -1.56
C VAL A 477 15.24 -5.01 -2.10
N TYR A 478 14.05 -5.61 -2.05
CA TYR A 478 13.89 -7.00 -2.48
C TYR A 478 12.49 -7.18 -3.05
N ILE A 479 12.32 -8.22 -3.85
CA ILE A 479 11.03 -8.54 -4.43
C ILE A 479 10.26 -9.42 -3.46
N ALA A 480 9.13 -8.91 -2.96
CA ALA A 480 8.35 -9.65 -1.98
C ALA A 480 7.60 -10.83 -2.58
N ASP A 481 7.02 -10.65 -3.77
CA ASP A 481 6.24 -11.69 -4.42
C ASP A 481 6.79 -11.92 -5.82
N SER A 482 7.15 -13.16 -6.13
CA SER A 482 7.66 -13.47 -7.45
C SER A 482 6.60 -13.34 -8.53
N ASN A 483 5.34 -13.65 -8.18
CA ASN A 483 4.26 -13.56 -9.15
C ASN A 483 3.87 -12.12 -9.39
N VAL A 484 3.59 -11.79 -10.65
CA VAL A 484 3.25 -10.43 -11.05
C VAL A 484 1.74 -10.31 -11.16
N VAL A 485 1.18 -9.28 -10.53
CA VAL A 485 -0.24 -8.98 -10.63
C VAL A 485 -0.47 -8.25 -11.94
N LYS A 486 -1.10 -8.92 -12.91
CA LYS A 486 -1.29 -8.37 -14.24
C LYS A 486 -2.72 -7.89 -14.42
N THR A 487 -2.87 -6.64 -14.83
CA THR A 487 -4.16 -6.07 -15.21
C THR A 487 -4.15 -5.82 -16.71
N GLN A 488 -5.04 -6.50 -17.43
CA GLN A 488 -5.04 -6.46 -18.88
C GLN A 488 -6.41 -6.02 -19.38
N GLU A 489 -6.42 -5.02 -20.26
CA GLU A 489 -7.63 -4.56 -20.90
C GLU A 489 -7.87 -5.32 -22.19
N SER A 490 -9.14 -5.51 -22.53
CA SER A 490 -9.53 -6.14 -23.77
C SER A 490 -10.90 -5.64 -24.17
N GLU A 491 -11.21 -5.77 -25.46
CA GLU A 491 -12.51 -5.31 -25.96
C GLU A 491 -13.60 -6.25 -25.48
N ASP A 492 -14.64 -5.68 -24.87
CA ASP A 492 -15.71 -6.48 -24.27
C ASP A 492 -16.66 -7.03 -25.33
N TYR A 493 -16.94 -6.26 -26.36
CA TYR A 493 -17.98 -6.57 -27.33
C TYR A 493 -17.36 -6.57 -28.72
N THR A 494 -16.86 -7.71 -29.16
CA THR A 494 -16.23 -7.82 -30.46
C THR A 494 -17.29 -7.81 -31.56
N ARG A 495 -16.82 -7.61 -32.80
CA ARG A 495 -17.74 -7.65 -33.94
C ARG A 495 -18.35 -9.03 -34.11
N ASN A 496 -17.62 -10.09 -33.77
CA ASN A 496 -18.18 -11.43 -33.81
C ASN A 496 -19.33 -11.59 -32.83
N GLN A 497 -19.16 -11.07 -31.62
CA GLN A 497 -20.24 -11.12 -30.63
C GLN A 497 -21.42 -10.28 -31.09
N LEU A 498 -21.15 -9.14 -31.73
CA LEU A 498 -22.22 -8.33 -32.30
C LEU A 498 -22.99 -9.10 -33.36
N VAL A 499 -22.29 -9.83 -34.22
CA VAL A 499 -22.93 -10.63 -35.25
C VAL A 499 -23.79 -11.71 -34.62
N SER A 500 -23.27 -12.38 -33.60
CA SER A 500 -24.04 -13.43 -32.92
C SER A 500 -25.30 -12.85 -32.29
N ASP A 501 -25.19 -11.69 -31.68
CA ASP A 501 -26.36 -11.08 -30.99
C ASP A 501 -27.38 -10.65 -32.03
N ILE A 502 -26.91 -10.10 -33.15
CA ILE A 502 -27.82 -9.69 -34.20
C ILE A 502 -28.55 -10.90 -34.78
N GLY A 503 -27.82 -12.00 -34.97
CA GLY A 503 -28.46 -13.22 -35.46
C GLY A 503 -29.50 -13.75 -34.49
N GLY A 504 -29.19 -13.74 -33.20
CA GLY A 504 -30.16 -14.18 -32.22
C GLY A 504 -31.42 -13.32 -32.22
N GLN A 505 -31.24 -12.00 -32.24
CA GLN A 505 -32.40 -11.10 -32.25
C GLN A 505 -33.21 -11.29 -33.53
N LEU A 506 -32.55 -11.42 -34.67
CA LEU A 506 -33.23 -11.59 -35.94
C LEU A 506 -34.02 -12.91 -35.97
N GLY A 507 -33.43 -13.99 -35.46
CA GLY A 507 -34.13 -15.24 -35.42
C GLY A 507 -35.31 -15.23 -34.46
N LEU A 508 -35.14 -14.55 -33.32
CA LEU A 508 -36.19 -14.60 -32.29
C LEU A 508 -37.44 -13.85 -32.74
N TRP A 509 -37.27 -12.65 -33.26
CA TRP A 509 -38.38 -11.74 -33.53
C TRP A 509 -39.01 -11.94 -34.89
N VAL A 510 -38.20 -12.05 -35.94
CA VAL A 510 -38.73 -12.08 -37.30
C VAL A 510 -38.34 -13.32 -38.09
N GLY A 511 -37.28 -14.04 -37.73
CA GLY A 511 -36.92 -15.26 -38.41
C GLY A 511 -36.14 -15.08 -39.71
N ILE A 512 -35.74 -13.86 -40.05
CA ILE A 512 -35.03 -13.61 -41.29
C ILE A 512 -33.61 -14.16 -41.21
N SER A 513 -33.08 -14.58 -42.35
CA SER A 513 -31.66 -14.82 -42.57
C SER A 513 -31.18 -13.93 -43.71
N LEU A 514 -29.86 -13.83 -43.87
CA LEU A 514 -29.33 -12.90 -44.88
C LEU A 514 -29.59 -13.37 -46.31
N ILE A 515 -29.65 -14.69 -46.53
CA ILE A 515 -30.11 -15.25 -47.81
C ILE A 515 -31.63 -15.15 -47.94
N THR A 516 -32.34 -15.00 -46.83
CA THR A 516 -33.75 -14.62 -46.95
C THR A 516 -33.88 -13.23 -47.53
N LEU A 517 -32.93 -12.33 -47.21
CA LEU A 517 -32.89 -11.03 -47.87
C LEU A 517 -32.63 -11.18 -49.37
N ALA A 518 -31.93 -12.24 -49.78
CA ALA A 518 -31.79 -12.49 -51.20
C ALA A 518 -33.14 -12.80 -51.85
N GLU A 519 -34.04 -13.43 -51.10
CA GLU A 519 -35.39 -13.67 -51.62
C GLU A 519 -36.15 -12.37 -51.84
N VAL A 520 -36.06 -11.44 -50.90
CA VAL A 520 -36.76 -10.17 -51.10
C VAL A 520 -36.08 -9.35 -52.20
N LEU A 521 -34.76 -9.49 -52.35
CA LEU A 521 -34.08 -8.84 -53.47
C LEU A 521 -34.58 -9.39 -54.80
N GLU A 522 -34.76 -10.72 -54.88
CA GLU A 522 -35.36 -11.33 -56.06
C GLU A 522 -36.77 -10.81 -56.29
N LEU A 523 -37.55 -10.69 -55.20
CA LEU A 523 -38.92 -10.19 -55.33
C LEU A 523 -38.96 -8.78 -55.89
N ILE A 524 -38.09 -7.90 -55.38
CA ILE A 524 -38.09 -6.52 -55.86
C ILE A 524 -37.50 -6.41 -57.26
N ILE A 525 -36.56 -7.29 -57.63
CA ILE A 525 -36.14 -7.37 -59.02
C ILE A 525 -37.31 -7.76 -59.92
N ASP A 526 -38.10 -8.74 -59.49
CA ASP A 526 -39.26 -9.16 -60.28
C ASP A 526 -40.28 -8.04 -60.40
N LEU A 527 -40.50 -7.29 -59.31
CA LEU A 527 -41.45 -6.18 -59.35
C LEU A 527 -40.95 -5.06 -60.27
N PHE A 528 -39.66 -4.74 -60.22
CA PHE A 528 -39.11 -3.72 -61.09
C PHE A 528 -39.17 -4.15 -62.55
N ARG A 529 -38.98 -5.45 -62.81
CA ARG A 529 -39.09 -5.96 -64.17
C ARG A 529 -40.53 -5.93 -64.67
N LEU A 530 -41.48 -6.26 -63.78
CA LEU A 530 -42.89 -6.27 -64.17
C LEU A 530 -43.45 -4.87 -64.35
N PHE A 531 -42.99 -3.91 -63.55
CA PHE A 531 -43.48 -2.54 -63.64
C PHE A 531 -43.05 -1.89 -64.95
CA SER B 3 19.48 40.98 14.85
C SER B 3 19.98 40.86 13.41
N PHE B 4 21.19 41.37 13.17
CA PHE B 4 21.77 41.32 11.84
C PHE B 4 22.33 39.92 11.57
N VAL B 5 21.74 39.23 10.60
CA VAL B 5 22.23 37.93 10.20
C VAL B 5 23.33 38.11 9.17
N ARG B 6 24.49 37.50 9.41
CA ARG B 6 25.65 37.63 8.54
C ARG B 6 25.97 36.31 7.89
N ILE B 7 26.51 36.39 6.68
CA ILE B 7 26.84 35.20 5.89
C ILE B 7 27.95 34.40 6.56
N NH2 B 8 27.74 33.10 6.68
CA SER C 3 45.20 -4.39 14.66
C SER C 3 44.65 -5.80 14.86
N PHE C 4 45.15 -6.50 15.87
CA PHE C 4 44.69 -7.86 16.15
C PHE C 4 43.36 -7.81 16.88
N VAL C 5 42.31 -8.32 16.22
CA VAL C 5 41.00 -8.41 16.84
C VAL C 5 40.92 -9.71 17.64
N ARG C 6 40.54 -9.60 18.90
CA ARG C 6 40.48 -10.73 19.81
C ARG C 6 39.04 -11.00 20.21
N ILE C 7 38.74 -12.28 20.44
CA ILE C 7 37.40 -12.71 20.80
C ILE C 7 36.99 -12.14 22.15
N NH2 C 8 35.79 -11.57 22.22
CA SER D 3 5.24 2.77 47.35
C SER D 3 3.95 3.53 47.09
N PHE D 4 3.69 4.54 47.93
CA PHE D 4 2.47 5.34 47.80
C PHE D 4 2.64 6.34 46.66
N VAL D 5 1.83 6.18 45.61
CA VAL D 5 1.84 7.12 44.49
C VAL D 5 0.91 8.27 44.83
N ARG D 6 1.41 9.50 44.71
CA ARG D 6 0.65 10.69 45.05
C ARG D 6 0.40 11.53 43.81
N ILE D 7 -0.74 12.22 43.81
CA ILE D 7 -1.15 13.03 42.67
C ILE D 7 -0.19 14.19 42.47
N NH2 D 8 0.25 14.39 41.23
N ALA E 3 -36.29 -41.78 -59.36
CA ALA E 3 -35.22 -41.01 -59.98
C ALA E 3 -34.64 -40.00 -59.00
N ILE E 4 -33.44 -39.49 -59.33
CA ILE E 4 -32.80 -38.49 -58.47
C ILE E 4 -33.64 -37.22 -58.42
N ARG E 5 -34.20 -36.82 -59.56
CA ARG E 5 -35.02 -35.60 -59.60
C ARG E 5 -36.25 -35.73 -58.72
N ASP E 6 -36.83 -36.93 -58.60
CA ASP E 6 -38.01 -37.10 -57.77
C ASP E 6 -37.71 -36.80 -56.30
N VAL E 7 -36.67 -37.43 -55.75
CA VAL E 7 -36.33 -37.20 -54.36
C VAL E 7 -35.79 -35.79 -54.16
N MET E 8 -35.11 -35.22 -55.17
CA MET E 8 -34.69 -33.83 -55.07
C MET E 8 -35.89 -32.90 -54.96
N THR E 9 -36.92 -33.11 -55.79
CA THR E 9 -38.11 -32.28 -55.73
C THR E 9 -38.82 -32.46 -54.39
N LYS E 10 -38.92 -33.69 -53.91
CA LYS E 10 -39.51 -33.92 -52.60
C LYS E 10 -38.77 -33.15 -51.50
N PHE E 11 -37.45 -33.35 -51.43
CA PHE E 11 -36.64 -32.65 -50.44
C PHE E 11 -36.82 -31.15 -50.57
N ALA E 12 -36.90 -30.64 -51.81
CA ALA E 12 -37.13 -29.22 -52.00
C ALA E 12 -38.48 -28.78 -51.45
N GLU E 13 -39.50 -29.63 -51.54
CA GLU E 13 -40.81 -29.15 -51.11
C GLU E 13 -41.04 -29.30 -49.60
N GLN E 14 -40.36 -30.23 -48.91
CA GLN E 14 -40.59 -30.34 -47.46
C GLN E 14 -39.29 -30.05 -46.68
N THR E 15 -38.48 -29.12 -47.21
CA THR E 15 -37.24 -28.75 -46.53
C THR E 15 -37.48 -27.48 -45.72
N THR E 16 -36.80 -27.39 -44.59
CA THR E 16 -36.76 -26.16 -43.83
C THR E 16 -35.48 -25.38 -44.04
N MET E 17 -34.55 -25.89 -44.85
CA MET E 17 -33.41 -25.10 -45.26
C MET E 17 -33.84 -23.97 -46.18
N HIS E 18 -33.19 -22.81 -46.06
CA HIS E 18 -33.67 -21.61 -46.82
C HIS E 18 -33.06 -21.49 -48.20
N GLY E 19 -31.86 -22.05 -48.42
CA GLY E 19 -31.18 -21.85 -49.70
C GLY E 19 -31.42 -22.86 -50.81
N VAL E 20 -31.24 -24.14 -50.52
CA VAL E 20 -31.33 -25.18 -51.56
C VAL E 20 -32.72 -25.33 -52.16
N PRO E 21 -33.83 -24.94 -51.50
CA PRO E 21 -35.09 -24.89 -52.26
C PRO E 21 -35.03 -23.99 -53.47
N LYS E 22 -34.38 -22.82 -53.39
CA LYS E 22 -34.22 -21.98 -54.57
C LYS E 22 -33.38 -22.67 -55.63
N VAL E 23 -32.26 -23.28 -55.23
CA VAL E 23 -31.33 -23.88 -56.19
C VAL E 23 -31.99 -25.06 -56.90
N ILE E 24 -32.70 -25.89 -56.16
CA ILE E 24 -33.28 -27.11 -56.74
C ILE E 24 -34.44 -26.79 -57.68
N ASN E 25 -35.30 -25.84 -57.32
CA ASN E 25 -36.45 -25.51 -58.15
C ASN E 25 -36.15 -24.44 -59.17
N ALA E 26 -34.90 -23.98 -59.27
CA ALA E 26 -34.56 -22.93 -60.21
C ALA E 26 -34.87 -23.37 -61.64
N LYS E 27 -35.55 -22.48 -62.37
CA LYS E 27 -35.92 -22.74 -63.75
C LYS E 27 -35.08 -21.94 -64.74
N SER E 28 -34.06 -21.23 -64.26
CA SER E 28 -33.16 -20.48 -65.11
C SER E 28 -31.72 -20.75 -64.67
N SER E 29 -30.82 -20.89 -65.65
CA SER E 29 -29.43 -21.17 -65.34
C SER E 29 -28.79 -20.04 -64.55
N MET E 30 -29.06 -18.79 -64.96
CA MET E 30 -28.49 -17.64 -64.26
C MET E 30 -29.05 -17.54 -62.84
N GLY E 31 -30.33 -17.86 -62.66
CA GLY E 31 -30.89 -17.89 -61.32
C GLY E 31 -30.26 -18.98 -60.47
N ARG E 32 -30.03 -20.16 -61.05
CA ARG E 32 -29.36 -21.24 -60.33
C ARG E 32 -27.95 -20.82 -59.91
N LEU E 33 -27.21 -20.19 -60.83
CA LEU E 33 -25.87 -19.72 -60.51
C LEU E 33 -25.90 -18.69 -59.39
N PHE E 34 -26.82 -17.73 -59.47
CA PHE E 34 -26.91 -16.69 -58.45
C PHE E 34 -27.22 -17.28 -57.08
N TRP E 35 -28.19 -18.20 -57.02
CA TRP E 35 -28.59 -18.76 -55.74
C TRP E 35 -27.50 -19.66 -55.17
N SER E 36 -26.81 -20.43 -56.03
CA SER E 36 -25.70 -21.25 -55.56
C SER E 36 -24.57 -20.38 -55.02
N LEU E 37 -24.26 -19.27 -55.70
CA LEU E 37 -23.23 -18.35 -55.19
C LEU E 37 -23.65 -17.77 -53.85
N VAL E 38 -24.92 -17.40 -53.71
CA VAL E 38 -25.40 -16.86 -52.45
C VAL E 38 -25.22 -17.87 -51.33
N CYS E 39 -25.61 -19.13 -51.59
CA CYS E 39 -25.50 -20.17 -50.57
C CYS E 39 -24.04 -20.41 -50.20
N LEU E 40 -23.16 -20.48 -51.20
CA LEU E 40 -21.74 -20.74 -50.92
C LEU E 40 -21.12 -19.59 -50.14
N ALA E 41 -21.43 -18.34 -50.50
CA ALA E 41 -20.90 -17.20 -49.77
C ALA E 41 -21.39 -17.19 -48.34
N ALA E 42 -22.69 -17.47 -48.14
CA ALA E 42 -23.22 -17.53 -46.78
C ALA E 42 -22.53 -18.63 -45.97
N GLY E 43 -22.31 -19.80 -46.57
CA GLY E 43 -21.63 -20.86 -45.87
C GLY E 43 -20.20 -20.51 -45.51
N ALA E 44 -19.48 -19.87 -46.44
CA ALA E 44 -18.09 -19.49 -46.17
C ALA E 44 -18.00 -18.46 -45.05
N MET E 45 -18.87 -17.44 -45.08
CA MET E 45 -18.84 -16.44 -44.02
C MET E 45 -19.25 -17.06 -42.68
N PHE E 46 -20.21 -17.97 -42.71
CA PHE E 46 -20.60 -18.70 -41.50
C PHE E 46 -19.42 -19.49 -40.94
N CYS E 47 -18.66 -20.16 -41.81
CA CYS E 47 -17.50 -20.91 -41.35
C CYS E 47 -16.45 -20.00 -40.75
N LEU E 48 -16.22 -18.83 -41.36
CA LEU E 48 -15.24 -17.89 -40.79
C LEU E 48 -15.68 -17.42 -39.41
N GLN E 49 -16.96 -17.06 -39.27
CA GLN E 49 -17.45 -16.59 -37.97
C GLN E 49 -17.38 -17.69 -36.92
N MET E 50 -17.70 -18.93 -37.29
CA MET E 50 -17.58 -20.03 -36.34
C MET E 50 -16.12 -20.33 -36.00
N SER E 51 -15.20 -20.12 -36.94
CA SER E 51 -13.79 -20.25 -36.61
C SER E 51 -13.40 -19.24 -35.54
N GLU E 52 -13.85 -17.99 -35.69
CA GLU E 52 -13.58 -16.99 -34.65
C GLU E 52 -14.23 -17.38 -33.33
N VAL E 53 -15.47 -17.88 -33.38
CA VAL E 53 -16.19 -18.26 -32.16
C VAL E 53 -15.44 -19.35 -31.41
N LEU E 54 -15.04 -20.40 -32.14
CA LEU E 54 -14.35 -21.52 -31.51
C LEU E 54 -12.96 -21.13 -31.04
N GLN E 55 -12.29 -20.22 -31.74
CA GLN E 55 -11.02 -19.71 -31.25
C GLN E 55 -11.21 -18.98 -29.92
N ARG E 56 -12.28 -18.20 -29.80
CA ARG E 56 -12.57 -17.55 -28.52
C ARG E 56 -12.86 -18.58 -27.44
N TYR E 57 -13.65 -19.60 -27.77
CA TYR E 57 -14.06 -20.58 -26.76
C TYR E 57 -12.88 -21.39 -26.25
N PHE E 58 -12.09 -21.97 -27.15
CA PHE E 58 -11.02 -22.91 -26.70
C PHE E 58 -9.78 -22.14 -26.25
N SER E 59 -9.92 -20.85 -25.99
CA SER E 59 -8.81 -20.07 -25.40
C SER E 59 -9.11 -20.05 -23.91
N TYR E 60 -10.31 -20.51 -23.55
CA TYR E 60 -10.74 -20.60 -22.16
C TYR E 60 -10.48 -19.29 -21.40
N PRO E 61 -11.11 -18.19 -21.80
CA PRO E 61 -10.87 -16.92 -21.11
C PRO E 61 -11.48 -16.92 -19.72
N LYS E 62 -10.92 -16.04 -18.88
CA LYS E 62 -11.37 -15.90 -17.49
C LYS E 62 -12.11 -14.59 -17.31
N LYS E 63 -12.99 -14.58 -16.32
CA LYS E 63 -13.75 -13.39 -15.94
C LYS E 63 -13.50 -13.09 -14.48
N VAL E 64 -13.16 -11.83 -14.19
CA VAL E 64 -12.74 -11.41 -12.86
C VAL E 64 -13.62 -10.27 -12.39
N THR E 65 -14.06 -10.33 -11.14
CA THR E 65 -14.84 -9.27 -10.52
C THR E 65 -14.19 -8.88 -9.20
N VAL E 66 -14.09 -7.57 -8.95
CA VAL E 66 -13.54 -7.04 -7.71
C VAL E 66 -14.67 -6.32 -6.98
N GLU E 67 -14.92 -6.71 -5.74
CA GLU E 67 -16.02 -6.16 -4.98
C GLU E 67 -15.72 -6.25 -3.49
N VAL E 68 -16.45 -5.46 -2.71
CA VAL E 68 -16.35 -5.48 -1.26
C VAL E 68 -17.53 -6.27 -0.72
N VAL E 69 -17.26 -7.17 0.22
CA VAL E 69 -18.30 -8.03 0.78
C VAL E 69 -18.26 -7.92 2.31
N PRO E 70 -19.39 -8.10 3.00
CA PRO E 70 -19.39 -7.98 4.45
C PRO E 70 -18.97 -9.24 5.19
N THR E 71 -18.72 -10.34 4.49
CA THR E 71 -18.33 -11.57 5.16
C THR E 71 -16.99 -11.38 5.85
N PRO E 72 -16.90 -11.62 7.16
CA PRO E 72 -15.66 -11.35 7.89
C PRO E 72 -14.67 -12.49 7.77
N VAL E 73 -13.39 -12.13 7.71
CA VAL E 73 -12.30 -13.10 7.73
C VAL E 73 -11.81 -13.23 9.17
N PRO E 74 -11.20 -14.36 9.54
CA PRO E 74 -10.66 -14.47 10.90
C PRO E 74 -9.46 -13.56 11.09
N PHE E 75 -9.21 -13.21 12.35
CA PHE E 75 -8.10 -12.34 12.67
C PHE E 75 -6.79 -13.03 12.31
N PRO E 76 -5.87 -12.34 11.64
CA PRO E 76 -4.65 -12.98 11.18
C PRO E 76 -3.72 -13.36 12.33
N SER E 77 -2.91 -14.38 12.09
CA SER E 77 -1.86 -14.72 13.03
C SER E 77 -0.74 -13.71 12.95
N ILE E 78 -0.18 -13.36 14.10
CA ILE E 78 0.90 -12.37 14.19
C ILE E 78 2.12 -13.07 14.75
N SER E 79 3.21 -13.05 13.98
CA SER E 79 4.48 -13.65 14.39
C SER E 79 5.46 -12.54 14.64
N ILE E 80 6.03 -12.50 15.85
CA ILE E 80 6.96 -11.46 16.26
C ILE E 80 8.32 -12.11 16.53
N CYS E 81 9.36 -11.56 15.93
CA CYS E 81 10.74 -12.11 16.08
C CYS E 81 11.70 -11.00 16.47
N ASN E 82 12.29 -11.07 17.66
CA ASN E 82 13.23 -10.08 18.13
C ASN E 82 14.48 -10.15 17.26
N MET E 83 14.92 -9.00 16.76
CA MET E 83 16.09 -8.97 15.89
C MET E 83 17.37 -9.34 16.62
N ARG E 84 17.35 -9.31 17.95
CA ARG E 84 18.45 -9.85 18.75
C ARG E 84 18.13 -11.30 19.10
N ASN E 85 19.03 -12.21 18.72
CA ASN E 85 18.73 -13.63 18.82
C ASN E 85 18.87 -14.15 20.25
N LEU E 86 19.89 -13.73 20.97
CA LEU E 86 20.20 -14.26 22.28
C LEU E 86 19.72 -13.34 23.39
N ASP E 87 19.59 -13.90 24.58
CA ASP E 87 19.18 -13.13 25.76
C ASP E 87 20.30 -12.17 26.16
N VAL E 88 19.90 -11.05 26.76
CA VAL E 88 20.86 -10.01 27.13
C VAL E 88 21.82 -10.52 28.20
N HIS E 89 21.31 -11.26 29.19
CA HIS E 89 22.16 -11.75 30.25
C HIS E 89 23.19 -12.74 29.73
N ILE E 90 22.76 -13.63 28.82
CA ILE E 90 23.70 -14.57 28.22
C ILE E 90 24.77 -13.84 27.43
N LEU E 91 24.38 -12.81 26.68
CA LEU E 91 25.35 -12.04 25.91
C LEU E 91 26.36 -11.35 26.82
N ASN E 92 25.88 -10.75 27.91
CA ASN E 92 26.80 -10.10 28.85
C ASN E 92 27.72 -11.12 29.50
N THR E 93 27.20 -12.29 29.83
CA THR E 93 28.03 -13.34 30.42
C THR E 93 29.13 -13.77 29.46
N LEU E 94 28.78 -13.97 28.19
CA LEU E 94 29.78 -14.35 27.19
C LEU E 94 30.84 -13.26 27.03
N ASN E 95 30.39 -12.00 26.95
CA ASN E 95 31.33 -10.90 26.77
C ASN E 95 32.29 -10.80 27.96
N ARG E 96 31.77 -10.93 29.17
CA ARG E 96 32.63 -10.84 30.35
C ARG E 96 33.57 -12.03 30.46
N MET E 97 33.10 -13.22 30.08
CA MET E 97 33.96 -14.39 30.09
C MET E 97 35.11 -14.23 29.10
N PHE E 98 34.82 -13.70 27.91
CA PHE E 98 35.89 -13.46 26.94
C PHE E 98 36.82 -12.34 27.40
N ILE E 99 36.29 -11.34 28.10
CA ILE E 99 37.15 -10.28 28.62
C ILE E 99 38.11 -10.84 29.67
N GLU E 100 37.61 -11.69 30.57
CA GLU E 100 38.49 -12.28 31.58
C GLU E 100 39.53 -13.20 30.95
N ASP E 101 39.11 -14.00 29.97
CA ASP E 101 40.03 -14.90 29.28
C ASP E 101 39.55 -15.05 27.84
N ASP E 102 40.38 -14.67 26.89
CA ASP E 102 39.99 -14.68 25.48
C ASP E 102 40.16 -16.04 24.81
N ARG E 103 40.66 -17.05 25.54
CA ARG E 103 40.79 -18.38 24.98
C ARG E 103 39.49 -19.14 25.23
N PRO E 104 38.71 -19.46 24.20
CA PRO E 104 37.44 -20.17 24.44
C PRO E 104 37.64 -21.57 24.99
N PHE E 105 38.79 -22.20 24.73
CA PHE E 105 39.00 -23.57 25.21
C PHE E 105 39.01 -23.63 26.73
N SER E 106 39.67 -22.68 27.38
CA SER E 106 39.74 -22.68 28.83
C SER E 106 38.41 -22.34 29.49
N ASN E 107 37.48 -21.77 28.74
CA ASN E 107 36.19 -21.35 29.28
C ASN E 107 35.10 -22.39 29.10
N ILE E 108 35.43 -23.57 28.57
CA ILE E 108 34.40 -24.58 28.30
C ILE E 108 33.76 -25.05 29.60
N ASN E 109 34.57 -25.26 30.64
CA ASN E 109 34.09 -25.80 31.91
C ASN E 109 33.77 -24.72 32.93
N LYS E 110 33.79 -23.45 32.53
CA LYS E 110 33.56 -22.36 33.48
C LYS E 110 32.09 -22.08 33.73
N SER E 111 31.18 -22.63 32.94
CA SER E 111 29.76 -22.35 33.09
C SER E 111 28.97 -23.65 33.07
N GLU E 112 27.92 -23.70 33.89
CA GLU E 112 27.01 -24.83 33.93
C GLU E 112 25.90 -24.74 32.89
N HIS E 113 25.75 -23.60 32.22
CA HIS E 113 24.74 -23.43 31.20
C HIS E 113 25.12 -24.25 29.97
N GLU E 114 24.20 -25.10 29.50
CA GLU E 114 24.52 -26.02 28.41
C GLU E 114 24.84 -25.26 27.13
N PHE E 115 24.07 -24.23 26.82
CA PHE E 115 24.32 -23.47 25.60
C PHE E 115 25.69 -22.83 25.63
N ILE E 116 26.11 -22.31 26.77
CA ILE E 116 27.42 -21.68 26.86
C ILE E 116 28.51 -22.71 26.60
N ARG E 117 28.37 -23.91 27.18
CA ARG E 117 29.38 -24.95 26.96
C ARG E 117 29.47 -25.33 25.50
N ALA E 118 28.32 -25.56 24.85
CA ALA E 118 28.33 -25.91 23.43
C ALA E 118 28.91 -24.78 22.59
N TYR E 119 28.54 -23.55 22.91
CA TYR E 119 29.04 -22.38 22.19
C TYR E 119 30.56 -22.29 22.29
N MET E 120 31.10 -22.45 23.50
CA MET E 120 32.54 -22.32 23.66
C MET E 120 33.28 -23.48 23.00
N LYS E 121 32.70 -24.68 23.03
CA LYS E 121 33.32 -25.78 22.28
C LYS E 121 33.38 -25.47 20.79
N LYS E 122 32.27 -24.98 20.24
CA LYS E 122 32.22 -24.68 18.81
C LYS E 122 33.20 -23.56 18.45
N VAL E 123 33.30 -22.54 19.31
CA VAL E 123 34.21 -21.43 19.04
C VAL E 123 35.67 -21.89 19.17
N ALA E 124 35.95 -22.76 20.15
CA ALA E 124 37.30 -23.27 20.32
C ALA E 124 37.73 -24.12 19.13
N LYS E 125 36.77 -24.80 18.49
CA LYS E 125 37.13 -25.52 17.28
C LYS E 125 37.53 -24.61 16.12
N TYR E 126 37.51 -23.29 16.31
CA TYR E 126 37.96 -22.35 15.29
C TYR E 126 38.95 -21.30 15.77
N ALA E 127 39.09 -21.12 17.08
CA ALA E 127 39.90 -20.01 17.60
C ALA E 127 41.34 -20.02 17.12
N PRO E 128 42.08 -21.13 17.13
CA PRO E 128 43.47 -21.07 16.67
C PRO E 128 43.61 -20.58 15.24
N LEU E 129 42.69 -20.95 14.36
CA LEU E 129 42.70 -20.41 13.00
C LEU E 129 42.43 -18.91 13.03
N PHE E 130 41.50 -18.46 13.87
CA PHE E 130 41.19 -17.05 13.97
C PHE E 130 42.33 -16.24 14.57
N TRP E 131 43.24 -16.88 15.30
CA TRP E 131 44.39 -16.17 15.84
C TRP E 131 45.54 -16.04 14.85
N ASN E 132 45.44 -16.70 13.70
CA ASN E 132 46.56 -16.74 12.75
C ASN E 132 46.22 -16.20 11.36
N TYR E 133 44.94 -16.12 10.99
CA TYR E 133 44.58 -15.85 9.61
C TYR E 133 43.54 -14.73 9.49
N GLN E 134 43.56 -13.77 10.41
CA GLN E 134 42.70 -12.59 10.24
C GLN E 134 43.15 -11.75 9.05
N ASP E 135 44.46 -11.45 8.98
CA ASP E 135 44.96 -10.57 7.94
C ASP E 135 44.81 -11.18 6.56
N GLU E 136 44.88 -12.51 6.45
CA GLU E 136 44.86 -13.15 5.15
C GLU E 136 43.46 -13.47 4.65
N TYR E 137 42.56 -13.89 5.55
CA TYR E 137 41.19 -14.23 5.17
C TYR E 137 40.21 -13.63 6.17
N PRO E 138 40.13 -12.30 6.22
CA PRO E 138 39.16 -11.68 7.15
C PRO E 138 37.72 -12.00 6.81
N GLU E 139 37.41 -12.14 5.53
CA GLU E 139 36.03 -12.38 5.11
C GLU E 139 35.55 -13.77 5.49
N VAL E 140 36.45 -14.76 5.49
CA VAL E 140 36.05 -16.13 5.79
C VAL E 140 35.58 -16.25 7.24
N PHE E 141 36.35 -15.67 8.17
CA PHE E 141 36.01 -15.81 9.58
C PHE E 141 34.74 -15.04 9.93
N GLN E 142 34.46 -13.95 9.24
CA GLN E 142 33.20 -13.24 9.44
C GLN E 142 32.02 -14.14 9.07
N GLU E 143 32.14 -14.87 7.97
CA GLU E 143 31.05 -15.73 7.52
C GLU E 143 30.89 -16.95 8.44
N ILE E 144 32.00 -17.51 8.91
CA ILE E 144 31.93 -18.72 9.73
C ILE E 144 31.30 -18.39 11.08
N PHE E 145 31.59 -17.23 11.64
CA PHE E 145 31.06 -16.85 12.95
C PHE E 145 29.67 -16.22 12.88
N SER E 146 28.93 -16.44 11.80
CA SER E 146 27.60 -15.88 11.67
C SER E 146 26.59 -16.69 12.48
N ARG E 147 25.37 -16.16 12.55
CA ARG E 147 24.31 -16.82 13.33
C ARG E 147 23.99 -18.20 12.77
N THR E 148 23.87 -18.31 11.45
CA THR E 148 23.39 -19.55 10.84
C THR E 148 24.32 -20.72 11.09
N THR E 149 25.61 -20.48 11.31
CA THR E 149 26.52 -21.57 11.60
C THR E 149 26.18 -22.24 12.93
N PHE E 150 25.86 -21.45 13.95
CA PHE E 150 25.54 -22.02 15.26
C PHE E 150 24.19 -22.70 15.26
N SER E 151 23.19 -22.10 14.60
CA SER E 151 21.87 -22.72 14.54
C SER E 151 21.87 -24.03 13.76
N ALA E 152 22.83 -24.20 12.84
CA ALA E 152 22.91 -25.43 12.05
C ALA E 152 23.76 -26.51 12.71
N ASN E 153 24.45 -26.18 13.82
CA ASN E 153 25.34 -27.13 14.46
C ASN E 153 25.05 -27.37 15.93
N ILE E 154 24.17 -26.57 16.54
CA ILE E 154 23.80 -26.73 17.94
C ILE E 154 22.33 -27.15 18.00
N ASP E 155 22.03 -28.08 18.91
CA ASP E 155 20.67 -28.57 19.05
C ASP E 155 19.72 -27.40 19.33
N PRO E 156 18.66 -27.23 18.55
CA PRO E 156 17.74 -26.11 18.80
C PRO E 156 17.14 -26.11 20.19
N GLU E 157 16.93 -27.29 20.80
CA GLU E 157 16.47 -27.33 22.18
C GLU E 157 17.51 -26.81 23.16
N VAL E 158 18.78 -26.77 22.77
CA VAL E 158 19.80 -26.15 23.60
C VAL E 158 19.86 -24.64 23.39
N ILE E 159 19.68 -24.21 22.14
CA ILE E 159 19.65 -22.78 21.84
C ILE E 159 18.45 -22.11 22.50
N ALA E 160 17.32 -22.82 22.55
CA ALA E 160 16.10 -22.26 23.12
C ALA E 160 16.27 -21.87 24.59
N LEU E 161 17.23 -22.48 25.29
CA LEU E 161 17.48 -22.12 26.68
C LEU E 161 18.21 -20.79 26.81
N ALA E 162 18.83 -20.29 25.75
CA ALA E 162 19.55 -19.03 25.78
C ALA E 162 18.96 -17.97 24.86
N ALA E 163 18.09 -18.34 23.93
CA ALA E 163 17.47 -17.36 23.07
C ALA E 163 16.47 -16.51 23.86
N VAL E 164 15.84 -15.56 23.17
CA VAL E 164 14.90 -14.67 23.82
C VAL E 164 13.70 -15.46 24.31
N GLN E 165 13.37 -15.30 25.59
CA GLN E 165 12.27 -16.02 26.20
C GLN E 165 10.99 -15.20 26.10
N LEU E 166 9.86 -15.90 26.05
CA LEU E 166 8.57 -15.22 25.93
C LEU E 166 8.30 -14.36 27.15
N GLU E 167 8.62 -14.87 28.35
CA GLU E 167 8.35 -14.10 29.57
C GLU E 167 9.17 -12.82 29.62
N GLY E 168 10.36 -12.83 29.03
CA GLY E 168 11.21 -11.66 28.96
C GLY E 168 11.11 -10.86 27.68
N PHE E 169 10.15 -11.16 26.82
CA PHE E 169 10.00 -10.46 25.54
C PHE E 169 8.69 -9.69 25.47
N VAL E 170 7.57 -10.34 25.77
CA VAL E 170 6.26 -9.71 25.70
C VAL E 170 5.95 -9.15 27.10
N VAL E 171 6.05 -7.83 27.24
CA VAL E 171 5.73 -7.20 28.51
C VAL E 171 4.23 -7.31 28.80
N ASN E 172 3.40 -7.02 27.80
CA ASN E 172 1.96 -7.07 27.97
C ASN E 172 1.31 -7.35 26.62
N CYS E 173 0.06 -7.81 26.66
CA CYS E 173 -0.69 -8.06 25.45
C CYS E 173 -2.17 -7.83 25.72
N HIS E 174 -2.89 -7.41 24.69
CA HIS E 174 -4.32 -7.19 24.77
C HIS E 174 -4.95 -7.49 23.42
N TYR E 175 -6.09 -8.18 23.44
CA TYR E 175 -6.82 -8.50 22.23
C TYR E 175 -8.31 -8.54 22.52
N ALA E 176 -9.09 -7.88 21.67
CA ALA E 176 -10.55 -7.89 21.77
C ALA E 176 -11.02 -7.46 23.16
N GLY E 177 -10.37 -6.43 23.71
CA GLY E 177 -10.77 -5.93 25.01
C GLY E 177 -10.45 -6.83 26.18
N HIS E 178 -9.58 -7.81 26.00
CA HIS E 178 -9.21 -8.72 27.07
C HIS E 178 -7.70 -8.92 27.07
N ARG E 179 -7.15 -9.12 28.27
CA ARG E 179 -5.72 -9.40 28.40
C ARG E 179 -5.40 -10.77 27.81
N CYS E 180 -4.31 -10.84 27.06
CA CYS E 180 -3.91 -12.10 26.45
C CYS E 180 -3.31 -13.05 27.47
N ASN E 181 -3.55 -14.34 27.26
CA ASN E 181 -2.88 -15.39 28.01
C ASN E 181 -1.60 -15.76 27.26
N LYS E 182 -0.45 -15.45 27.85
CA LYS E 182 0.82 -15.63 27.15
C LYS E 182 1.16 -17.11 26.96
N THR E 183 0.78 -17.96 27.92
CA THR E 183 1.11 -19.38 27.80
C THR E 183 0.19 -20.07 26.79
N ARG E 184 -1.06 -19.65 26.67
CA ARG E 184 -2.00 -20.36 25.76
C ARG E 184 -2.04 -19.74 24.36
N ASP E 185 -1.80 -18.44 24.21
CA ASP E 185 -1.98 -17.80 22.91
C ASP E 185 -0.71 -17.76 22.07
N PHE E 186 0.46 -17.66 22.68
CA PHE E 186 1.72 -17.58 21.95
C PHE E 186 2.29 -18.98 21.74
N TYR E 187 2.80 -19.22 20.54
CA TYR E 187 3.41 -20.50 20.18
C TYR E 187 4.81 -20.24 19.67
N ARG E 188 5.79 -20.91 20.29
CA ARG E 188 7.19 -20.70 19.94
C ARG E 188 7.59 -21.59 18.77
N PHE E 189 8.37 -20.98 17.88
CA PHE E 189 8.90 -21.69 16.69
C PHE E 189 10.35 -21.27 16.54
N PHE E 190 11.17 -22.13 15.95
CA PHE E 190 12.58 -21.84 15.77
C PHE E 190 12.86 -21.40 14.34
N ASP E 191 13.63 -20.32 14.18
CA ASP E 191 14.08 -19.82 12.86
C ASP E 191 15.59 -19.73 12.91
N PRO E 192 16.34 -20.18 11.88
CA PRO E 192 17.80 -20.22 11.93
C PRO E 192 18.45 -18.87 12.18
N TYR E 193 17.86 -17.75 11.76
CA TYR E 193 18.44 -16.41 11.97
C TYR E 193 17.84 -15.80 13.23
N TYR E 194 16.52 -15.64 13.29
CA TYR E 194 15.86 -15.19 14.53
C TYR E 194 15.64 -16.44 15.36
N PHE E 195 16.51 -16.75 16.31
CA PHE E 195 16.53 -18.00 17.05
C PHE E 195 15.17 -18.37 17.64
N ASN E 196 14.59 -17.47 18.43
CA ASN E 196 13.27 -17.71 19.01
C ASN E 196 12.27 -16.73 18.41
N CYS E 197 11.16 -17.27 17.92
CA CYS E 197 10.06 -16.48 17.40
C CYS E 197 8.76 -17.01 17.97
N PHE E 198 7.77 -16.13 18.09
CA PHE E 198 6.51 -16.46 18.71
C PHE E 198 5.37 -16.05 17.81
N THR E 199 4.40 -16.94 17.61
CA THR E 199 3.23 -16.68 16.78
C THR E 199 2.02 -16.55 17.68
N TYR E 200 1.29 -15.44 17.54
CA TYR E 200 0.08 -15.21 18.31
C TYR E 200 -1.12 -15.73 17.53
N LYS E 201 -1.91 -16.58 18.17
CA LYS E 201 -3.14 -17.11 17.60
C LYS E 201 -4.32 -16.56 18.39
N ALA E 202 -5.26 -15.95 17.68
CA ALA E 202 -6.33 -15.21 18.32
C ALA E 202 -7.23 -16.12 19.14
N HIS E 203 -7.72 -15.58 20.26
CA HIS E 203 -8.64 -16.28 21.15
C HIS E 203 -9.77 -15.34 21.48
N GLU E 204 -10.95 -15.62 20.94
CA GLU E 204 -12.10 -14.75 21.12
C GLU E 204 -12.57 -14.78 22.58
N PRO E 205 -13.17 -13.70 23.07
CA PRO E 205 -13.64 -13.67 24.46
C PRO E 205 -14.70 -14.73 24.71
N THR E 206 -14.70 -15.25 25.93
CA THR E 206 -15.66 -16.27 26.33
C THR E 206 -17.07 -15.69 26.45
N LEU E 212 -10.47 -9.71 33.35
CA LEU E 212 -9.43 -8.91 32.71
C LEU E 212 -9.97 -8.21 31.46
N SER E 213 -11.00 -7.39 31.64
CA SER E 213 -11.61 -6.65 30.54
C SER E 213 -10.88 -5.31 30.40
N GLU E 214 -9.88 -5.29 29.53
CA GLU E 214 -9.07 -4.10 29.32
C GLU E 214 -8.38 -4.19 27.97
N GLY E 215 -7.95 -3.04 27.46
CA GLY E 215 -7.16 -2.99 26.25
C GLY E 215 -7.98 -2.64 25.02
N ILE E 216 -7.32 -2.77 23.88
CA ILE E 216 -7.93 -2.44 22.60
C ILE E 216 -9.09 -3.39 22.32
N GLU E 217 -10.19 -2.84 21.81
CA GLU E 217 -11.37 -3.63 21.51
C GLU E 217 -11.42 -4.12 20.07
N ASN E 218 -10.84 -3.37 19.14
CA ASN E 218 -10.96 -3.67 17.72
C ASN E 218 -9.67 -4.25 17.13
N GLY E 219 -8.76 -4.74 17.96
CA GLY E 219 -7.54 -5.30 17.44
C GLY E 219 -6.61 -5.91 18.47
N TRP E 220 -5.32 -5.93 18.16
CA TRP E 220 -4.31 -6.57 19.00
C TRP E 220 -3.20 -5.58 19.30
N SER E 221 -2.80 -5.50 20.57
CA SER E 221 -1.77 -4.58 21.01
C SER E 221 -0.86 -5.28 21.99
N SER E 222 0.43 -4.93 21.95
CA SER E 222 1.40 -5.53 22.84
C SER E 222 2.60 -4.61 22.99
N ILE E 223 3.26 -4.70 24.14
CA ILE E 223 4.48 -3.97 24.43
C ILE E 223 5.63 -4.97 24.49
N LEU E 224 6.68 -4.71 23.72
CA LEU E 224 7.78 -5.65 23.57
C LEU E 224 9.09 -5.01 23.97
N LEU E 225 9.92 -5.76 24.68
CA LEU E 225 11.28 -5.33 24.99
C LEU E 225 12.19 -5.77 23.84
N SER E 226 12.68 -4.80 23.06
CA SER E 226 13.45 -5.10 21.87
C SER E 226 14.82 -4.43 21.83
N GLY E 227 15.05 -3.38 22.62
CA GLY E 227 16.33 -2.70 22.58
C GLY E 227 17.43 -3.52 23.22
N SER E 228 18.66 -3.02 23.05
CA SER E 228 19.84 -3.67 23.60
C SER E 228 20.75 -2.65 24.28
N GLY E 229 20.16 -1.62 24.88
CA GLY E 229 20.94 -0.62 25.58
C GLY E 229 21.57 -1.10 26.86
N MET E 230 21.06 -2.20 27.42
CA MET E 230 21.61 -2.75 28.66
C MET E 230 22.85 -3.61 28.44
N LEU E 231 23.23 -3.86 27.19
CA LEU E 231 24.45 -4.60 26.92
C LEU E 231 25.67 -3.77 27.28
N ASP E 232 26.74 -4.45 27.68
CA ASP E 232 27.97 -3.76 28.06
C ASP E 232 28.57 -3.03 26.87
N LYS E 233 29.12 -1.86 27.13
CA LYS E 233 29.75 -1.03 26.09
C LYS E 233 31.26 -1.23 26.20
N ASN E 234 31.80 -2.05 25.31
CA ASN E 234 33.24 -2.33 25.34
C ASN E 234 34.03 -1.13 24.85
N ASP E 235 35.20 -0.93 25.47
CA ASP E 235 36.09 0.15 25.04
C ASP E 235 36.83 -0.19 23.76
N GLU E 236 36.90 -1.47 23.40
CA GLU E 236 37.60 -1.91 22.20
C GLU E 236 36.68 -2.81 21.40
N ILE E 237 36.94 -2.89 20.09
CA ILE E 237 36.16 -3.77 19.22
C ILE E 237 36.56 -5.21 19.51
N ARG E 238 35.58 -6.04 19.86
CA ARG E 238 35.81 -7.44 20.16
C ARG E 238 34.82 -8.29 19.37
N MET E 239 35.30 -9.41 18.85
CA MET E 239 34.45 -10.32 18.10
C MET E 239 33.67 -11.22 19.04
N LEU E 240 32.35 -11.28 18.83
CA LEU E 240 31.47 -12.17 19.58
C LEU E 240 30.74 -13.04 18.58
N PRO E 241 31.23 -14.25 18.33
CA PRO E 241 30.62 -15.12 17.31
C PRO E 241 29.17 -15.45 17.65
N GLY E 242 28.38 -15.66 16.59
CA GLY E 242 26.98 -15.97 16.74
C GLY E 242 26.06 -14.78 16.84
N LEU E 243 26.59 -13.56 16.77
CA LEU E 243 25.78 -12.35 16.88
C LEU E 243 25.48 -11.72 15.54
N HIS E 244 26.48 -11.61 14.67
CA HIS E 244 26.39 -10.82 13.45
C HIS E 244 26.38 -11.74 12.24
N GLU E 245 25.32 -11.65 11.44
CA GLU E 245 25.24 -12.34 10.16
C GLU E 245 25.93 -11.45 9.13
N TRP E 246 27.13 -11.85 8.72
CA TRP E 246 28.01 -10.95 7.98
C TRP E 246 27.41 -10.52 6.66
N ARG E 247 27.18 -9.21 6.54
CA ARG E 247 26.77 -8.55 5.30
C ARG E 247 25.47 -9.08 4.74
N SER E 248 24.58 -9.59 5.59
CA SER E 248 23.22 -9.83 5.18
C SER E 248 22.43 -8.53 5.21
N ALA E 249 21.25 -8.55 4.57
CA ALA E 249 20.42 -7.35 4.53
C ALA E 249 19.85 -6.98 5.90
N VAL E 250 19.90 -7.89 6.87
CA VAL E 250 19.39 -7.64 8.21
C VAL E 250 20.52 -7.86 9.21
N SER E 251 21.74 -7.51 8.81
CA SER E 251 22.93 -7.97 9.51
C SER E 251 22.95 -7.55 10.97
N ALA E 252 22.64 -6.28 11.26
CA ALA E 252 22.80 -5.79 12.62
C ALA E 252 21.64 -4.94 13.10
N SER E 253 20.47 -5.04 12.46
CA SER E 253 19.36 -4.17 12.79
C SER E 253 18.84 -4.45 14.19
N GLU E 254 18.16 -3.44 14.77
CA GLU E 254 17.60 -3.52 16.10
C GLU E 254 16.10 -3.23 16.02
N GLY E 255 15.31 -4.07 16.67
CA GLY E 255 13.88 -3.87 16.67
C GLY E 255 13.16 -5.21 16.68
N VAL E 256 11.93 -5.18 16.16
CA VAL E 256 11.07 -6.36 16.11
C VAL E 256 10.69 -6.61 14.65
N ARG E 257 10.75 -7.87 14.24
CA ARG E 257 10.26 -8.25 12.90
C ARG E 257 8.86 -8.78 13.12
N VAL E 258 7.89 -8.25 12.41
CA VAL E 258 6.47 -8.57 12.56
C VAL E 258 5.96 -9.13 11.25
N VAL E 259 5.35 -10.32 11.31
CA VAL E 259 4.79 -10.95 10.09
C VAL E 259 3.30 -11.19 10.30
N ILE E 260 2.46 -10.65 9.43
CA ILE E 260 1.01 -10.81 9.47
C ILE E 260 0.62 -11.77 8.35
N HIS E 261 0.02 -12.89 8.72
CA HIS E 261 -0.23 -13.98 7.78
C HIS E 261 -1.50 -14.68 8.19
N PRO E 262 -2.07 -15.50 7.30
CA PRO E 262 -3.30 -16.22 7.66
C PRO E 262 -3.08 -17.10 8.87
N PRO E 263 -4.13 -17.35 9.65
CA PRO E 263 -3.94 -17.95 10.98
C PRO E 263 -3.26 -19.30 10.99
N SER E 264 -3.44 -20.13 9.96
CA SER E 264 -2.93 -21.49 10.00
C SER E 264 -1.81 -21.72 9.01
N THR E 265 -0.88 -20.77 8.92
CA THR E 265 0.23 -20.84 7.99
C THR E 265 1.54 -20.60 8.73
N THR E 266 2.62 -21.08 8.12
CA THR E 266 3.96 -20.92 8.69
C THR E 266 4.59 -19.63 8.17
N PRO E 267 5.08 -18.81 9.12
CA PRO E 267 5.67 -17.54 8.77
C PRO E 267 7.07 -17.72 8.22
N TYR E 268 7.43 -16.88 7.26
CA TYR E 268 8.78 -16.93 6.69
C TYR E 268 9.40 -15.56 6.96
N PRO E 269 9.82 -15.27 8.21
CA PRO E 269 10.28 -13.93 8.57
C PRO E 269 11.35 -13.22 7.74
N PHE E 270 12.23 -13.96 7.05
CA PHE E 270 13.39 -13.34 6.35
C PHE E 270 13.00 -12.77 4.98
N THR E 271 11.81 -13.08 4.49
CA THR E 271 11.40 -12.64 3.14
C THR E 271 10.02 -12.00 3.19
N GLU E 272 9.40 -12.01 4.35
CA GLU E 272 8.08 -11.34 4.49
C GLU E 272 7.95 -10.72 5.87
N GLY E 273 7.20 -9.66 5.97
CA GLY E 273 6.90 -9.00 7.22
C GLY E 273 7.31 -7.55 7.21
N TYR E 274 7.29 -6.97 8.41
CA TYR E 274 7.58 -5.55 8.59
C TYR E 274 8.50 -5.37 9.78
N ASP E 275 9.14 -4.21 9.83
CA ASP E 275 10.12 -3.89 10.86
C ASP E 275 9.59 -2.78 11.76
N VAL E 276 9.91 -2.86 13.04
CA VAL E 276 9.53 -1.85 14.02
C VAL E 276 10.77 -1.52 14.85
N PRO E 277 11.21 -0.28 14.90
CA PRO E 277 12.40 0.07 15.68
C PRO E 277 12.05 0.21 17.15
N PRO E 278 13.02 0.01 18.04
CA PRO E 278 12.75 0.23 19.47
C PRO E 278 12.51 1.70 19.76
N GLY E 279 11.71 1.94 20.80
CA GLY E 279 11.35 3.31 21.14
C GLY E 279 10.22 3.89 20.30
N PHE E 280 9.58 3.08 19.46
CA PHE E 280 8.51 3.55 18.60
C PHE E 280 7.27 2.69 18.79
N SER E 281 6.12 3.29 18.48
CA SER E 281 4.84 2.59 18.47
C SER E 281 4.37 2.48 17.03
N ALA E 282 4.15 1.24 16.58
CA ALA E 282 3.81 0.97 15.20
C ALA E 282 2.34 0.62 15.08
N SER E 283 1.65 1.24 14.13
CA SER E 283 0.25 0.97 13.85
C SER E 283 0.15 0.17 12.55
N PHE E 284 -0.52 -0.97 12.61
CA PHE E 284 -0.67 -1.86 11.46
C PHE E 284 -2.16 -1.92 11.12
N GLY E 285 -2.59 -1.07 10.19
CA GLY E 285 -3.96 -1.10 9.72
C GLY E 285 -4.15 -2.11 8.61
N ILE E 286 -4.85 -3.19 8.91
CA ILE E 286 -5.00 -4.30 7.97
C ILE E 286 -6.25 -4.09 7.13
N HIS E 287 -6.09 -4.23 5.82
CA HIS E 287 -7.22 -4.26 4.89
C HIS E 287 -7.30 -5.66 4.31
N PRO E 288 -8.18 -6.52 4.81
CA PRO E 288 -8.20 -7.91 4.35
C PRO E 288 -8.65 -8.03 2.91
N ARG E 289 -8.11 -9.04 2.23
CA ARG E 289 -8.47 -9.33 0.85
C ARG E 289 -8.65 -10.84 0.70
N ARG E 290 -9.47 -11.23 -0.27
CA ARG E 290 -9.70 -12.63 -0.57
C ARG E 290 -9.65 -12.83 -2.08
N ASN E 291 -8.96 -13.88 -2.50
CA ASN E 291 -8.81 -14.21 -3.92
C ASN E 291 -9.30 -15.62 -4.16
N ILE E 292 -10.15 -15.78 -5.17
CA ILE E 292 -10.69 -17.07 -5.58
C ILE E 292 -10.32 -17.31 -7.03
N ARG E 293 -9.80 -18.49 -7.33
CA ARG E 293 -9.23 -18.79 -8.63
C ARG E 293 -9.83 -20.06 -9.20
N ILE E 294 -9.71 -20.20 -10.52
CA ILE E 294 -10.34 -21.30 -11.25
C ILE E 294 -9.27 -22.32 -11.60
N GLY E 295 -9.70 -23.57 -11.82
CA GLY E 295 -8.81 -24.69 -11.97
C GLY E 295 -8.13 -24.79 -13.33
N PRO E 296 -7.75 -26.01 -13.69
CA PRO E 296 -6.81 -26.20 -14.82
C PRO E 296 -7.29 -25.61 -16.13
N PRO E 297 -8.50 -25.93 -16.62
CA PRO E 297 -8.84 -25.51 -18.00
C PRO E 297 -8.78 -24.01 -18.22
N HIS E 298 -9.17 -23.22 -17.21
CA HIS E 298 -9.17 -21.77 -17.36
C HIS E 298 -7.98 -21.10 -16.68
N GLY E 299 -7.41 -21.72 -15.66
CA GLY E 299 -6.30 -21.13 -14.96
C GLY E 299 -5.38 -22.19 -14.40
N ASN E 300 -4.63 -21.80 -13.38
CA ASN E 300 -3.76 -22.72 -12.66
C ASN E 300 -3.84 -22.41 -11.17
N CYS E 301 -4.37 -23.34 -10.39
CA CYS E 301 -4.42 -23.16 -8.94
C CYS E 301 -4.33 -24.52 -8.27
N SER E 302 -3.91 -24.50 -7.01
CA SER E 302 -3.73 -25.72 -6.23
C SER E 302 -4.25 -25.51 -4.82
N ASP E 303 -4.74 -26.58 -4.22
CA ASP E 303 -5.23 -26.54 -2.85
C ASP E 303 -4.19 -27.02 -1.84
N LYS E 304 -3.12 -27.66 -2.28
CA LYS E 304 -2.15 -28.24 -1.38
C LYS E 304 -0.74 -28.06 -1.94
N ASN E 305 0.23 -28.11 -1.04
CA ASN E 305 1.64 -27.97 -1.42
C ASN E 305 2.15 -29.29 -1.98
N PRO E 306 2.69 -29.30 -3.20
CA PRO E 306 3.24 -30.55 -3.75
C PRO E 306 4.36 -31.15 -2.91
N PHE E 307 5.13 -30.34 -2.22
CA PHE E 307 6.31 -30.88 -1.52
C PHE E 307 6.00 -31.20 -0.05
N GLY E 308 5.00 -30.57 0.53
CA GLY E 308 4.73 -30.72 1.95
C GLY E 308 3.50 -31.57 2.25
N ASP E 309 3.27 -31.76 3.54
CA ASP E 309 2.11 -32.49 4.03
C ASP E 309 0.89 -31.56 4.07
N GLY E 310 -0.21 -32.06 4.64
CA GLY E 310 -1.45 -31.33 4.67
C GLY E 310 -1.79 -30.67 5.99
N THR E 311 -0.81 -30.53 6.88
CA THR E 311 -1.07 -29.96 8.19
C THR E 311 -1.09 -28.44 8.21
N GLU E 312 -0.73 -27.78 7.10
CA GLU E 312 -0.69 -26.33 7.03
C GLU E 312 -1.44 -25.85 5.80
N ARG E 313 -2.01 -24.65 5.91
CA ARG E 313 -2.69 -24.04 4.78
C ARG E 313 -1.68 -23.67 3.70
N TYR E 314 -2.11 -23.77 2.45
CA TYR E 314 -1.21 -23.61 1.32
C TYR E 314 -0.94 -22.14 1.02
N ARG E 315 0.33 -21.80 0.85
CA ARG E 315 0.75 -20.51 0.32
C ARG E 315 1.80 -20.74 -0.75
N LEU E 316 1.82 -19.88 -1.77
CA LEU E 316 2.75 -20.04 -2.87
C LEU E 316 4.19 -19.89 -2.41
N MET E 317 4.43 -19.09 -1.37
CA MET E 317 5.79 -18.88 -0.87
C MET E 317 6.40 -20.18 -0.37
N ALA E 318 5.60 -21.00 0.33
CA ALA E 318 6.10 -22.27 0.81
C ALA E 318 6.54 -23.18 -0.33
N CYS E 319 5.71 -23.26 -1.38
CA CYS E 319 6.06 -24.08 -2.53
C CYS E 319 7.31 -23.56 -3.21
N GLN E 320 7.42 -22.25 -3.38
CA GLN E 320 8.60 -21.68 -4.05
C GLN E 320 9.86 -21.94 -3.24
N LYS E 321 9.78 -21.76 -1.92
CA LYS E 321 10.95 -21.99 -1.07
C LYS E 321 11.35 -23.46 -1.06
N MET E 322 10.37 -24.37 -1.03
CA MET E 322 10.70 -25.79 -1.08
C MET E 322 11.27 -26.19 -2.42
N CYS E 323 10.80 -25.56 -3.51
CA CYS E 323 11.41 -25.80 -4.82
C CYS E 323 12.87 -25.33 -4.85
N MET E 324 13.12 -24.16 -4.26
CA MET E 324 14.49 -23.66 -4.18
C MET E 324 15.37 -24.61 -3.38
N GLN E 325 14.85 -25.11 -2.25
CA GLN E 325 15.61 -26.06 -1.44
C GLN E 325 15.88 -27.35 -2.21
N HIS E 326 14.87 -27.82 -2.96
CA HIS E 326 15.05 -29.03 -3.76
C HIS E 326 16.15 -28.84 -4.80
N TYR E 327 16.18 -27.69 -5.47
CA TYR E 327 17.21 -27.46 -6.47
C TYR E 327 18.59 -27.26 -5.83
N ILE E 328 18.64 -26.67 -4.64
CA ILE E 328 19.91 -26.52 -3.95
C ILE E 328 20.47 -27.89 -3.53
N VAL E 329 19.59 -28.75 -3.00
CA VAL E 329 20.06 -30.06 -2.51
C VAL E 329 20.66 -30.88 -3.65
N GLU E 330 20.02 -30.86 -4.81
CA GLU E 330 20.50 -31.65 -5.93
C GLU E 330 21.84 -31.14 -6.45
N THR E 331 22.08 -29.83 -6.39
CA THR E 331 23.28 -29.25 -6.99
C THR E 331 24.48 -29.31 -6.04
N CYS E 332 24.37 -28.68 -4.87
CA CYS E 332 25.48 -28.61 -3.93
C CYS E 332 25.56 -29.83 -3.01
N GLY E 333 24.56 -30.71 -3.04
CA GLY E 333 24.58 -31.88 -2.18
C GLY E 333 24.26 -31.62 -0.73
N CYS E 334 23.79 -30.43 -0.38
CA CYS E 334 23.45 -30.10 0.98
C CYS E 334 22.27 -29.14 0.99
N ALA E 335 21.57 -29.11 2.13
CA ALA E 335 20.40 -28.25 2.27
C ALA E 335 20.81 -26.89 2.84
N ASP E 336 20.18 -25.84 2.33
CA ASP E 336 20.42 -24.49 2.83
C ASP E 336 19.62 -24.27 4.10
N VAL E 337 20.29 -23.84 5.16
CA VAL E 337 19.62 -23.62 6.44
C VAL E 337 18.63 -22.47 6.39
N GLY E 338 18.74 -21.59 5.41
CA GLY E 338 17.81 -20.48 5.27
C GLY E 338 16.51 -20.81 4.61
N LEU E 339 16.29 -22.07 4.26
CA LEU E 339 15.08 -22.54 3.60
C LEU E 339 14.53 -23.73 4.36
N PRO E 340 13.22 -23.98 4.26
CA PRO E 340 12.64 -25.12 4.97
C PRO E 340 13.24 -26.43 4.51
N LYS E 341 13.31 -27.39 5.43
CA LYS E 341 13.80 -28.74 5.06
C LYS E 341 12.65 -29.51 4.45
N LEU E 342 12.84 -30.01 3.23
CA LEU E 342 11.78 -30.76 2.52
C LEU E 342 11.30 -31.89 3.42
N PRO E 343 9.98 -32.14 3.53
CA PRO E 343 9.48 -33.27 4.32
C PRO E 343 9.58 -34.63 3.60
N LEU E 344 10.38 -34.72 2.55
CA LEU E 344 10.65 -36.05 1.93
C LEU E 344 11.77 -36.70 2.75
N GLN E 345 13.01 -36.26 2.54
CA GLN E 345 14.17 -36.87 3.24
C GLN E 345 14.84 -35.86 4.17
N ALA E 346 15.16 -36.29 5.39
CA ALA E 346 15.81 -35.41 6.39
C ALA E 346 17.16 -36.01 6.76
N ASN E 347 17.80 -36.68 5.81
CA ASN E 347 19.15 -37.23 6.06
C ASN E 347 20.16 -36.26 5.46
N ILE E 348 19.67 -35.26 4.73
CA ILE E 348 20.57 -34.26 4.09
C ILE E 348 21.12 -33.38 5.20
N SER E 349 22.41 -33.12 5.18
CA SER E 349 23.05 -32.26 6.20
C SER E 349 23.03 -30.82 5.73
N TRP E 350 22.97 -29.88 6.65
CA TRP E 350 23.03 -28.47 6.29
C TRP E 350 24.36 -28.15 5.63
N CYS E 351 24.35 -27.19 4.73
CA CYS E 351 25.58 -26.78 4.06
C CYS E 351 26.58 -26.18 5.04
N ARG E 352 26.13 -25.72 6.20
CA ARG E 352 27.01 -25.17 7.22
C ARG E 352 27.40 -26.17 8.29
N ASP E 353 27.05 -27.45 8.10
CA ASP E 353 27.44 -28.47 9.06
C ASP E 353 28.95 -28.60 9.13
N ASP E 354 29.48 -28.66 10.36
CA ASP E 354 30.92 -28.72 10.54
C ASP E 354 31.34 -29.72 11.63
N ASP E 355 30.52 -30.74 11.90
CA ASP E 355 30.86 -31.71 12.93
C ASP E 355 32.04 -32.60 12.54
N ASN E 356 32.49 -32.54 11.29
CA ASN E 356 33.65 -33.29 10.84
C ASN E 356 34.97 -32.64 11.24
N PHE E 357 34.93 -31.46 11.84
CA PHE E 357 36.15 -30.77 12.25
C PHE E 357 36.86 -31.56 13.34
N PRO E 358 38.14 -31.88 13.19
CA PRO E 358 38.85 -32.64 14.22
C PRO E 358 39.04 -31.81 15.49
N ASP E 359 39.23 -32.54 16.59
CA ASP E 359 39.52 -31.89 17.87
C ASP E 359 40.89 -31.23 17.89
N GLU E 360 41.80 -31.64 17.01
CA GLU E 360 43.13 -31.04 16.97
C GLU E 360 43.07 -29.58 16.54
N CYS E 361 42.00 -29.15 15.87
CA CYS E 361 41.86 -27.74 15.50
C CYS E 361 41.68 -26.84 16.71
N MET E 362 41.38 -27.41 17.90
CA MET E 362 41.34 -26.61 19.12
C MET E 362 42.71 -26.21 19.61
N PHE E 363 43.76 -26.91 19.18
CA PHE E 363 45.09 -26.73 19.75
C PHE E 363 46.12 -26.19 18.77
N THR E 364 46.04 -26.55 17.50
CA THR E 364 47.02 -26.10 16.52
C THR E 364 46.31 -25.62 15.27
N ALA E 365 46.90 -24.61 14.62
CA ALA E 365 46.37 -24.07 13.37
C ALA E 365 47.01 -24.80 12.18
N SER E 366 46.73 -26.10 12.11
CA SER E 366 47.29 -26.92 11.06
C SER E 366 46.66 -26.58 9.71
N GLU E 367 47.37 -26.92 8.64
CA GLU E 367 46.87 -26.65 7.30
C GLU E 367 45.63 -27.48 6.97
N GLU E 368 45.47 -28.63 7.62
CA GLU E 368 44.27 -29.44 7.39
C GLU E 368 43.03 -28.72 7.90
N CYS E 369 43.12 -28.09 9.07
CA CYS E 369 42.00 -27.32 9.58
C CYS E 369 41.66 -26.16 8.66
N LEU E 370 42.68 -25.49 8.11
CA LEU E 370 42.44 -24.41 7.17
C LEU E 370 41.79 -24.93 5.89
N GLN E 371 42.20 -26.11 5.42
CA GLN E 371 41.57 -26.68 4.23
C GLN E 371 40.12 -27.03 4.49
N LEU E 372 39.81 -27.56 5.68
CA LEU E 372 38.43 -27.85 6.02
C LEU E 372 37.61 -26.57 6.11
N LEU E 373 38.20 -25.50 6.67
CA LEU E 373 37.52 -24.21 6.70
C LEU E 373 37.24 -23.70 5.29
N MET E 374 38.20 -23.85 4.39
CA MET E 374 38.00 -23.44 2.99
C MET E 374 36.91 -24.28 2.33
N GLN E 375 36.86 -25.57 2.64
CA GLN E 375 35.80 -26.42 2.10
C GLN E 375 34.44 -25.98 2.57
N LEU E 376 34.31 -25.65 3.86
CA LEU E 376 33.05 -25.13 4.39
C LEU E 376 32.67 -23.82 3.71
N HIS E 377 33.65 -22.93 3.53
CA HIS E 377 33.40 -21.67 2.85
C HIS E 377 32.93 -21.89 1.41
N ASN E 378 33.54 -22.87 0.72
CA ASN E 378 33.14 -23.18 -0.65
C ASN E 378 31.73 -23.76 -0.69
N ARG E 379 31.37 -24.59 0.29
CA ARG E 379 30.01 -25.11 0.36
C ARG E 379 29.00 -23.98 0.54
N ILE E 380 29.31 -23.05 1.44
CA ILE E 380 28.44 -21.89 1.64
C ILE E 380 28.32 -21.08 0.37
N LYS E 381 29.43 -20.90 -0.35
CA LYS E 381 29.41 -20.16 -1.61
C LYS E 381 28.57 -20.88 -2.65
N CYS E 382 28.65 -22.21 -2.72
CA CYS E 382 27.81 -22.97 -3.63
C CYS E 382 26.33 -22.75 -3.34
N ALA E 383 25.96 -22.85 -2.05
CA ALA E 383 24.57 -22.65 -1.68
C ALA E 383 24.10 -21.25 -2.05
N ARG E 384 24.92 -20.24 -1.75
CA ARG E 384 24.54 -18.86 -2.05
C ARG E 384 24.41 -18.63 -3.56
N SER E 385 25.32 -19.21 -4.34
CA SER E 385 25.25 -19.06 -5.79
C SER E 385 24.00 -19.70 -6.36
N ILE E 386 23.65 -20.89 -5.87
CA ILE E 386 22.43 -21.53 -6.35
C ILE E 386 21.20 -20.74 -5.92
N LYS E 387 21.23 -20.14 -4.73
CA LYS E 387 20.10 -19.34 -4.27
C LYS E 387 19.82 -18.17 -5.19
N SER E 388 20.86 -17.48 -5.66
CA SER E 388 20.66 -16.24 -6.38
C SER E 388 20.12 -16.45 -7.78
N LYS E 389 20.47 -17.55 -8.43
CA LYS E 389 20.19 -17.73 -9.85
C LYS E 389 18.97 -18.59 -10.15
N ILE E 390 18.56 -19.46 -9.22
CA ILE E 390 17.51 -20.43 -9.53
C ILE E 390 16.18 -19.75 -9.76
N THR E 391 15.91 -18.65 -9.06
CA THR E 391 14.62 -17.98 -9.19
C THR E 391 14.44 -17.32 -10.54
N LYS E 392 15.53 -16.93 -11.20
CA LYS E 392 15.48 -16.29 -12.51
C LYS E 392 15.43 -17.30 -13.65
N ASN E 393 15.57 -18.59 -13.34
CA ASN E 393 15.57 -19.66 -14.33
C ASN E 393 14.15 -20.20 -14.42
N THR E 394 13.40 -19.75 -15.44
CA THR E 394 12.00 -20.10 -15.55
C THR E 394 11.80 -21.59 -15.81
N THR E 395 12.72 -22.23 -16.53
CA THR E 395 12.58 -23.64 -16.84
C THR E 395 12.57 -24.48 -15.56
N ALA E 396 13.47 -24.19 -14.63
CA ALA E 396 13.54 -24.95 -13.39
C ALA E 396 12.34 -24.66 -12.50
N MET E 397 11.95 -23.40 -12.39
CA MET E 397 10.85 -23.02 -11.50
C MET E 397 9.54 -23.62 -11.96
N GLU E 398 9.30 -23.63 -13.28
CA GLU E 398 8.05 -24.17 -13.80
C GLU E 398 7.93 -25.67 -13.54
N ALA E 399 9.05 -26.38 -13.41
CA ALA E 399 9.00 -27.81 -13.21
C ALA E 399 8.49 -28.20 -11.83
N CYS E 400 8.48 -27.27 -10.87
CA CYS E 400 8.04 -27.56 -9.52
C CYS E 400 6.52 -27.48 -9.36
N ASN E 401 5.80 -27.01 -10.38
CA ASN E 401 4.34 -26.98 -10.37
C ASN E 401 3.80 -26.19 -9.17
N CYS E 402 4.43 -25.05 -8.88
CA CYS E 402 3.97 -24.16 -7.82
C CYS E 402 2.96 -23.19 -8.41
N PHE E 403 1.69 -23.37 -8.04
CA PHE E 403 0.60 -22.56 -8.55
C PHE E 403 -0.09 -21.82 -7.41
N PRO E 404 -0.67 -20.65 -7.67
CA PRO E 404 -1.26 -19.88 -6.58
C PRO E 404 -2.45 -20.62 -5.99
N PRO E 405 -2.77 -20.38 -4.73
CA PRO E 405 -3.88 -21.10 -4.09
C PRO E 405 -5.21 -20.77 -4.75
N CYS E 406 -6.10 -21.77 -4.75
CA CYS E 406 -7.42 -21.58 -5.33
C CYS E 406 -8.30 -20.67 -4.49
N ASP E 407 -8.08 -20.64 -3.17
CA ASP E 407 -8.82 -19.77 -2.27
C ASP E 407 -7.83 -19.21 -1.26
N GLU E 408 -7.52 -17.91 -1.40
CA GLU E 408 -6.45 -17.29 -0.64
C GLU E 408 -6.97 -16.07 0.10
N VAL E 409 -6.48 -15.86 1.31
CA VAL E 409 -6.75 -14.67 2.11
C VAL E 409 -5.46 -13.89 2.25
N SER E 410 -5.49 -12.60 1.90
CA SER E 410 -4.32 -11.75 1.94
C SER E 410 -4.65 -10.47 2.72
N TYR E 411 -3.60 -9.81 3.19
CA TYR E 411 -3.74 -8.61 4.01
C TYR E 411 -2.86 -7.51 3.46
N ASP E 412 -3.45 -6.33 3.26
CA ASP E 412 -2.70 -5.12 2.96
C ASP E 412 -2.62 -4.27 4.21
N VAL E 413 -1.42 -3.84 4.56
CA VAL E 413 -1.14 -3.25 5.86
C VAL E 413 -0.74 -1.79 5.68
N SER E 414 -1.41 -0.91 6.42
CA SER E 414 -0.98 0.47 6.53
C SER E 414 0.01 0.60 7.68
N TYR E 415 1.18 1.16 7.39
CA TYR E 415 2.29 1.18 8.35
C TYR E 415 2.57 2.61 8.78
N SER E 416 2.66 2.83 10.08
CA SER E 416 2.93 4.15 10.64
C SER E 416 3.70 3.99 11.94
N LEU E 417 4.38 5.06 12.34
CA LEU E 417 5.23 5.03 13.53
C LEU E 417 4.96 6.25 14.40
N SER E 418 4.87 6.01 15.71
CA SER E 418 4.86 7.06 16.71
C SER E 418 6.02 6.83 17.67
N LYS E 419 6.35 7.86 18.45
CA LYS E 419 7.33 7.72 19.52
C LYS E 419 6.56 7.30 20.77
N TRP E 420 6.71 6.03 21.17
CA TRP E 420 5.79 5.48 22.17
C TRP E 420 5.96 6.15 23.52
N PRO E 421 7.11 6.05 24.21
CA PRO E 421 7.20 6.68 25.54
C PRO E 421 7.37 8.18 25.39
N SER E 422 6.28 8.91 25.63
CA SER E 422 6.31 10.35 25.48
C SER E 422 7.14 10.98 26.60
N ALA E 423 7.83 12.07 26.26
CA ALA E 423 8.58 12.79 27.26
C ALA E 423 7.62 13.46 28.25
N GLY E 424 7.98 13.39 29.54
CA GLY E 424 7.19 14.04 30.56
C GLY E 424 6.27 13.13 31.34
N TYR E 425 5.06 13.63 31.61
CA TYR E 425 4.16 12.96 32.55
C TYR E 425 3.57 11.68 31.97
N GLU E 426 3.23 11.69 30.69
CA GLU E 426 2.66 10.50 30.07
C GLU E 426 3.67 9.36 30.03
N GLY E 427 4.94 9.70 29.80
CA GLY E 427 5.98 8.69 29.92
C GLY E 427 6.12 8.15 31.33
N ASP E 428 5.93 9.01 32.33
CA ASP E 428 5.92 8.54 33.71
C ASP E 428 4.78 7.56 33.93
N ALA E 429 3.61 7.85 33.37
CA ALA E 429 2.47 6.93 33.49
C ALA E 429 2.79 5.60 32.82
N ALA E 430 3.41 5.64 31.64
CA ALA E 430 3.78 4.41 30.95
C ALA E 430 4.79 3.60 31.77
N TYR E 431 5.78 4.27 32.34
CA TYR E 431 6.76 3.59 33.18
C TYR E 431 6.11 2.97 34.40
N PHE E 432 5.17 3.67 35.04
CA PHE E 432 4.46 3.10 36.18
C PHE E 432 3.62 1.91 35.75
N ASP E 433 3.00 1.97 34.57
CA ASP E 433 2.23 0.85 34.09
C ASP E 433 3.11 -0.38 33.87
N VAL E 434 4.30 -0.17 33.30
CA VAL E 434 5.17 -1.30 32.99
C VAL E 434 5.77 -1.89 34.26
N PHE E 435 6.32 -1.03 35.13
CA PHE E 435 7.11 -1.51 36.26
C PHE E 435 6.39 -1.42 37.61
N GLY E 436 5.35 -0.61 37.72
CA GLY E 436 4.66 -0.46 38.99
C GLY E 436 3.47 -1.38 39.13
N ILE E 437 2.68 -1.49 38.07
CA ILE E 437 1.47 -2.32 38.09
C ILE E 437 1.77 -3.72 37.57
N GLU E 438 2.31 -3.82 36.35
CA GLU E 438 2.64 -5.12 35.79
C GLU E 438 3.81 -5.77 36.50
N LYS E 439 4.71 -4.97 37.08
CA LYS E 439 5.88 -5.46 37.80
C LYS E 439 6.72 -6.36 36.89
N PHE E 440 7.24 -5.74 35.82
CA PHE E 440 7.97 -6.49 34.80
C PHE E 440 9.26 -7.09 35.38
N ASN E 441 9.96 -6.35 36.24
CA ASN E 441 11.21 -6.84 36.80
C ASN E 441 10.99 -8.06 37.68
N GLU E 442 9.84 -8.13 38.36
CA GLU E 442 9.56 -9.20 39.30
C GLU E 442 9.43 -10.56 38.63
N ARG E 443 9.25 -10.56 37.31
CA ARG E 443 9.12 -11.83 36.55
C ARG E 443 10.49 -12.48 36.38
N PHE E 444 11.56 -11.73 36.67
CA PHE E 444 12.94 -12.27 36.49
C PHE E 444 13.68 -12.27 37.83
N ASN E 445 12.93 -12.18 38.93
CA ASN E 445 13.56 -12.23 40.28
C ASN E 445 13.62 -13.70 40.71
N LYS E 446 13.23 -14.62 39.82
CA LYS E 446 13.27 -16.07 40.12
C LYS E 446 14.74 -16.52 40.18
N THR E 447 15.02 -17.62 40.89
CA THR E 447 16.41 -18.11 41.05
C THR E 447 17.10 -18.21 39.68
N GLY E 448 16.55 -19.01 38.76
CA GLY E 448 17.21 -19.22 37.49
C GLY E 448 17.52 -17.98 36.69
N THR E 449 17.05 -16.81 37.12
CA THR E 449 17.29 -15.57 36.40
C THR E 449 17.68 -14.44 37.34
N GLN E 450 18.44 -14.76 38.39
CA GLN E 450 18.79 -13.74 39.37
C GLN E 450 19.71 -12.68 38.76
N GLY E 451 20.63 -13.10 37.90
CA GLY E 451 21.53 -12.14 37.27
C GLY E 451 20.81 -11.15 36.39
N LYS E 452 19.78 -11.61 35.67
CA LYS E 452 18.99 -10.71 34.85
C LYS E 452 18.24 -9.69 35.70
N TYR E 453 17.81 -10.12 36.89
CA TYR E 453 17.08 -9.21 37.78
C TYR E 453 17.91 -8.00 38.15
N GLU E 454 19.17 -8.22 38.53
CA GLU E 454 20.02 -7.09 38.92
C GLU E 454 20.24 -6.15 37.75
N LEU E 455 20.47 -6.70 36.55
CA LEU E 455 20.68 -5.89 35.37
C LEU E 455 19.45 -5.02 35.08
N PHE E 456 18.26 -5.61 35.15
CA PHE E 456 17.06 -4.83 34.86
C PHE E 456 16.73 -3.85 35.97
N THR E 457 17.03 -4.19 37.22
CA THR E 457 16.81 -3.25 38.31
C THR E 457 17.72 -2.04 38.19
N LYS E 458 18.99 -2.24 37.82
CA LYS E 458 19.89 -1.11 37.65
C LYS E 458 19.53 -0.30 36.40
N TYR E 459 19.28 -0.98 35.28
CA TYR E 459 19.02 -0.29 34.04
C TYR E 459 17.70 0.48 34.09
N PHE E 460 16.62 -0.20 34.49
CA PHE E 460 15.29 0.39 34.43
C PHE E 460 14.92 1.05 35.76
N ASN E 461 15.75 1.98 36.20
CA ASN E 461 15.44 2.73 37.40
C ASN E 461 14.67 3.99 37.06
N VAL E 462 14.11 4.61 38.11
CA VAL E 462 13.25 5.77 37.92
C VAL E 462 14.05 6.95 37.39
N SER E 463 15.29 7.09 37.83
CA SER E 463 16.10 8.26 37.46
C SER E 463 16.33 8.34 35.96
N ASN E 464 16.64 7.22 35.32
CA ASN E 464 16.99 7.19 33.91
C ASN E 464 15.87 6.60 33.06
N ARG E 465 14.61 6.88 33.41
CA ARG E 465 13.49 6.27 32.70
C ARG E 465 13.35 6.82 31.29
N GLU E 466 13.72 8.08 31.06
CA GLU E 466 13.55 8.66 29.73
C GLU E 466 14.42 7.96 28.69
N GLU E 467 15.62 7.51 29.08
CA GLU E 467 16.51 6.85 28.15
C GLU E 467 16.31 5.34 28.13
N SER E 468 16.08 4.73 29.29
CA SER E 468 15.93 3.28 29.35
C SER E 468 14.66 2.80 28.66
N MET E 469 13.57 3.57 28.77
CA MET E 469 12.31 3.13 28.17
C MET E 469 12.36 3.13 26.65
N LYS E 470 13.39 3.73 26.04
CA LYS E 470 13.53 3.69 24.59
C LYS E 470 13.84 2.29 24.07
N ASP E 471 14.20 1.35 24.94
CA ASP E 471 14.42 -0.03 24.50
C ASP E 471 13.13 -0.80 24.29
N PHE E 472 11.99 -0.27 24.72
CA PHE E 472 10.72 -0.91 24.51
C PHE E 472 10.10 -0.47 23.18
N ALA E 473 9.20 -1.29 22.67
CA ALA E 473 8.45 -0.97 21.47
C ALA E 473 7.02 -1.49 21.63
N ARG E 474 6.09 -0.85 20.94
CA ARG E 474 4.69 -1.23 21.00
C ARG E 474 4.17 -1.50 19.59
N LEU E 475 3.38 -2.56 19.46
CA LEU E 475 2.71 -2.89 18.22
C LEU E 475 1.20 -2.70 18.41
N ASN E 476 0.56 -2.10 17.41
CA ASN E 476 -0.88 -1.88 17.42
C ASN E 476 -1.42 -2.43 16.10
N VAL E 477 -1.97 -3.63 16.15
CA VAL E 477 -2.47 -4.33 14.96
C VAL E 477 -3.99 -4.36 15.05
N TYR E 478 -4.65 -3.83 14.03
CA TYR E 478 -6.09 -3.73 14.02
C TYR E 478 -6.59 -3.83 12.59
N ILE E 479 -7.86 -4.19 12.43
CA ILE E 479 -8.49 -4.28 11.13
C ILE E 479 -9.03 -2.91 10.75
N ALA E 480 -8.50 -2.33 9.68
CA ALA E 480 -8.92 -0.99 9.28
C ALA E 480 -10.30 -0.97 8.63
N ASP E 481 -10.60 -1.95 7.79
CA ASP E 481 -11.87 -2.02 7.09
C ASP E 481 -12.51 -3.37 7.35
N SER E 482 -13.75 -3.35 7.85
CA SER E 482 -14.45 -4.61 8.12
C SER E 482 -14.80 -5.34 6.83
N ASN E 483 -15.08 -4.60 5.76
CA ASN E 483 -15.44 -5.23 4.49
C ASN E 483 -14.20 -5.80 3.81
N VAL E 484 -14.37 -6.97 3.21
CA VAL E 484 -13.27 -7.68 2.55
C VAL E 484 -13.34 -7.41 1.05
N VAL E 485 -12.20 -7.00 0.48
CA VAL E 485 -12.11 -6.82 -0.96
C VAL E 485 -11.89 -8.19 -1.60
N LYS E 486 -12.91 -8.69 -2.29
CA LYS E 486 -12.88 -10.02 -2.86
C LYS E 486 -12.63 -9.96 -4.35
N THR E 487 -11.62 -10.69 -4.82
CA THR E 487 -11.33 -10.86 -6.23
C THR E 487 -11.62 -12.31 -6.60
N GLN E 488 -12.59 -12.52 -7.49
CA GLN E 488 -13.06 -13.86 -7.82
C GLN E 488 -12.95 -14.10 -9.32
N GLU E 489 -12.32 -15.21 -9.69
CA GLU E 489 -12.23 -15.62 -11.07
C GLU E 489 -13.41 -16.50 -11.46
N SER E 490 -13.81 -16.40 -12.72
CA SER E 490 -14.87 -17.24 -13.24
C SER E 490 -14.67 -17.41 -14.74
N GLU E 491 -15.27 -18.45 -15.30
CA GLU E 491 -15.14 -18.71 -16.71
C GLU E 491 -15.95 -17.69 -17.51
N ASP E 492 -15.30 -17.03 -18.47
CA ASP E 492 -15.95 -15.96 -19.21
C ASP E 492 -16.91 -16.49 -20.26
N TYR E 493 -16.58 -17.62 -20.90
CA TYR E 493 -17.31 -18.11 -22.06
C TYR E 493 -17.72 -19.55 -21.77
N THR E 494 -18.89 -19.73 -21.17
CA THR E 494 -19.38 -21.05 -20.83
C THR E 494 -19.86 -21.78 -22.08
N ARG E 495 -20.06 -23.10 -21.94
CA ARG E 495 -20.57 -23.88 -23.06
C ARG E 495 -21.98 -23.44 -23.45
N ASN E 496 -22.77 -22.99 -22.48
CA ASN E 496 -24.10 -22.46 -22.78
C ASN E 496 -24.01 -21.21 -23.65
N GLN E 497 -23.10 -20.30 -23.32
CA GLN E 497 -22.91 -19.11 -24.14
C GLN E 497 -22.39 -19.49 -25.52
N LEU E 498 -21.52 -20.50 -25.59
CA LEU E 498 -21.06 -20.98 -26.88
C LEU E 498 -22.22 -21.50 -27.72
N VAL E 499 -23.13 -22.26 -27.10
CA VAL E 499 -24.29 -22.77 -27.81
C VAL E 499 -25.17 -21.63 -28.31
N SER E 500 -25.39 -20.62 -27.46
CA SER E 500 -26.20 -19.48 -27.87
C SER E 500 -25.57 -18.73 -29.04
N ASP E 501 -24.25 -18.58 -29.01
CA ASP E 501 -23.57 -17.83 -30.08
C ASP E 501 -23.61 -18.65 -31.37
N ILE E 502 -23.44 -19.96 -31.27
CA ILE E 502 -23.51 -20.82 -32.45
C ILE E 502 -24.90 -20.76 -33.05
N GLY E 503 -25.93 -20.80 -32.19
CA GLY E 503 -27.30 -20.68 -32.70
C GLY E 503 -27.56 -19.37 -33.40
N GLY E 504 -27.07 -18.27 -32.82
CA GLY E 504 -27.23 -16.98 -33.46
C GLY E 504 -26.55 -16.92 -34.82
N GLN E 505 -25.30 -17.39 -34.89
CA GLN E 505 -24.58 -17.39 -36.15
C GLN E 505 -25.27 -18.27 -37.18
N LEU E 506 -25.73 -19.45 -36.77
CA LEU E 506 -26.40 -20.37 -37.68
C LEU E 506 -27.70 -19.79 -38.21
N GLY E 507 -28.48 -19.14 -37.33
CA GLY E 507 -29.71 -18.52 -37.78
C GLY E 507 -29.48 -17.34 -38.70
N LEU E 508 -28.43 -16.55 -38.42
CA LEU E 508 -28.21 -15.33 -39.18
C LEU E 508 -27.79 -15.64 -40.61
N TRP E 509 -26.82 -16.54 -40.79
CA TRP E 509 -26.17 -16.76 -42.07
C TRP E 509 -26.90 -17.78 -42.94
N VAL E 510 -27.29 -18.92 -42.36
CA VAL E 510 -27.83 -20.01 -43.16
C VAL E 510 -29.22 -20.45 -42.74
N GLY E 511 -29.68 -20.17 -41.51
CA GLY E 511 -31.02 -20.51 -41.10
C GLY E 511 -31.23 -21.95 -40.66
N ILE E 512 -30.17 -22.74 -40.58
CA ILE E 512 -30.29 -24.15 -40.20
C ILE E 512 -30.65 -24.28 -38.73
N SER E 513 -31.40 -25.32 -38.39
CA SER E 513 -31.56 -25.82 -37.04
C SER E 513 -31.08 -27.27 -36.99
N LEU E 514 -30.92 -27.80 -35.77
CA LEU E 514 -30.35 -29.15 -35.65
C LEU E 514 -31.31 -30.25 -36.11
N ILE E 515 -32.62 -30.02 -36.00
CA ILE E 515 -33.62 -30.88 -36.61
C ILE E 515 -33.72 -30.64 -38.12
N THR E 516 -33.28 -29.48 -38.59
CA THR E 516 -33.09 -29.33 -40.02
C THR E 516 -31.99 -30.27 -40.54
N LEU E 517 -30.97 -30.51 -39.71
CA LEU E 517 -29.98 -31.53 -40.04
C LEU E 517 -30.61 -32.91 -40.09
N ALA E 518 -31.68 -33.14 -39.32
CA ALA E 518 -32.40 -34.40 -39.45
C ALA E 518 -33.03 -34.54 -40.83
N GLU E 519 -33.45 -33.41 -41.43
CA GLU E 519 -33.98 -33.46 -42.79
C GLU E 519 -32.91 -33.87 -43.80
N VAL E 520 -31.70 -33.33 -43.67
CA VAL E 520 -30.65 -33.71 -44.61
C VAL E 520 -30.21 -35.15 -44.34
N LEU E 521 -30.27 -35.61 -43.08
CA LEU E 521 -29.98 -37.00 -42.79
C LEU E 521 -31.00 -37.90 -43.46
N GLU E 522 -32.29 -37.52 -43.41
CA GLU E 522 -33.32 -38.26 -44.14
C GLU E 522 -33.05 -38.25 -45.65
N LEU E 523 -32.63 -37.09 -46.17
CA LEU E 523 -32.35 -37.00 -47.61
C LEU E 523 -31.22 -37.94 -48.01
N ILE E 524 -30.14 -37.98 -47.21
CA ILE E 524 -29.02 -38.84 -47.57
C ILE E 524 -29.35 -40.32 -47.33
N ILE E 525 -30.20 -40.62 -46.35
CA ILE E 525 -30.74 -41.98 -46.23
C ILE E 525 -31.50 -42.37 -47.48
N ASP E 526 -32.35 -41.47 -47.97
CA ASP E 526 -33.12 -41.74 -49.18
C ASP E 526 -32.21 -41.93 -50.39
N LEU E 527 -31.16 -41.12 -50.50
CA LEU E 527 -30.22 -41.25 -51.61
C LEU E 527 -29.46 -42.57 -51.53
N PHE E 528 -29.02 -42.96 -50.34
CA PHE E 528 -28.31 -44.23 -50.18
C PHE E 528 -29.23 -45.40 -50.48
N ARG E 529 -30.52 -45.29 -50.12
CA ARG E 529 -31.48 -46.34 -50.43
C ARG E 529 -31.76 -46.42 -51.93
N LEU E 530 -31.84 -45.26 -52.60
CA LEU E 530 -32.12 -45.24 -54.02
C LEU E 530 -30.92 -45.68 -54.86
N PHE E 531 -29.71 -45.38 -54.41
CA PHE E 531 -28.52 -45.76 -55.14
C PHE E 531 -28.32 -47.27 -55.12
N ALA F 3 -62.94 -31.62 -40.35
CA ALA F 3 -62.33 -32.70 -39.59
C ALA F 3 -61.00 -32.27 -38.99
N ILE F 4 -60.51 -33.05 -38.01
CA ILE F 4 -59.23 -32.74 -37.39
C ILE F 4 -58.10 -32.87 -38.40
N ARG F 5 -58.17 -33.89 -39.26
CA ARG F 5 -57.13 -34.08 -40.27
C ARG F 5 -57.06 -32.92 -41.24
N ASP F 6 -58.19 -32.29 -41.55
CA ASP F 6 -58.19 -31.16 -42.48
C ASP F 6 -57.37 -29.99 -41.92
N VAL F 7 -57.67 -29.57 -40.70
CA VAL F 7 -56.93 -28.46 -40.10
C VAL F 7 -55.51 -28.86 -39.79
N MET F 8 -55.26 -30.13 -39.46
CA MET F 8 -53.89 -30.59 -39.28
C MET F 8 -53.09 -30.46 -40.58
N THR F 9 -53.67 -30.87 -41.70
CA THR F 9 -52.99 -30.76 -42.98
C THR F 9 -52.76 -29.30 -43.35
N LYS F 10 -53.75 -28.45 -43.11
CA LYS F 10 -53.57 -27.02 -43.35
C LYS F 10 -52.41 -26.46 -42.54
N PHE F 11 -52.44 -26.69 -41.23
CA PHE F 11 -51.37 -26.21 -40.36
C PHE F 11 -50.03 -26.76 -40.82
N ALA F 12 -49.99 -28.01 -41.27
CA ALA F 12 -48.74 -28.57 -41.77
C ALA F 12 -48.27 -27.85 -43.03
N GLU F 13 -49.20 -27.38 -43.87
CA GLU F 13 -48.72 -26.79 -45.13
C GLU F 13 -48.37 -25.32 -44.99
N GLN F 14 -48.92 -24.58 -44.01
CA GLN F 14 -48.56 -23.15 -43.91
C GLN F 14 -47.89 -22.88 -42.54
N THR F 15 -47.13 -23.86 -42.05
CA THR F 15 -46.43 -23.68 -40.78
C THR F 15 -44.99 -23.29 -41.05
N THR F 16 -44.46 -22.46 -40.17
CA THR F 16 -43.04 -22.15 -40.19
C THR F 16 -42.26 -22.93 -39.14
N MET F 17 -42.93 -23.76 -38.34
CA MET F 17 -42.22 -24.68 -37.47
C MET F 17 -41.52 -25.75 -38.29
N HIS F 18 -40.34 -26.18 -37.84
CA HIS F 18 -39.53 -27.11 -38.68
C HIS F 18 -39.84 -28.59 -38.41
N GLY F 19 -40.32 -28.93 -37.22
CA GLY F 19 -40.51 -30.33 -36.88
C GLY F 19 -41.86 -30.96 -37.18
N VAL F 20 -42.94 -30.35 -36.71
CA VAL F 20 -44.26 -30.96 -36.83
C VAL F 20 -44.75 -31.08 -38.27
N PRO F 21 -44.27 -30.31 -39.25
CA PRO F 21 -44.60 -30.67 -40.65
C PRO F 21 -44.18 -32.09 -41.01
N LYS F 22 -43.00 -32.55 -40.57
CA LYS F 22 -42.61 -33.93 -40.83
C LYS F 22 -43.54 -34.92 -40.13
N VAL F 23 -43.86 -34.65 -38.86
CA VAL F 23 -44.66 -35.59 -38.09
C VAL F 23 -46.07 -35.69 -38.66
N ILE F 24 -46.66 -34.57 -39.03
CA ILE F 24 -48.05 -34.57 -39.48
C ILE F 24 -48.19 -35.22 -40.86
N ASN F 25 -47.26 -34.95 -41.78
CA ASN F 25 -47.34 -35.51 -43.13
C ASN F 25 -46.66 -36.86 -43.26
N ALA F 26 -46.16 -37.42 -42.15
CA ALA F 26 -45.47 -38.69 -42.22
C ALA F 26 -46.39 -39.78 -42.76
N LYS F 27 -45.89 -40.55 -43.72
CA LYS F 27 -46.64 -41.63 -44.33
C LYS F 27 -46.16 -43.01 -43.87
N SER F 28 -45.24 -43.05 -42.92
CA SER F 28 -44.74 -44.30 -42.37
C SER F 28 -44.70 -44.20 -40.86
N SER F 29 -45.09 -45.29 -40.18
CA SER F 29 -45.11 -45.28 -38.72
C SER F 29 -43.72 -45.09 -38.15
N MET F 30 -42.71 -45.78 -38.71
CA MET F 30 -41.35 -45.64 -38.21
C MET F 30 -40.82 -44.23 -38.46
N GLY F 31 -41.18 -43.63 -39.60
CA GLY F 31 -40.80 -42.24 -39.83
C GLY F 31 -41.46 -41.29 -38.85
N ARG F 32 -42.74 -41.52 -38.55
CA ARG F 32 -43.42 -40.70 -37.55
C ARG F 32 -42.77 -40.83 -36.19
N LEU F 33 -42.42 -42.06 -35.79
CA LEU F 33 -41.74 -42.27 -34.51
C LEU F 33 -40.39 -41.55 -34.48
N PHE F 34 -39.62 -41.68 -35.56
CA PHE F 34 -38.31 -41.05 -35.61
C PHE F 34 -38.42 -39.53 -35.50
N TRP F 35 -39.35 -38.94 -36.25
CA TRP F 35 -39.46 -37.48 -36.25
C TRP F 35 -40.01 -36.97 -34.92
N SER F 36 -40.95 -37.71 -34.31
CA SER F 36 -41.45 -37.32 -33.00
C SER F 36 -40.34 -37.39 -31.95
N LEU F 37 -39.51 -38.44 -32.01
CA LEU F 37 -38.39 -38.53 -31.07
C LEU F 37 -37.41 -37.39 -31.28
N VAL F 38 -37.14 -37.04 -32.54
CA VAL F 38 -36.25 -35.92 -32.83
C VAL F 38 -36.80 -34.63 -32.22
N CYS F 39 -38.09 -34.37 -32.43
CA CYS F 39 -38.70 -33.15 -31.91
C CYS F 39 -38.66 -33.12 -30.39
N LEU F 40 -38.99 -34.25 -29.74
CA LEU F 40 -39.00 -34.29 -28.29
C LEU F 40 -37.60 -34.10 -27.72
N ALA F 41 -36.59 -34.74 -28.32
CA ALA F 41 -35.21 -34.57 -27.86
C ALA F 41 -34.75 -33.12 -28.02
N ALA F 42 -35.08 -32.51 -29.16
CA ALA F 42 -34.73 -31.12 -29.37
C ALA F 42 -35.39 -30.23 -28.33
N GLY F 43 -36.67 -30.46 -28.06
CA GLY F 43 -37.36 -29.67 -27.06
C GLY F 43 -36.76 -29.83 -25.67
N ALA F 44 -36.42 -31.07 -25.30
CA ALA F 44 -35.84 -31.30 -23.97
C ALA F 44 -34.49 -30.63 -23.83
N MET F 45 -33.63 -30.75 -24.84
CA MET F 45 -32.33 -30.09 -24.77
C MET F 45 -32.48 -28.57 -24.75
N PHE F 46 -33.44 -28.05 -25.52
CA PHE F 46 -33.74 -26.63 -25.49
C PHE F 46 -34.18 -26.18 -24.10
N CYS F 47 -35.02 -26.98 -23.45
CA CYS F 47 -35.46 -26.63 -22.10
C CYS F 47 -34.30 -26.63 -21.12
N LEU F 48 -33.40 -27.61 -21.24
CA LEU F 48 -32.23 -27.65 -20.35
C LEU F 48 -31.36 -26.42 -20.55
N GLN F 49 -31.09 -26.06 -21.80
CA GLN F 49 -30.25 -24.90 -22.07
C GLN F 49 -30.91 -23.61 -21.59
N MET F 50 -32.23 -23.48 -21.76
CA MET F 50 -32.91 -22.30 -21.23
C MET F 50 -32.93 -22.28 -19.71
N SER F 51 -32.98 -23.45 -19.08
CA SER F 51 -32.85 -23.49 -17.63
C SER F 51 -31.50 -22.93 -17.19
N GLU F 52 -30.44 -23.34 -17.88
CA GLU F 52 -29.11 -22.77 -17.58
C GLU F 52 -29.09 -21.26 -17.84
N VAL F 53 -29.68 -20.82 -18.94
CA VAL F 53 -29.67 -19.40 -19.30
C VAL F 53 -30.38 -18.58 -18.24
N LEU F 54 -31.56 -19.03 -17.82
CA LEU F 54 -32.33 -18.29 -16.83
C LEU F 54 -31.68 -18.35 -15.46
N GLN F 55 -31.00 -19.45 -15.13
CA GLN F 55 -30.23 -19.49 -13.89
C GLN F 55 -29.12 -18.46 -13.92
N ARG F 56 -28.44 -18.31 -15.06
CA ARG F 56 -27.42 -17.26 -15.16
C ARG F 56 -28.04 -15.87 -15.03
N TYR F 57 -29.18 -15.65 -15.67
CA TYR F 57 -29.78 -14.32 -15.67
C TYR F 57 -30.26 -13.92 -14.28
N PHE F 58 -31.03 -14.76 -13.62
CA PHE F 58 -31.65 -14.35 -12.33
C PHE F 58 -30.66 -14.50 -11.17
N SER F 59 -29.38 -14.64 -11.48
CA SER F 59 -28.34 -14.63 -10.43
C SER F 59 -27.84 -13.19 -10.40
N TYR F 60 -28.26 -12.41 -11.39
CA TYR F 60 -27.91 -11.00 -11.48
C TYR F 60 -26.40 -10.77 -11.30
N PRO F 61 -25.56 -11.31 -12.18
CA PRO F 61 -24.12 -11.14 -12.03
C PRO F 61 -23.69 -9.71 -12.31
N LYS F 62 -22.54 -9.35 -11.76
CA LYS F 62 -21.97 -8.03 -11.90
C LYS F 62 -20.75 -8.07 -12.81
N LYS F 63 -20.47 -6.93 -13.45
CA LYS F 63 -19.31 -6.76 -14.30
C LYS F 63 -18.50 -5.57 -13.80
N VAL F 64 -17.20 -5.79 -13.63
CA VAL F 64 -16.31 -4.82 -13.01
C VAL F 64 -15.15 -4.52 -13.95
N THR F 65 -14.83 -3.24 -14.09
CA THR F 65 -13.70 -2.79 -14.89
C THR F 65 -12.82 -1.88 -14.05
N VAL F 66 -11.51 -2.09 -14.14
CA VAL F 66 -10.52 -1.27 -13.43
C VAL F 66 -9.70 -0.53 -14.48
N GLU F 67 -9.67 0.79 -14.38
CA GLU F 67 -8.98 1.61 -15.38
C GLU F 67 -8.54 2.91 -14.74
N VAL F 68 -7.60 3.58 -15.41
CA VAL F 68 -7.11 4.89 -15.00
C VAL F 68 -7.77 5.94 -15.87
N VAL F 69 -8.27 6.99 -15.25
CA VAL F 69 -8.97 8.06 -15.97
C VAL F 69 -8.34 9.40 -15.62
N PRO F 70 -8.37 10.39 -16.53
CA PRO F 70 -7.76 11.68 -16.24
C PRO F 70 -8.64 12.63 -15.43
N THR F 71 -9.88 12.26 -15.16
CA THR F 71 -10.77 13.15 -14.41
C THR F 71 -10.22 13.38 -13.01
N PRO F 72 -9.99 14.63 -12.61
CA PRO F 72 -9.36 14.86 -11.31
C PRO F 72 -10.38 14.87 -10.17
N VAL F 73 -9.94 14.36 -9.02
CA VAL F 73 -10.74 14.38 -7.80
C VAL F 73 -10.32 15.60 -6.98
N PRO F 74 -11.18 16.14 -6.13
CA PRO F 74 -10.77 17.27 -5.28
C PRO F 74 -9.74 16.84 -4.26
N PHE F 75 -8.96 17.82 -3.81
CA PHE F 75 -7.93 17.55 -2.83
C PHE F 75 -8.57 17.08 -1.52
N PRO F 76 -8.06 16.01 -0.92
CA PRO F 76 -8.72 15.47 0.27
C PRO F 76 -8.58 16.39 1.47
N SER F 77 -9.53 16.27 2.38
CA SER F 77 -9.44 16.95 3.66
C SER F 77 -8.41 16.26 4.55
N ILE F 78 -7.63 17.06 5.26
CA ILE F 78 -6.58 16.56 6.14
C ILE F 78 -6.92 16.96 7.56
N SER F 79 -7.07 15.97 8.44
CA SER F 79 -7.36 16.20 9.84
C SER F 79 -6.14 15.81 10.66
N ILE F 80 -5.64 16.75 11.45
CA ILE F 80 -4.43 16.55 12.26
C ILE F 80 -4.82 16.64 13.72
N CYS F 81 -4.42 15.65 14.51
CA CYS F 81 -4.75 15.59 15.95
C CYS F 81 -3.48 15.35 16.76
N ASN F 82 -3.09 16.32 17.59
CA ASN F 82 -1.91 16.18 18.44
C ASN F 82 -2.15 15.08 19.46
N MET F 83 -1.21 14.14 19.56
CA MET F 83 -1.37 13.03 20.48
C MET F 83 -1.34 13.48 21.94
N ARG F 84 -0.86 14.68 22.21
CA ARG F 84 -0.99 15.29 23.52
C ARG F 84 -2.25 16.14 23.55
N ASN F 85 -3.14 15.84 24.50
CA ASN F 85 -4.46 16.45 24.49
C ASN F 85 -4.44 17.88 25.02
N LEU F 86 -3.70 18.13 26.09
CA LEU F 86 -3.72 19.42 26.76
C LEU F 86 -2.51 20.27 26.39
N ASP F 87 -2.65 21.57 26.61
CA ASP F 87 -1.56 22.50 26.35
C ASP F 87 -0.42 22.29 27.33
N VAL F 88 0.81 22.59 26.88
CA VAL F 88 1.98 22.34 27.70
C VAL F 88 1.97 23.23 28.94
N HIS F 89 1.58 24.50 28.79
CA HIS F 89 1.56 25.40 29.94
C HIS F 89 0.54 24.95 30.98
N ILE F 90 -0.63 24.50 30.54
CA ILE F 90 -1.64 24.01 31.47
C ILE F 90 -1.12 22.78 32.21
N LEU F 91 -0.45 21.87 31.48
CA LEU F 91 0.09 20.67 32.11
C LEU F 91 1.15 21.03 33.15
N ASN F 92 2.04 21.96 32.82
CA ASN F 92 3.06 22.37 33.79
C ASN F 92 2.42 23.03 35.00
N THR F 93 1.39 23.85 34.78
CA THR F 93 0.69 24.49 35.90
C THR F 93 0.06 23.45 36.82
N LEU F 94 -0.59 22.44 36.24
CA LEU F 94 -1.20 21.39 37.04
C LEU F 94 -0.14 20.63 37.83
N ASN F 95 0.96 20.28 37.16
CA ASN F 95 2.02 19.53 37.83
C ASN F 95 2.62 20.32 38.99
N ARG F 96 2.86 21.61 38.78
CA ARG F 96 3.44 22.43 39.84
C ARG F 96 2.45 22.65 40.98
N MET F 97 1.17 22.80 40.66
CA MET F 97 0.16 22.93 41.69
C MET F 97 0.08 21.68 42.55
N PHE F 98 0.13 20.50 41.93
CA PHE F 98 0.12 19.26 42.70
C PHE F 98 1.41 19.09 43.49
N ILE F 99 2.54 19.56 42.95
CA ILE F 99 3.79 19.48 43.70
C ILE F 99 3.72 20.35 44.95
N GLU F 100 3.19 21.57 44.82
CA GLU F 100 3.07 22.44 45.99
C GLU F 100 2.10 21.87 47.01
N ASP F 101 0.97 21.34 46.54
CA ASP F 101 -0.02 20.75 47.43
C ASP F 101 -0.71 19.62 46.68
N ASP F 102 -0.60 18.40 47.20
CA ASP F 102 -1.13 17.22 46.53
C ASP F 102 -2.61 16.99 46.79
N ARG F 103 -3.26 17.83 47.61
CA ARG F 103 -4.68 17.69 47.84
C ARG F 103 -5.42 18.51 46.79
N PRO F 104 -6.16 17.88 45.86
CA PRO F 104 -6.85 18.66 44.84
C PRO F 104 -7.96 19.54 45.39
N PHE F 105 -8.52 19.19 46.55
CA PHE F 105 -9.62 19.99 47.10
C PHE F 105 -9.15 21.40 47.45
N SER F 106 -7.97 21.53 48.05
CA SER F 106 -7.47 22.84 48.45
C SER F 106 -7.05 23.68 47.25
N ASN F 107 -6.86 23.06 46.09
CA ASN F 107 -6.40 23.76 44.89
C ASN F 107 -7.54 24.22 43.99
N ILE F 108 -8.80 24.02 44.40
CA ILE F 108 -9.92 24.35 43.54
C ILE F 108 -9.99 25.86 43.30
N ASN F 109 -9.74 26.65 44.34
CA ASN F 109 -9.86 28.10 44.25
C ASN F 109 -8.53 28.78 43.97
N LYS F 110 -7.47 28.03 43.67
CA LYS F 110 -6.15 28.62 43.46
C LYS F 110 -5.94 29.15 42.06
N SER F 111 -6.81 28.83 41.10
CA SER F 111 -6.64 29.26 39.73
C SER F 111 -7.94 29.86 39.20
N GLU F 112 -7.80 30.90 38.38
CA GLU F 112 -8.93 31.52 37.72
C GLU F 112 -9.31 30.84 36.42
N HIS F 113 -8.49 29.92 35.93
CA HIS F 113 -8.78 29.20 34.69
C HIS F 113 -9.93 28.22 34.94
N GLU F 114 -10.97 28.32 34.11
CA GLU F 114 -12.17 27.52 34.35
C GLU F 114 -11.89 26.03 34.24
N PHE F 115 -11.09 25.63 33.24
CA PHE F 115 -10.78 24.22 33.07
C PHE F 115 -10.05 23.67 34.29
N ILE F 116 -9.12 24.45 34.84
CA ILE F 116 -8.38 23.99 36.01
C ILE F 116 -9.33 23.78 37.18
N ARG F 117 -10.26 24.71 37.39
CA ARG F 117 -11.21 24.57 38.49
C ARG F 117 -12.07 23.33 38.33
N ALA F 118 -12.61 23.12 37.13
CA ALA F 118 -13.43 21.93 36.90
C ALA F 118 -12.61 20.65 37.07
N TYR F 119 -11.38 20.66 36.55
CA TYR F 119 -10.50 19.51 36.68
C TYR F 119 -10.23 19.18 38.13
N MET F 120 -9.91 20.18 38.95
CA MET F 120 -9.60 19.91 40.35
C MET F 120 -10.83 19.48 41.11
N LYS F 121 -12.01 20.02 40.78
CA LYS F 121 -13.23 19.52 41.41
C LYS F 121 -13.44 18.04 41.09
N LYS F 122 -13.29 17.68 39.80
CA LYS F 122 -13.50 16.30 39.40
C LYS F 122 -12.49 15.37 40.06
N VAL F 123 -11.24 15.80 40.16
CA VAL F 123 -10.20 14.97 40.79
C VAL F 123 -10.45 14.85 42.28
N ALA F 124 -10.90 15.94 42.92
CA ALA F 124 -11.18 15.90 44.35
C ALA F 124 -12.35 14.96 44.65
N LYS F 125 -13.29 14.84 43.72
CA LYS F 125 -14.35 13.86 43.93
C LYS F 125 -13.86 12.41 43.90
N TYR F 126 -12.56 12.17 43.68
CA TYR F 126 -12.00 10.83 43.72
C TYR F 126 -10.76 10.69 44.60
N ALA F 127 -10.12 11.79 44.98
CA ALA F 127 -8.84 11.71 45.67
C ALA F 127 -8.87 10.89 46.96
N PRO F 128 -9.84 11.06 47.87
CA PRO F 128 -9.80 10.23 49.09
C PRO F 128 -9.83 8.74 48.83
N LEU F 129 -10.57 8.30 47.81
CA LEU F 129 -10.52 6.89 47.43
C LEU F 129 -9.14 6.51 46.91
N PHE F 130 -8.52 7.40 46.12
CA PHE F 130 -7.19 7.13 45.59
C PHE F 130 -6.13 7.13 46.68
N TRP F 131 -6.39 7.75 47.83
CA TRP F 131 -5.42 7.72 48.91
C TRP F 131 -5.54 6.48 49.78
N ASN F 132 -6.56 5.65 49.55
CA ASN F 132 -6.82 4.50 50.42
C ASN F 132 -6.83 3.16 49.70
N TYR F 133 -7.00 3.14 48.37
CA TYR F 133 -7.26 1.89 47.68
C TYR F 133 -6.36 1.70 46.46
N GLN F 134 -5.14 2.23 46.50
CA GLN F 134 -4.19 1.94 45.43
C GLN F 134 -3.76 0.49 45.46
N ASP F 135 -3.38 -0.02 46.64
CA ASP F 135 -2.87 -1.38 46.74
C ASP F 135 -3.93 -2.41 46.41
N GLU F 136 -5.20 -2.11 46.68
CA GLU F 136 -6.26 -3.11 46.50
C GLU F 136 -6.86 -3.07 45.10
N TYR F 137 -7.03 -1.90 44.51
CA TYR F 137 -7.60 -1.77 43.17
C TYR F 137 -6.78 -0.79 42.34
N PRO F 138 -5.53 -1.13 42.04
CA PRO F 138 -4.72 -0.22 41.20
C PRO F 138 -5.29 -0.04 39.80
N GLU F 139 -5.89 -1.10 39.24
CA GLU F 139 -6.38 -1.03 37.88
C GLU F 139 -7.59 -0.13 37.75
N VAL F 140 -8.43 -0.07 38.78
CA VAL F 140 -9.65 0.74 38.71
C VAL F 140 -9.30 2.22 38.60
N PHE F 141 -8.38 2.70 39.43
CA PHE F 141 -8.05 4.12 39.44
C PHE F 141 -7.33 4.54 38.17
N GLN F 142 -6.57 3.63 37.56
CA GLN F 142 -5.97 3.93 36.26
C GLN F 142 -7.04 4.18 35.21
N GLU F 143 -8.10 3.38 35.21
CA GLU F 143 -9.16 3.53 34.22
C GLU F 143 -9.99 4.78 34.48
N ILE F 144 -10.25 5.09 35.75
CA ILE F 144 -11.09 6.24 36.08
C ILE F 144 -10.40 7.54 35.70
N PHE F 145 -9.08 7.61 35.90
CA PHE F 145 -8.33 8.82 35.62
C PHE F 145 -7.90 8.94 34.16
N SER F 146 -8.55 8.21 33.24
CA SER F 146 -8.20 8.27 31.84
C SER F 146 -8.76 9.53 31.19
N ARG F 147 -8.36 9.76 29.94
CA ARG F 147 -8.80 10.94 29.21
C ARG F 147 -10.32 10.95 29.03
N THR F 148 -10.89 9.81 28.64
CA THR F 148 -12.30 9.77 28.27
C THR F 148 -13.23 10.12 29.43
N THR F 149 -12.80 9.90 30.67
CA THR F 149 -13.63 10.26 31.80
C THR F 149 -13.84 11.76 31.88
N PHE F 150 -12.77 12.54 31.66
CA PHE F 150 -12.87 14.00 31.74
C PHE F 150 -13.65 14.57 30.56
N SER F 151 -13.42 14.05 29.36
CA SER F 151 -14.14 14.54 28.19
C SER F 151 -15.62 14.22 28.25
N ALA F 152 -16.01 13.19 29.01
CA ALA F 152 -17.41 12.83 29.12
C ALA F 152 -18.11 13.53 30.28
N ASN F 153 -17.37 14.26 31.11
CA ASN F 153 -17.95 14.90 32.29
C ASN F 153 -17.68 16.40 32.37
N ILE F 154 -16.82 16.94 31.51
CA ILE F 154 -16.52 18.37 31.49
C ILE F 154 -17.03 18.94 30.17
N ASP F 155 -17.60 20.15 30.25
CA ASP F 155 -18.15 20.79 29.05
C ASP F 155 -17.05 20.93 28.00
N PRO F 156 -17.27 20.44 26.78
CA PRO F 156 -16.22 20.57 25.75
C PRO F 156 -15.80 22.00 25.49
N GLU F 157 -16.71 22.97 25.63
CA GLU F 157 -16.32 24.37 25.49
C GLU F 157 -15.38 24.82 26.61
N VAL F 158 -15.36 24.12 27.73
CA VAL F 158 -14.40 24.42 28.79
C VAL F 158 -13.07 23.74 28.53
N ILE F 159 -13.10 22.51 28.00
CA ILE F 159 -11.88 21.80 27.66
C ILE F 159 -11.15 22.53 26.54
N ALA F 160 -11.89 23.08 25.58
CA ALA F 160 -11.28 23.76 24.44
C ALA F 160 -10.40 24.93 24.86
N LEU F 161 -10.64 25.51 26.03
CA LEU F 161 -9.79 26.60 26.51
C LEU F 161 -8.44 26.11 27.01
N ALA F 162 -8.29 24.82 27.28
CA ALA F 162 -7.02 24.26 27.75
C ALA F 162 -6.41 23.25 26.80
N ALA F 163 -7.17 22.75 25.82
CA ALA F 163 -6.60 21.82 24.86
C ALA F 163 -5.63 22.54 23.92
N VAL F 164 -5.04 21.78 23.01
CA VAL F 164 -4.07 22.36 22.09
C VAL F 164 -4.76 23.37 21.19
N GLN F 165 -4.20 24.56 21.12
CA GLN F 165 -4.76 25.64 20.32
C GLN F 165 -4.14 25.65 18.93
N LEU F 166 -4.93 26.10 17.95
CA LEU F 166 -4.46 26.13 16.57
C LEU F 166 -3.25 27.05 16.42
N GLU F 167 -3.29 28.21 17.08
CA GLU F 167 -2.18 29.16 16.96
C GLU F 167 -0.89 28.59 17.53
N GLY F 168 -0.98 27.73 18.54
CA GLY F 168 0.16 27.09 19.13
C GLY F 168 0.46 25.70 18.62
N PHE F 169 -0.21 25.26 17.56
CA PHE F 169 -0.01 23.92 17.01
C PHE F 169 0.56 23.96 15.61
N VAL F 170 -0.05 24.73 14.71
CA VAL F 170 0.39 24.82 13.32
C VAL F 170 1.36 26.00 13.24
N VAL F 171 2.66 25.70 13.12
CA VAL F 171 3.65 26.74 12.98
C VAL F 171 3.51 27.44 11.63
N ASN F 172 3.34 26.67 10.57
CA ASN F 172 3.23 27.21 9.22
C ASN F 172 2.43 26.24 8.36
N CYS F 173 1.91 26.75 7.25
CA CYS F 173 1.18 25.92 6.32
C CYS F 173 1.35 26.49 4.91
N HIS F 174 1.32 25.61 3.92
CA HIS F 174 1.41 26.00 2.52
C HIS F 174 0.60 25.02 1.67
N TYR F 175 -0.14 25.56 0.71
CA TYR F 175 -0.92 24.73 -0.20
C TYR F 175 -0.99 25.41 -1.56
N ALA F 176 -0.75 24.65 -2.61
CA ALA F 176 -0.86 25.13 -3.99
C ALA F 176 -0.03 26.38 -4.21
N GLY F 177 1.18 26.39 -3.66
CA GLY F 177 2.07 27.52 -3.85
C GLY F 177 1.66 28.78 -3.13
N HIS F 178 0.76 28.69 -2.15
CA HIS F 178 0.32 29.86 -1.39
C HIS F 178 0.27 29.52 0.09
N ARG F 179 0.56 30.53 0.91
CA ARG F 179 0.47 30.36 2.35
C ARG F 179 -0.98 30.17 2.78
N CYS F 180 -1.20 29.21 3.68
CA CYS F 180 -2.55 28.94 4.15
C CYS F 180 -3.03 30.01 5.12
N ASN F 181 -4.32 30.28 5.07
CA ASN F 181 -4.99 31.11 6.08
C ASN F 181 -5.47 30.21 7.20
N LYS F 182 -4.86 30.34 8.37
CA LYS F 182 -5.16 29.42 9.47
C LYS F 182 -6.57 29.62 10.02
N THR F 183 -7.07 30.85 10.03
CA THR F 183 -8.40 31.10 10.55
C THR F 183 -9.49 30.63 9.58
N ARG F 184 -9.25 30.72 8.28
CA ARG F 184 -10.32 30.36 7.31
C ARG F 184 -10.23 28.91 6.85
N ASP F 185 -9.04 28.30 6.81
CA ASP F 185 -8.91 26.96 6.25
C ASP F 185 -9.05 25.85 7.28
N PHE F 186 -8.62 26.07 8.51
CA PHE F 186 -8.68 25.04 9.55
C PHE F 186 -10.01 25.14 10.31
N TYR F 187 -10.61 23.97 10.57
CA TYR F 187 -11.86 23.88 11.30
C TYR F 187 -11.65 22.98 12.50
N ARG F 188 -11.97 23.47 13.69
CA ARG F 188 -11.78 22.72 14.91
C ARG F 188 -12.97 21.82 15.20
N PHE F 189 -12.64 20.62 15.64
CA PHE F 189 -13.65 19.62 16.02
C PHE F 189 -13.18 18.96 17.31
N PHE F 190 -14.10 18.48 18.12
CA PHE F 190 -13.76 17.85 19.39
C PHE F 190 -13.82 16.33 19.27
N ASP F 191 -12.79 15.64 19.78
CA ASP F 191 -12.75 14.17 19.83
C ASP F 191 -12.50 13.78 21.28
N PRO F 192 -13.20 12.79 21.84
CA PRO F 192 -13.08 12.45 23.27
C PRO F 192 -11.68 12.09 23.71
N TYR F 193 -10.84 11.51 22.84
CA TYR F 193 -9.45 11.13 23.21
C TYR F 193 -8.51 12.25 22.79
N TYR F 194 -8.47 12.61 21.52
CA TYR F 194 -7.67 13.77 21.08
C TYR F 194 -8.58 14.98 21.26
N PHE F 195 -8.45 15.71 22.37
CA PHE F 195 -9.37 16.78 22.77
C PHE F 195 -9.63 17.78 21.66
N ASN F 196 -8.58 18.39 21.12
CA ASN F 196 -8.72 19.34 20.02
C ASN F 196 -8.11 18.76 18.75
N CYS F 197 -8.90 18.76 17.67
CA CYS F 197 -8.44 18.33 16.37
C CYS F 197 -8.86 19.37 15.33
N PHE F 198 -8.09 19.45 14.26
CA PHE F 198 -8.30 20.47 13.24
C PHE F 198 -8.34 19.82 11.87
N THR F 199 -9.33 20.17 11.07
CA THR F 199 -9.49 19.65 9.72
C THR F 199 -9.17 20.74 8.73
N TYR F 200 -8.25 20.46 7.80
CA TYR F 200 -7.89 21.42 6.76
C TYR F 200 -8.75 21.19 5.54
N LYS F 201 -9.40 22.24 5.06
CA LYS F 201 -10.21 22.21 3.86
C LYS F 201 -9.54 23.07 2.80
N ALA F 202 -9.31 22.48 1.62
CA ALA F 202 -8.49 23.12 0.61
C ALA F 202 -9.14 24.40 0.10
N HIS F 203 -8.29 25.37 -0.23
CA HIS F 203 -8.74 26.65 -0.79
C HIS F 203 -7.84 26.97 -1.98
N GLU F 204 -8.40 26.87 -3.18
CA GLU F 204 -7.64 27.07 -4.39
C GLU F 204 -7.21 28.54 -4.52
N PRO F 205 -6.09 28.80 -5.18
CA PRO F 205 -5.63 30.19 -5.34
C PRO F 205 -6.63 31.03 -6.12
N THR F 206 -6.70 32.30 -5.76
CA THR F 206 -7.60 33.23 -6.41
C THR F 206 -7.15 33.54 -7.83
N LEU F 212 1.45 36.23 -1.07
CA LEU F 212 2.06 35.13 -0.35
C LEU F 212 2.23 33.91 -1.26
N SER F 213 2.97 34.10 -2.35
CA SER F 213 3.23 33.02 -3.31
C SER F 213 4.49 32.28 -2.88
N GLU F 214 4.30 31.21 -2.12
CA GLU F 214 5.43 30.45 -1.59
C GLU F 214 4.94 29.06 -1.22
N GLY F 215 5.88 28.13 -1.12
CA GLY F 215 5.59 26.79 -0.63
C GLY F 215 5.41 25.78 -1.74
N ILE F 216 4.96 24.60 -1.33
CA ILE F 216 4.76 23.49 -2.26
C ILE F 216 3.67 23.83 -3.26
N GLU F 217 3.90 23.48 -4.53
CA GLU F 217 2.95 23.78 -5.59
C GLU F 217 2.00 22.63 -5.87
N ASN F 218 2.43 21.38 -5.64
CA ASN F 218 1.64 20.21 -6.02
C ASN F 218 1.02 19.51 -4.81
N GLY F 219 0.94 20.20 -3.66
CA GLY F 219 0.35 19.56 -2.50
C GLY F 219 0.21 20.45 -1.28
N TRP F 220 0.22 19.84 -0.10
CA TRP F 220 0.00 20.52 1.16
C TRP F 220 1.14 20.19 2.12
N SER F 221 1.68 21.23 2.75
CA SER F 221 2.79 21.06 3.68
C SER F 221 2.57 21.94 4.90
N SER F 222 3.00 21.45 6.06
CA SER F 222 2.84 22.20 7.30
C SER F 222 3.87 21.73 8.31
N ILE F 223 4.24 22.64 9.22
CA ILE F 223 5.14 22.35 10.32
C ILE F 223 4.34 22.41 11.61
N LEU F 224 4.41 21.35 12.41
CA LEU F 224 3.58 21.21 13.59
C LEU F 224 4.45 21.03 14.82
N LEU F 225 4.07 21.69 15.92
CA LEU F 225 4.70 21.47 17.21
C LEU F 225 3.99 20.33 17.90
N SER F 226 4.67 19.18 18.03
CA SER F 226 4.06 17.98 18.58
C SER F 226 4.79 17.38 19.75
N GLY F 227 6.07 17.70 19.96
CA GLY F 227 6.81 17.12 21.06
C GLY F 227 6.37 17.67 22.40
N SER F 228 6.89 17.04 23.45
CA SER F 228 6.60 17.44 24.82
C SER F 228 7.86 17.50 25.66
N GLY F 229 8.98 17.88 25.04
CA GLY F 229 10.23 18.00 25.76
C GLY F 229 10.28 19.16 26.73
N MET F 230 9.39 20.14 26.57
CA MET F 230 9.36 21.30 27.45
C MET F 230 8.61 21.03 28.75
N LEU F 231 7.97 19.88 28.89
CA LEU F 231 7.30 19.53 30.13
C LEU F 231 8.33 19.28 31.24
N ASP F 232 7.93 19.58 32.47
CA ASP F 232 8.81 19.38 33.60
C ASP F 232 9.13 17.91 33.79
N LYS F 233 10.39 17.62 34.17
CA LYS F 233 10.85 16.27 34.40
C LYS F 233 10.85 16.02 35.91
N ASN F 234 9.82 15.32 36.38
CA ASN F 234 9.71 15.05 37.82
C ASN F 234 10.74 14.03 38.27
N ASP F 235 11.25 14.21 39.48
CA ASP F 235 12.20 13.25 40.06
C ASP F 235 11.51 12.00 40.55
N GLU F 236 10.20 12.04 40.76
CA GLU F 236 9.44 10.90 41.24
C GLU F 236 8.22 10.69 40.35
N ILE F 237 7.73 9.45 40.33
CA ILE F 237 6.54 9.14 39.55
C ILE F 237 5.33 9.74 40.25
N ARG F 238 4.59 10.58 39.53
CA ARG F 238 3.40 11.22 40.07
C ARG F 238 2.24 11.03 39.09
N MET F 239 1.05 10.78 39.65
CA MET F 239 -0.13 10.59 38.83
C MET F 239 -0.72 11.95 38.44
N LEU F 240 -0.97 12.13 37.14
CA LEU F 240 -1.63 13.33 36.62
C LEU F 240 -2.86 12.87 35.85
N PRO F 241 -4.04 12.89 36.49
CA PRO F 241 -5.25 12.39 35.84
C PRO F 241 -5.57 13.17 34.57
N GLY F 242 -6.21 12.49 33.63
CA GLY F 242 -6.58 13.10 32.37
C GLY F 242 -5.52 13.06 31.29
N LEU F 243 -4.36 12.49 31.57
CA LEU F 243 -3.27 12.41 30.61
C LEU F 243 -3.18 11.07 29.91
N HIS F 244 -3.27 9.98 30.66
CA HIS F 244 -2.96 8.64 30.18
C HIS F 244 -4.24 7.83 30.06
N GLU F 245 -4.53 7.35 28.85
CA GLU F 245 -5.63 6.41 28.62
C GLU F 245 -5.09 5.02 28.90
N TRP F 246 -5.48 4.45 30.03
CA TRP F 246 -4.83 3.27 30.56
C TRP F 246 -4.92 2.08 29.61
N ARG F 247 -3.77 1.63 29.14
CA ARG F 247 -3.62 0.40 28.36
C ARG F 247 -4.43 0.39 27.08
N SER F 248 -4.70 1.57 26.50
CA SER F 248 -5.20 1.62 25.15
C SER F 248 -4.04 1.47 24.16
N ALA F 249 -4.39 1.20 22.90
CA ALA F 249 -3.37 1.01 21.88
C ALA F 249 -2.61 2.29 21.56
N VAL F 250 -3.11 3.44 21.99
CA VAL F 250 -2.46 4.73 21.75
C VAL F 250 -2.21 5.41 23.08
N SER F 251 -1.92 4.60 24.11
CA SER F 251 -1.99 5.08 25.49
C SER F 251 -1.09 6.28 25.75
N ALA F 252 0.17 6.23 25.28
CA ALA F 252 1.11 7.28 25.65
C ALA F 252 1.95 7.76 24.48
N SER F 253 1.53 7.51 23.25
CA SER F 253 2.36 7.84 22.10
C SER F 253 2.53 9.36 21.95
N GLU F 254 3.60 9.74 21.25
CA GLU F 254 3.94 11.13 21.00
C GLU F 254 4.04 11.36 19.51
N GLY F 255 3.40 12.42 19.03
CA GLY F 255 3.44 12.75 17.62
C GLY F 255 2.13 13.36 17.17
N VAL F 256 1.86 13.20 15.89
CA VAL F 256 0.67 13.75 15.25
C VAL F 256 -0.10 12.60 14.61
N ARG F 257 -1.42 12.59 14.80
CA ARG F 257 -2.29 11.61 14.12
C ARG F 257 -2.84 12.35 12.92
N VAL F 258 -2.68 11.80 11.73
CA VAL F 258 -3.06 12.42 10.47
C VAL F 258 -4.08 11.52 9.78
N VAL F 259 -5.23 12.10 9.44
CA VAL F 259 -6.29 11.34 8.73
C VAL F 259 -6.59 12.00 7.39
N ILE F 260 -6.47 11.26 6.30
CA ILE F 260 -6.74 11.73 4.94
C ILE F 260 -8.05 11.11 4.51
N HIS F 261 -9.03 11.96 4.20
CA HIS F 261 -10.39 11.50 3.95
C HIS F 261 -11.04 12.43 2.94
N PRO F 262 -12.16 12.03 2.35
CA PRO F 262 -12.82 12.90 1.38
C PRO F 262 -13.21 14.21 2.01
N PRO F 263 -13.27 15.29 1.21
CA PRO F 263 -13.36 16.65 1.79
C PRO F 263 -14.56 16.89 2.69
N SER F 264 -15.69 16.24 2.43
CA SER F 264 -16.91 16.58 3.17
C SER F 264 -17.35 15.44 4.07
N THR F 265 -16.40 14.83 4.78
CA THR F 265 -16.69 13.70 5.66
C THR F 265 -16.09 13.95 7.04
N THR F 266 -16.64 13.27 8.03
CA THR F 266 -16.17 13.38 9.41
C THR F 266 -15.08 12.34 9.66
N PRO F 267 -13.93 12.82 10.20
CA PRO F 267 -12.83 11.95 10.46
C PRO F 267 -13.04 11.13 11.72
N TYR F 268 -12.56 9.90 11.70
CA TYR F 268 -12.67 9.03 12.89
C TYR F 268 -11.23 8.70 13.29
N PRO F 269 -10.50 9.63 13.91
CA PRO F 269 -9.09 9.42 14.19
C PRO F 269 -8.62 8.16 14.92
N PHE F 270 -9.45 7.53 15.74
CA PHE F 270 -9.00 6.38 16.59
C PHE F 270 -8.98 5.06 15.82
N THR F 271 -9.55 5.03 14.62
CA THR F 271 -9.64 3.77 13.86
C THR F 271 -9.17 3.98 12.43
N GLU F 272 -8.83 5.21 12.09
CA GLU F 272 -8.28 5.47 10.74
C GLU F 272 -7.24 6.58 10.82
N GLY F 273 -6.29 6.54 9.91
CA GLY F 273 -5.27 7.56 9.78
C GLY F 273 -3.87 6.99 9.91
N TYR F 274 -2.91 7.91 10.05
CA TYR F 274 -1.50 7.56 10.12
C TYR F 274 -0.84 8.34 11.23
N ASP F 275 0.33 7.86 11.65
CA ASP F 275 1.07 8.45 12.75
C ASP F 275 2.37 9.05 12.25
N VAL F 276 2.76 10.17 12.85
CA VAL F 276 4.01 10.85 12.53
C VAL F 276 4.72 11.18 13.83
N PRO F 277 5.94 10.71 14.04
CA PRO F 277 6.64 11.01 15.29
C PRO F 277 7.25 12.40 15.25
N PRO F 278 7.46 13.02 16.41
CA PRO F 278 8.13 14.32 16.43
C PRO F 278 9.59 14.20 15.99
N GLY F 279 10.10 15.28 15.41
CA GLY F 279 11.44 15.26 14.89
C GLY F 279 11.60 14.61 13.54
N PHE F 280 10.49 14.28 12.87
CA PHE F 280 10.53 13.62 11.57
C PHE F 280 9.68 14.39 10.58
N SER F 281 10.02 14.22 9.30
CA SER F 281 9.25 14.78 8.20
C SER F 281 8.60 13.62 7.46
N ALA F 282 7.28 13.65 7.36
CA ALA F 282 6.51 12.56 6.78
C ALA F 282 5.99 12.96 5.41
N SER F 283 6.19 12.07 4.44
CA SER F 283 5.70 12.28 3.08
C SER F 283 4.50 11.36 2.84
N PHE F 284 3.39 11.95 2.42
CA PHE F 284 2.15 11.22 2.17
C PHE F 284 1.83 11.31 0.68
N GLY F 285 2.27 10.32 -0.08
CA GLY F 285 1.94 10.26 -1.49
C GLY F 285 0.60 9.62 -1.73
N ILE F 286 -0.37 10.41 -2.16
CA ILE F 286 -1.75 9.95 -2.31
C ILE F 286 -1.96 9.44 -3.72
N HIS F 287 -2.52 8.23 -3.84
CA HIS F 287 -2.97 7.70 -5.12
C HIS F 287 -4.50 7.62 -5.08
N PRO F 288 -5.21 8.58 -5.65
CA PRO F 288 -6.66 8.60 -5.52
C PRO F 288 -7.32 7.44 -6.25
N ARG F 289 -8.44 6.98 -5.70
CA ARG F 289 -9.23 5.92 -6.29
C ARG F 289 -10.71 6.29 -6.22
N ARG F 290 -11.48 5.76 -7.17
CA ARG F 290 -12.92 5.97 -7.20
C ARG F 290 -13.63 4.65 -7.44
N ASN F 291 -14.68 4.40 -6.68
CA ASN F 291 -15.45 3.16 -6.79
C ASN F 291 -16.91 3.51 -7.07
N ILE F 292 -17.49 2.86 -8.07
CA ILE F 292 -18.89 3.04 -8.45
C ILE F 292 -19.57 1.69 -8.36
N ARG F 293 -20.73 1.65 -7.71
CA ARG F 293 -21.40 0.40 -7.40
C ARG F 293 -22.84 0.43 -7.88
N ILE F 294 -23.42 -0.76 -8.03
CA ILE F 294 -24.75 -0.93 -8.59
C ILE F 294 -25.73 -1.21 -7.45
N GLY F 295 -27.01 -0.91 -7.70
CA GLY F 295 -28.03 -0.93 -6.68
C GLY F 295 -28.51 -2.32 -6.30
N PRO F 296 -29.75 -2.38 -5.81
CA PRO F 296 -30.24 -3.59 -5.12
C PRO F 296 -30.17 -4.85 -5.97
N PRO F 297 -30.76 -4.87 -7.19
CA PRO F 297 -30.88 -6.16 -7.88
C PRO F 297 -29.55 -6.85 -8.14
N HIS F 298 -28.49 -6.08 -8.43
CA HIS F 298 -27.19 -6.67 -8.72
C HIS F 298 -26.22 -6.56 -7.56
N GLY F 299 -26.40 -5.59 -6.68
CA GLY F 299 -25.50 -5.43 -5.55
C GLY F 299 -26.20 -4.84 -4.37
N ASN F 300 -25.42 -4.22 -3.49
CA ASN F 300 -25.94 -3.51 -2.33
C ASN F 300 -25.14 -2.24 -2.15
N CYS F 301 -25.80 -1.08 -2.31
CA CYS F 301 -25.13 0.19 -2.09
C CYS F 301 -26.16 1.20 -1.60
N SER F 302 -25.67 2.24 -0.94
CA SER F 302 -26.53 3.28 -0.38
C SER F 302 -25.88 4.65 -0.60
N ASP F 303 -26.73 5.66 -0.75
CA ASP F 303 -26.27 7.02 -0.92
C ASP F 303 -26.27 7.82 0.38
N LYS F 304 -26.91 7.32 1.42
CA LYS F 304 -27.05 8.07 2.65
C LYS F 304 -26.95 7.14 3.85
N ASN F 305 -26.59 7.71 4.99
CA ASN F 305 -26.46 6.95 6.23
C ASN F 305 -27.83 6.71 6.84
N PRO F 306 -28.21 5.46 7.09
CA PRO F 306 -29.52 5.21 7.71
C PRO F 306 -29.69 5.86 9.08
N PHE F 307 -28.61 6.02 9.83
CA PHE F 307 -28.76 6.52 11.20
C PHE F 307 -28.59 8.05 11.28
N GLY F 308 -27.90 8.65 10.34
CA GLY F 308 -27.57 10.06 10.42
C GLY F 308 -28.37 10.92 9.45
N ASP F 309 -28.13 12.21 9.55
CA ASP F 309 -28.75 13.20 8.66
C ASP F 309 -27.99 13.28 7.34
N GLY F 310 -28.37 14.24 6.51
CA GLY F 310 -27.79 14.37 5.18
C GLY F 310 -26.75 15.47 5.04
N THR F 311 -26.21 15.97 6.14
CA THR F 311 -25.25 17.06 6.08
C THR F 311 -23.84 16.61 5.79
N GLU F 312 -23.57 15.30 5.77
CA GLU F 312 -22.23 14.78 5.55
C GLU F 312 -22.28 13.70 4.48
N ARG F 313 -21.18 13.59 3.72
CA ARG F 313 -21.07 12.54 2.73
C ARG F 313 -20.99 11.17 3.39
N TYR F 314 -21.55 10.17 2.72
CA TYR F 314 -21.71 8.85 3.32
C TYR F 314 -20.42 8.05 3.24
N ARG F 315 -20.04 7.45 4.36
CA ARG F 315 -18.98 6.46 4.42
C ARG F 315 -19.46 5.28 5.24
N LEU F 316 -19.00 4.07 4.88
CA LEU F 316 -19.45 2.87 5.57
C LEU F 316 -19.01 2.87 7.03
N MET F 317 -17.88 3.50 7.34
CA MET F 317 -17.39 3.53 8.71
C MET F 317 -18.38 4.23 9.63
N ALA F 318 -18.97 5.33 9.17
CA ALA F 318 -19.95 6.04 9.99
C ALA F 318 -21.15 5.16 10.31
N CYS F 319 -21.65 4.44 9.30
CA CYS F 319 -22.79 3.56 9.54
C CYS F 319 -22.43 2.44 10.50
N GLN F 320 -21.24 1.85 10.33
CA GLN F 320 -20.84 0.76 11.22
C GLN F 320 -20.68 1.23 12.65
N LYS F 321 -20.06 2.41 12.83
CA LYS F 321 -19.87 2.94 14.18
C LYS F 321 -21.20 3.31 14.82
N MET F 322 -22.13 3.87 14.05
CA MET F 322 -23.44 4.18 14.61
C MET F 322 -24.22 2.92 14.94
N CYS F 323 -24.06 1.87 14.14
CA CYS F 323 -24.68 0.59 14.48
C CYS F 323 -24.11 0.03 15.78
N MET F 324 -22.79 0.12 15.95
CA MET F 324 -22.17 -0.31 17.20
C MET F 324 -22.69 0.48 18.38
N GLN F 325 -22.81 1.81 18.22
CA GLN F 325 -23.36 2.63 19.29
C GLN F 325 -24.80 2.26 19.60
N HIS F 326 -25.59 1.99 18.57
CA HIS F 326 -26.99 1.58 18.78
C HIS F 326 -27.06 0.29 19.57
N TYR F 327 -26.21 -0.69 19.24
CA TYR F 327 -26.25 -1.94 19.98
C TYR F 327 -25.71 -1.79 21.40
N ILE F 328 -24.75 -0.89 21.61
CA ILE F 328 -24.24 -0.65 22.96
C ILE F 328 -25.32 0.01 23.82
N VAL F 329 -26.04 0.99 23.26
CA VAL F 329 -27.04 1.72 24.03
C VAL F 329 -28.13 0.78 24.50
N GLU F 330 -28.58 -0.12 23.63
CA GLU F 330 -29.66 -1.03 24.00
C GLU F 330 -29.24 -2.02 25.08
N THR F 331 -27.98 -2.43 25.09
CA THR F 331 -27.52 -3.46 26.01
C THR F 331 -27.13 -2.90 27.38
N CYS F 332 -26.15 -2.01 27.41
CA CYS F 332 -25.66 -1.47 28.68
C CYS F 332 -26.47 -0.27 29.16
N GLY F 333 -27.39 0.25 28.36
CA GLY F 333 -28.20 1.38 28.77
C GLY F 333 -27.49 2.71 28.73
N CYS F 334 -26.29 2.79 28.15
CA CYS F 334 -25.55 4.03 28.07
C CYS F 334 -24.76 4.05 26.76
N ALA F 335 -24.41 5.25 26.33
CA ALA F 335 -23.66 5.43 25.09
C ALA F 335 -22.16 5.42 25.36
N ASP F 336 -21.41 4.80 24.46
CA ASP F 336 -19.96 4.77 24.56
C ASP F 336 -19.40 6.08 24.03
N VAL F 337 -18.56 6.74 24.83
CA VAL F 337 -17.99 8.01 24.43
C VAL F 337 -17.01 7.88 23.26
N GLY F 338 -16.53 6.67 22.99
CA GLY F 338 -15.62 6.45 21.88
C GLY F 338 -16.28 6.28 20.53
N LEU F 339 -17.60 6.43 20.48
CA LEU F 339 -18.38 6.29 19.25
C LEU F 339 -19.28 7.50 19.10
N PRO F 340 -19.67 7.83 17.87
CA PRO F 340 -20.55 8.99 17.66
C PRO F 340 -21.88 8.81 18.38
N LYS F 341 -22.45 9.93 18.81
CA LYS F 341 -23.78 9.88 19.45
C LYS F 341 -24.83 9.87 18.35
N LEU F 342 -25.70 8.86 18.35
CA LEU F 342 -26.75 8.72 17.31
C LEU F 342 -27.53 10.02 17.24
N PRO F 343 -27.85 10.56 16.05
CA PRO F 343 -28.68 11.75 15.94
C PRO F 343 -30.20 11.50 16.13
N LEU F 344 -30.56 10.35 16.68
CA LEU F 344 -31.99 10.14 17.05
C LEU F 344 -32.21 10.78 18.41
N GLN F 345 -31.75 10.13 19.48
CA GLN F 345 -31.98 10.64 20.85
C GLN F 345 -30.64 11.01 21.52
N ALA F 346 -30.59 12.18 22.17
CA ALA F 346 -29.37 12.64 22.86
C ALA F 346 -29.67 12.80 24.34
N ASN F 347 -30.57 11.97 24.87
CA ASN F 347 -30.86 12.01 26.32
C ASN F 347 -30.06 10.89 26.98
N ILE F 348 -29.43 10.05 26.16
CA ILE F 348 -28.64 8.91 26.71
C ILE F 348 -27.38 9.51 27.33
N SER F 349 -27.02 9.07 28.52
CA SER F 349 -25.81 9.57 29.19
C SER F 349 -24.63 8.69 28.83
N TRP F 350 -23.43 9.26 28.80
CA TRP F 350 -22.23 8.48 28.52
C TRP F 350 -22.04 7.43 29.61
N CYS F 351 -21.44 6.31 29.22
CA CYS F 351 -21.18 5.25 30.18
C CYS F 351 -20.19 5.68 31.25
N ARG F 352 -19.41 6.72 31.00
CA ARG F 352 -18.45 7.25 31.96
C ARG F 352 -18.99 8.43 32.74
N ASP F 353 -20.28 8.75 32.60
CA ASP F 353 -20.86 9.85 33.36
C ASP F 353 -20.81 9.54 34.85
N ASP F 354 -20.40 10.55 35.63
CA ASP F 354 -20.25 10.35 37.07
C ASP F 354 -20.77 11.54 37.89
N ASP F 355 -21.71 12.31 37.34
CA ASP F 355 -22.23 13.47 38.07
C ASP F 355 -23.08 13.07 39.27
N ASN F 356 -23.42 11.80 39.41
CA ASN F 356 -24.16 11.32 40.57
C ASN F 356 -23.28 11.12 41.80
N PHE F 357 -21.98 11.32 41.68
CA PHE F 357 -21.09 11.16 42.82
C PHE F 357 -21.39 12.22 43.88
N PRO F 358 -21.60 11.82 45.13
CA PRO F 358 -21.89 12.82 46.18
C PRO F 358 -20.67 13.68 46.49
N ASP F 359 -20.94 14.85 47.04
CA ASP F 359 -19.87 15.74 47.47
C ASP F 359 -19.12 15.20 48.68
N GLU F 360 -19.72 14.28 49.43
CA GLU F 360 -19.04 13.70 50.59
C GLU F 360 -17.83 12.87 50.19
N CYS F 361 -17.77 12.41 48.94
CA CYS F 361 -16.60 11.69 48.47
C CYS F 361 -15.35 12.55 48.40
N MET F 362 -15.50 13.88 48.48
CA MET F 362 -14.34 14.76 48.56
C MET F 362 -13.66 14.72 49.92
N PHE F 363 -14.36 14.27 50.95
CA PHE F 363 -13.88 14.38 52.32
C PHE F 363 -13.61 13.05 52.99
N THR F 364 -14.40 12.02 52.71
CA THR F 364 -14.22 10.72 53.36
C THR F 364 -14.26 9.62 52.31
N ALA F 365 -13.49 8.57 52.55
CA ALA F 365 -13.48 7.39 51.68
C ALA F 365 -14.50 6.37 52.16
N SER F 366 -15.77 6.78 52.11
CA SER F 366 -16.85 5.91 52.57
C SER F 366 -17.05 4.75 51.60
N GLU F 367 -17.67 3.69 52.12
CA GLU F 367 -17.92 2.51 51.29
C GLU F 367 -18.93 2.80 50.19
N GLU F 368 -19.80 3.79 50.37
CA GLU F 368 -20.74 4.15 49.32
C GLU F 368 -20.02 4.73 48.11
N CYS F 369 -19.02 5.57 48.34
CA CYS F 369 -18.23 6.10 47.24
C CYS F 369 -17.50 4.99 46.51
N LEU F 370 -16.97 4.01 47.25
CA LEU F 370 -16.30 2.88 46.62
C LEU F 370 -17.29 2.04 45.80
N GLN F 371 -18.51 1.87 46.31
CA GLN F 371 -19.51 1.13 45.56
C GLN F 371 -19.89 1.86 44.28
N LEU F 372 -20.00 3.18 44.34
CA LEU F 372 -20.29 3.95 43.13
C LEU F 372 -19.13 3.86 42.13
N LEU F 373 -17.89 3.88 42.63
CA LEU F 373 -16.74 3.69 41.76
C LEU F 373 -16.79 2.32 41.09
N MET F 374 -17.14 1.29 41.85
CA MET F 374 -17.26 -0.06 41.27
C MET F 374 -18.37 -0.12 40.24
N GLN F 375 -19.47 0.59 40.49
CA GLN F 375 -20.56 0.63 39.50
C GLN F 375 -20.11 1.29 38.21
N LEU F 376 -19.36 2.39 38.32
CA LEU F 376 -18.82 3.04 37.13
C LEU F 376 -17.87 2.13 36.39
N HIS F 377 -17.01 1.43 37.12
CA HIS F 377 -16.08 0.47 36.51
C HIS F 377 -16.84 -0.64 35.79
N ASN F 378 -17.92 -1.12 36.39
CA ASN F 378 -18.73 -2.17 35.77
C ASN F 378 -19.42 -1.66 34.51
N ARG F 379 -19.88 -0.41 34.53
CA ARG F 379 -20.49 0.16 33.33
C ARG F 379 -19.46 0.26 32.20
N ILE F 380 -18.25 0.70 32.53
CA ILE F 380 -17.18 0.76 31.53
C ILE F 380 -16.88 -0.63 30.99
N LYS F 381 -16.85 -1.63 31.88
CA LYS F 381 -16.60 -3.00 31.44
C LYS F 381 -17.70 -3.51 30.52
N CYS F 382 -18.96 -3.17 30.84
CA CYS F 382 -20.08 -3.55 29.97
C CYS F 382 -19.90 -2.96 28.58
N ALA F 383 -19.59 -1.67 28.52
CA ALA F 383 -19.40 -1.01 27.23
C ALA F 383 -18.26 -1.65 26.45
N ARG F 384 -17.14 -1.91 27.13
CA ARG F 384 -16.00 -2.52 26.46
C ARG F 384 -16.32 -3.93 25.95
N SER F 385 -17.04 -4.71 26.76
CA SER F 385 -17.41 -6.06 26.36
C SER F 385 -18.31 -6.05 25.14
N ILE F 386 -19.29 -5.14 25.11
CA ILE F 386 -20.18 -5.07 23.96
C ILE F 386 -19.41 -4.58 22.74
N LYS F 387 -18.43 -3.69 22.92
CA LYS F 387 -17.63 -3.21 21.79
C LYS F 387 -16.88 -4.35 21.10
N SER F 388 -16.30 -5.27 21.88
CA SER F 388 -15.41 -6.26 21.32
C SER F 388 -16.14 -7.34 20.53
N LYS F 389 -17.37 -7.68 20.92
CA LYS F 389 -18.04 -8.84 20.37
C LYS F 389 -19.06 -8.52 19.28
N ILE F 390 -19.59 -7.30 19.24
CA ILE F 390 -20.71 -7.00 18.36
C ILE F 390 -20.28 -7.07 16.89
N THR F 391 -19.04 -6.70 16.60
CA THR F 391 -18.58 -6.68 15.21
C THR F 391 -18.44 -8.08 14.63
N LYS F 392 -18.20 -9.08 15.47
CA LYS F 392 -18.06 -10.46 15.01
C LYS F 392 -19.41 -11.18 14.90
N ASN F 393 -20.49 -10.53 15.33
CA ASN F 393 -21.83 -11.10 15.31
C ASN F 393 -22.51 -10.64 14.01
N THR F 394 -22.49 -11.52 13.01
CA THR F 394 -23.00 -11.14 11.68
C THR F 394 -24.50 -10.86 11.70
N THR F 395 -25.26 -11.56 12.55
CA THR F 395 -26.69 -11.36 12.60
C THR F 395 -27.05 -9.94 13.01
N ALA F 396 -26.36 -9.42 14.04
CA ALA F 396 -26.65 -8.07 14.51
C ALA F 396 -26.18 -7.02 13.49
N MET F 397 -24.99 -7.22 12.92
CA MET F 397 -24.44 -6.22 12.01
C MET F 397 -25.28 -6.12 10.73
N GLU F 398 -25.77 -7.25 10.23
CA GLU F 398 -26.58 -7.23 9.01
C GLU F 398 -27.89 -6.50 9.21
N ALA F 399 -28.40 -6.46 10.45
CA ALA F 399 -29.68 -5.81 10.70
C ALA F 399 -29.61 -4.29 10.58
N CYS F 400 -28.41 -3.71 10.61
CA CYS F 400 -28.26 -2.26 10.53
C CYS F 400 -28.28 -1.74 9.10
N ASN F 401 -28.26 -2.63 8.10
CA ASN F 401 -28.36 -2.25 6.69
C ASN F 401 -27.26 -1.25 6.30
N CYS F 402 -26.05 -1.50 6.77
CA CYS F 402 -24.89 -0.69 6.40
C CYS F 402 -24.28 -1.27 5.11
N PHE F 403 -24.44 -0.54 4.02
CA PHE F 403 -23.96 -0.96 2.72
C PHE F 403 -22.95 0.03 2.17
N PRO F 404 -22.00 -0.42 1.36
CA PRO F 404 -20.96 0.50 0.87
C PRO F 404 -21.57 1.57 0.00
N PRO F 405 -20.92 2.74 -0.07
CA PRO F 405 -21.48 3.84 -0.87
C PRO F 405 -21.54 3.50 -2.34
N CYS F 406 -22.55 4.03 -3.02
CA CYS F 406 -22.70 3.80 -4.46
C CYS F 406 -21.64 4.52 -5.27
N ASP F 407 -21.14 5.65 -4.79
CA ASP F 407 -20.08 6.40 -5.46
C ASP F 407 -19.11 6.88 -4.39
N GLU F 408 -17.93 6.28 -4.35
CA GLU F 408 -16.98 6.49 -3.27
C GLU F 408 -15.63 6.92 -3.82
N VAL F 409 -14.97 7.84 -3.11
CA VAL F 409 -13.62 8.26 -3.42
C VAL F 409 -12.71 7.81 -2.29
N SER F 410 -11.64 7.10 -2.62
CA SER F 410 -10.71 6.57 -1.65
C SER F 410 -9.29 6.96 -2.02
N TYR F 411 -8.41 6.92 -1.03
CA TYR F 411 -7.03 7.33 -1.20
C TYR F 411 -6.09 6.25 -0.67
N ASP F 412 -5.12 5.87 -1.49
CA ASP F 412 -4.03 5.01 -1.04
C ASP F 412 -2.79 5.86 -0.85
N VAL F 413 -2.15 5.73 0.30
CA VAL F 413 -1.13 6.67 0.76
C VAL F 413 0.22 5.94 0.83
N SER F 414 1.23 6.51 0.20
CA SER F 414 2.60 6.07 0.39
C SER F 414 3.21 6.82 1.57
N TYR F 415 3.74 6.08 2.53
CA TYR F 415 4.20 6.65 3.79
C TYR F 415 5.71 6.52 3.90
N SER F 416 6.36 7.63 4.24
CA SER F 416 7.82 7.65 4.38
C SER F 416 8.18 8.68 5.43
N LEU F 417 9.39 8.54 5.98
CA LEU F 417 9.85 9.40 7.05
C LEU F 417 11.27 9.89 6.77
N SER F 418 11.49 11.18 7.02
CA SER F 418 12.82 11.78 7.04
C SER F 418 13.04 12.42 8.39
N LYS F 419 14.30 12.71 8.70
CA LYS F 419 14.63 13.49 9.89
C LYS F 419 14.60 14.96 9.50
N TRP F 420 13.56 15.68 9.96
CA TRP F 420 13.31 17.00 9.40
C TRP F 420 14.42 17.99 9.73
N PRO F 421 14.67 18.34 11.01
CA PRO F 421 15.72 19.33 11.27
C PRO F 421 17.09 18.69 11.13
N SER F 422 17.75 18.97 10.01
CA SER F 422 19.06 18.38 9.75
C SER F 422 20.10 18.97 10.68
N ALA F 423 21.07 18.15 11.07
CA ALA F 423 22.17 18.65 11.88
C ALA F 423 23.03 19.61 11.07
N GLY F 424 23.44 20.70 11.70
CA GLY F 424 24.33 21.64 11.05
C GLY F 424 23.66 22.88 10.50
N TYR F 425 24.10 23.29 9.30
CA TYR F 425 23.72 24.60 8.77
C TYR F 425 22.28 24.62 8.30
N GLU F 426 21.80 23.53 7.69
CA GLU F 426 20.42 23.50 7.22
C GLU F 426 19.45 23.55 8.39
N GLY F 427 19.79 22.89 9.50
CA GLY F 427 19.00 23.04 10.71
C GLY F 427 19.00 24.45 11.24
N ASP F 428 20.12 25.15 11.12
CA ASP F 428 20.16 26.56 11.49
C ASP F 428 19.21 27.37 10.62
N ALA F 429 19.18 27.08 9.33
CA ALA F 429 18.26 27.77 8.43
C ALA F 429 16.81 27.48 8.82
N ALA F 430 16.50 26.24 9.16
CA ALA F 430 15.14 25.90 9.57
C ALA F 430 14.77 26.62 10.86
N TYR F 431 15.69 26.67 11.82
CA TYR F 431 15.44 27.38 13.06
C TYR F 431 15.21 28.87 12.81
N PHE F 432 16.00 29.48 11.94
CA PHE F 432 15.79 30.88 11.60
C PHE F 432 14.45 31.10 10.91
N ASP F 433 14.05 30.16 10.05
CA ASP F 433 12.75 30.27 9.40
C ASP F 433 11.63 30.22 10.42
N VAL F 434 11.73 29.31 11.40
CA VAL F 434 10.64 29.16 12.37
C VAL F 434 10.60 30.34 13.34
N PHE F 435 11.75 30.72 13.89
CA PHE F 435 11.78 31.70 14.98
C PHE F 435 12.25 33.08 14.57
N GLY F 436 12.95 33.21 13.44
CA GLY F 436 13.45 34.51 13.04
C GLY F 436 12.53 35.23 12.09
N ILE F 437 11.99 34.51 11.11
CA ILE F 437 11.11 35.10 10.12
C ILE F 437 9.66 34.99 10.54
N GLU F 438 9.20 33.76 10.80
CA GLU F 438 7.82 33.56 11.23
C GLU F 438 7.57 34.11 12.63
N LYS F 439 8.59 34.15 13.48
CA LYS F 439 8.50 34.64 14.85
C LYS F 439 7.42 33.87 15.62
N PHE F 440 7.67 32.57 15.76
CA PHE F 440 6.70 31.68 16.39
C PHE F 440 6.46 32.05 17.84
N ASN F 441 7.51 32.42 18.57
CA ASN F 441 7.35 32.75 19.99
C ASN F 441 6.51 34.00 20.18
N GLU F 442 6.57 34.93 19.23
CA GLU F 442 5.87 36.20 19.37
C GLU F 442 4.36 36.05 19.33
N ARG F 443 3.88 34.89 18.88
CA ARG F 443 2.42 34.62 18.81
C ARG F 443 1.89 34.31 20.21
N PHE F 444 2.78 34.06 21.17
CA PHE F 444 2.35 33.69 22.54
C PHE F 444 2.88 34.72 23.54
N ASN F 445 3.28 35.90 23.05
CA ASN F 445 3.75 36.98 23.95
C ASN F 445 2.54 37.81 24.37
N LYS F 446 1.34 37.38 23.96
CA LYS F 446 0.09 38.10 24.33
C LYS F 446 -0.17 37.90 25.83
N THR F 447 -0.93 38.82 26.44
CA THR F 447 -1.20 38.75 27.91
C THR F 447 -1.70 37.36 28.30
N GLY F 448 -2.81 36.90 27.70
CA GLY F 448 -3.39 35.64 28.10
C GLY F 448 -2.47 34.43 28.00
N THR F 449 -1.28 34.59 27.42
CA THR F 449 -0.35 33.47 27.28
C THR F 449 1.07 33.88 27.66
N GLN F 450 1.21 34.75 28.67
CA GLN F 450 2.53 35.23 29.05
C GLN F 450 3.39 34.10 29.61
N GLY F 451 2.79 33.20 30.39
CA GLY F 451 3.56 32.09 30.94
C GLY F 451 4.12 31.17 29.86
N LYS F 452 3.34 30.92 28.82
CA LYS F 452 3.81 30.10 27.71
C LYS F 452 4.98 30.77 27.00
N TYR F 453 4.96 32.10 26.92
CA TYR F 453 6.04 32.83 26.25
C TYR F 453 7.38 32.57 26.92
N GLU F 454 7.43 32.65 28.25
CA GLU F 454 8.70 32.43 28.94
C GLU F 454 9.20 31.01 28.74
N LEU F 455 8.29 30.04 28.79
CA LEU F 455 8.67 28.64 28.58
C LEU F 455 9.25 28.43 27.19
N PHE F 456 8.62 28.99 26.17
CA PHE F 456 9.13 28.80 24.81
C PHE F 456 10.40 29.59 24.57
N THR F 457 10.53 30.77 25.19
CA THR F 457 11.76 31.53 25.05
C THR F 457 12.95 30.80 25.67
N LYS F 458 12.75 30.20 26.84
CA LYS F 458 13.84 29.45 27.47
C LYS F 458 14.12 28.16 26.72
N TYR F 459 13.08 27.42 26.35
CA TYR F 459 13.28 26.13 25.71
C TYR F 459 13.88 26.29 24.31
N PHE F 460 13.28 27.15 23.49
CA PHE F 460 13.68 27.27 22.09
C PHE F 460 14.72 28.37 21.90
N ASN F 461 15.82 28.26 22.63
CA ASN F 461 16.91 29.21 22.47
C ASN F 461 17.90 28.71 21.43
N VAL F 462 18.78 29.63 21.02
CA VAL F 462 19.73 29.32 19.94
C VAL F 462 20.72 28.26 20.38
N SER F 463 21.12 28.28 21.65
CA SER F 463 22.16 27.38 22.12
C SER F 463 21.74 25.92 22.01
N ASN F 464 20.49 25.60 22.37
CA ASN F 464 20.01 24.23 22.40
C ASN F 464 19.07 23.92 21.24
N ARG F 465 19.33 24.50 20.07
CA ARG F 465 18.41 24.33 18.95
C ARG F 465 18.42 22.91 18.40
N GLU F 466 19.55 22.22 18.49
CA GLU F 466 19.62 20.87 17.93
C GLU F 466 18.70 19.90 18.66
N GLU F 467 18.53 20.08 19.97
CA GLU F 467 17.67 19.20 20.75
C GLU F 467 16.23 19.70 20.82
N SER F 468 16.03 21.02 20.95
CA SER F 468 14.69 21.55 21.09
C SER F 468 13.89 21.42 19.80
N MET F 469 14.53 21.56 18.64
CA MET F 469 13.81 21.49 17.38
C MET F 469 13.28 20.08 17.10
N LYS F 470 13.73 19.07 17.85
CA LYS F 470 13.21 17.72 17.68
C LYS F 470 11.75 17.60 18.10
N ASP F 471 11.20 18.59 18.81
CA ASP F 471 9.79 18.56 19.17
C ASP F 471 8.87 18.95 18.03
N PHE F 472 9.41 19.47 16.93
CA PHE F 472 8.62 19.82 15.77
C PHE F 472 8.52 18.63 14.81
N ALA F 473 7.49 18.66 13.98
CA ALA F 473 7.30 17.66 12.95
C ALA F 473 6.73 18.35 11.70
N ARG F 474 7.01 17.77 10.54
CA ARG F 474 6.54 18.30 9.28
C ARG F 474 5.75 17.25 8.52
N LEU F 475 4.64 17.67 7.93
CA LEU F 475 3.84 16.82 7.07
C LEU F 475 3.94 17.33 5.64
N ASN F 476 4.10 16.40 4.69
CA ASN F 476 4.16 16.72 3.27
C ASN F 476 3.15 15.83 2.57
N VAL F 477 1.98 16.40 2.25
CA VAL F 477 0.88 15.66 1.65
C VAL F 477 0.74 16.15 0.21
N TYR F 478 0.82 15.22 -0.73
CA TYR F 478 0.76 15.57 -2.14
C TYR F 478 0.13 14.42 -2.92
N ILE F 479 -0.38 14.73 -4.10
CA ILE F 479 -0.97 13.73 -4.97
C ILE F 479 0.13 13.11 -5.83
N ALA F 480 0.36 11.81 -5.65
CA ALA F 480 1.44 11.14 -6.37
C ALA F 480 1.09 10.91 -7.83
N ASP F 481 -0.15 10.53 -8.14
CA ASP F 481 -0.57 10.25 -9.50
C ASP F 481 -1.81 11.07 -9.81
N SER F 482 -1.74 11.85 -10.90
CA SER F 482 -2.88 12.67 -11.29
C SER F 482 -4.04 11.81 -11.78
N ASN F 483 -3.75 10.68 -12.42
CA ASN F 483 -4.80 9.81 -12.92
C ASN F 483 -5.45 9.04 -11.79
N VAL F 484 -6.77 8.90 -11.87
CA VAL F 484 -7.55 8.24 -10.83
C VAL F 484 -7.83 6.80 -11.26
N VAL F 485 -7.54 5.85 -10.38
CA VAL F 485 -7.85 4.44 -10.62
C VAL F 485 -9.33 4.24 -10.31
N LYS F 486 -10.13 4.03 -11.35
CA LYS F 486 -11.58 3.91 -11.21
C LYS F 486 -12.00 2.46 -11.31
N THR F 487 -12.75 2.00 -10.31
CA THR F 487 -13.38 0.69 -10.32
C THR F 487 -14.88 0.88 -10.41
N GLN F 488 -15.47 0.38 -11.49
CA GLN F 488 -16.89 0.62 -11.78
C GLN F 488 -17.61 -0.70 -11.96
N GLU F 489 -18.72 -0.85 -11.24
CA GLU F 489 -19.57 -2.03 -11.38
C GLU F 489 -20.63 -1.78 -12.44
N SER F 490 -21.01 -2.86 -13.12
CA SER F 490 -22.08 -2.80 -14.10
C SER F 490 -22.73 -4.17 -14.20
N GLU F 491 -23.96 -4.18 -14.71
CA GLU F 491 -24.68 -5.45 -14.85
C GLU F 491 -24.07 -6.26 -15.99
N ASP F 492 -23.73 -7.52 -15.69
CA ASP F 492 -23.05 -8.37 -16.66
C ASP F 492 -24.00 -8.90 -17.72
N TYR F 493 -25.23 -9.22 -17.33
CA TYR F 493 -26.17 -9.93 -18.21
C TYR F 493 -27.46 -9.10 -18.28
N THR F 494 -27.52 -8.19 -19.25
CA THR F 494 -28.69 -7.35 -19.41
C THR F 494 -29.84 -8.15 -20.01
N ARG F 495 -31.04 -7.55 -19.93
CA ARG F 495 -32.21 -8.19 -20.53
C ARG F 495 -32.07 -8.32 -22.04
N ASN F 496 -31.39 -7.36 -22.67
CA ASN F 496 -31.13 -7.45 -24.11
C ASN F 496 -30.25 -8.65 -24.43
N GLN F 497 -29.20 -8.86 -23.65
CA GLN F 497 -28.36 -10.03 -23.86
C GLN F 497 -29.13 -11.32 -23.59
N LEU F 498 -30.02 -11.30 -22.59
CA LEU F 498 -30.87 -12.46 -22.34
C LEU F 498 -31.76 -12.76 -23.55
N VAL F 499 -32.33 -11.71 -24.15
CA VAL F 499 -33.17 -11.89 -25.33
C VAL F 499 -32.36 -12.46 -26.49
N SER F 500 -31.14 -11.95 -26.69
CA SER F 500 -30.29 -12.46 -27.77
C SER F 500 -29.94 -13.93 -27.55
N ASP F 501 -29.66 -14.29 -26.30
CA ASP F 501 -29.28 -15.69 -26.01
C ASP F 501 -30.49 -16.60 -26.19
N ILE F 502 -31.65 -16.14 -25.77
CA ILE F 502 -32.86 -16.92 -25.94
C ILE F 502 -33.16 -17.13 -27.42
N GLY F 503 -32.99 -16.07 -28.21
CA GLY F 503 -33.19 -16.20 -29.65
C GLY F 503 -32.23 -17.18 -30.29
N GLY F 504 -30.95 -17.11 -29.89
CA GLY F 504 -29.98 -18.07 -30.42
C GLY F 504 -30.33 -19.50 -30.07
N GLN F 505 -30.68 -19.75 -28.80
CA GLN F 505 -31.05 -21.10 -28.39
C GLN F 505 -32.29 -21.58 -29.12
N LEU F 506 -33.29 -20.72 -29.26
CA LEU F 506 -34.53 -21.09 -29.94
C LEU F 506 -34.29 -21.40 -31.40
N GLY F 507 -33.46 -20.60 -32.07
CA GLY F 507 -33.15 -20.88 -33.46
C GLY F 507 -32.34 -22.14 -33.65
N LEU F 508 -31.41 -22.40 -32.72
CA LEU F 508 -30.51 -23.54 -32.90
C LEU F 508 -31.25 -24.87 -32.75
N TRP F 509 -32.05 -25.00 -31.70
CA TRP F 509 -32.65 -26.27 -31.32
C TRP F 509 -33.97 -26.55 -32.01
N VAL F 510 -34.87 -25.57 -32.07
CA VAL F 510 -36.22 -25.82 -32.56
C VAL F 510 -36.62 -24.93 -33.73
N GLY F 511 -35.98 -23.77 -33.95
CA GLY F 511 -36.28 -22.93 -35.09
C GLY F 511 -37.49 -22.04 -34.94
N ILE F 512 -38.10 -21.99 -33.76
CA ILE F 512 -39.30 -21.18 -33.55
C ILE F 512 -38.94 -19.70 -33.55
N SER F 513 -39.88 -18.87 -34.00
CA SER F 513 -39.89 -17.43 -33.77
C SER F 513 -41.17 -17.06 -33.04
N LEU F 514 -41.24 -15.83 -32.53
CA LEU F 514 -42.40 -15.45 -31.72
C LEU F 514 -43.67 -15.29 -32.55
N ILE F 515 -43.54 -14.91 -33.82
CA ILE F 515 -44.66 -14.93 -34.76
C ILE F 515 -44.96 -16.35 -35.23
N THR F 516 -43.99 -17.27 -35.11
CA THR F 516 -44.34 -18.67 -35.26
C THR F 516 -45.27 -19.13 -34.16
N LEU F 517 -45.12 -18.58 -32.95
CA LEU F 517 -46.11 -18.83 -31.90
C LEU F 517 -47.47 -18.28 -32.27
N ALA F 518 -47.52 -17.22 -33.09
CA ALA F 518 -48.81 -16.76 -33.58
C ALA F 518 -49.47 -17.81 -34.47
N GLU F 519 -48.66 -18.59 -35.19
CA GLU F 519 -49.23 -19.67 -35.99
C GLU F 519 -49.86 -20.75 -35.11
N VAL F 520 -49.19 -21.13 -34.02
CA VAL F 520 -49.79 -22.14 -33.15
C VAL F 520 -50.99 -21.57 -32.40
N LEU F 521 -50.98 -20.27 -32.11
CA LEU F 521 -52.16 -19.64 -31.53
C LEU F 521 -53.34 -19.70 -32.49
N GLU F 522 -53.08 -19.44 -33.78
CA GLU F 522 -54.11 -19.59 -34.79
C GLU F 522 -54.60 -21.04 -34.87
N LEU F 523 -53.67 -22.00 -34.79
CA LEU F 523 -54.04 -23.41 -34.84
C LEU F 523 -54.96 -23.78 -33.67
N ILE F 524 -54.61 -23.34 -32.46
CA ILE F 524 -55.44 -23.69 -31.31
C ILE F 524 -56.76 -22.92 -31.32
N ILE F 525 -56.79 -21.70 -31.87
CA ILE F 525 -58.07 -21.03 -32.10
C ILE F 525 -58.94 -21.85 -33.05
N ASP F 526 -58.34 -22.37 -34.14
CA ASP F 526 -59.09 -23.17 -35.09
C ASP F 526 -59.60 -24.45 -34.44
N LEU F 527 -58.77 -25.08 -33.61
CA LEU F 527 -59.20 -26.31 -32.92
C LEU F 527 -60.34 -26.03 -31.94
N PHE F 528 -60.24 -24.93 -31.18
CA PHE F 528 -61.30 -24.58 -30.25
C PHE F 528 -62.59 -24.25 -30.99
N ARG F 529 -62.48 -23.61 -32.16
CA ARG F 529 -63.66 -23.32 -32.96
C ARG F 529 -64.28 -24.59 -33.54
N LEU F 530 -63.44 -25.53 -33.97
CA LEU F 530 -63.93 -26.77 -34.56
C LEU F 530 -64.52 -27.71 -33.52
N PHE F 531 -63.97 -27.71 -32.31
CA PHE F 531 -64.46 -28.59 -31.24
C PHE F 531 -65.86 -28.15 -30.79
C1 NAG G . 34.24 -3.00 -12.41
C2 NAG G . 35.31 -4.07 -12.51
C3 NAG G . 36.50 -3.56 -13.32
C4 NAG G . 36.03 -2.97 -14.65
C5 NAG G . 35.01 -1.86 -14.38
C6 NAG G . 34.45 -1.25 -15.63
C7 NAG G . 36.51 -4.00 -10.28
C8 NAG G . 36.46 -2.49 -10.17
N2 NAG G . 35.75 -4.57 -11.21
O3 NAG G . 37.42 -4.61 -13.54
O4 NAG G . 37.15 -2.43 -15.34
O5 NAG G . 33.90 -2.46 -13.68
O6 NAG G . 33.75 -2.23 -16.39
O7 NAG G . 37.20 -4.66 -9.51
C1 NAG G . 37.35 -3.12 -16.59
C2 NAG G . 38.37 -2.33 -17.44
C3 NAG G . 38.66 -3.05 -18.76
C4 NAG G . 39.02 -4.52 -18.52
C5 NAG G . 37.93 -5.18 -17.67
C6 NAG G . 38.25 -6.61 -17.33
C7 NAG G . 36.96 -0.41 -18.30
C8 NAG G . 35.97 -1.36 -18.92
N2 NAG G . 38.01 -0.93 -17.64
O3 NAG G . 39.73 -2.40 -19.43
O4 NAG G . 39.16 -5.20 -19.75
O5 NAG G . 37.78 -4.47 -16.44
O6 NAG G . 37.85 -6.93 -16.01
O7 NAG G . 36.80 0.81 -18.38
C1 NAG H . -9.90 9.19 -25.34
C2 NAG H . -11.25 9.17 -24.57
C3 NAG H . -12.22 10.19 -25.16
C4 NAG H . -11.59 11.56 -25.26
C5 NAG H . -10.32 11.46 -26.08
C6 NAG H . -9.58 12.77 -26.22
C7 NAG H . -11.40 6.84 -23.80
C8 NAG H . -12.13 5.54 -23.96
N2 NAG H . -11.83 7.85 -24.58
O3 NAG H . -13.39 10.24 -24.34
O4 NAG H . -12.51 12.48 -25.84
O5 NAG H . -9.42 10.54 -25.44
O6 NAG H . -9.01 13.17 -24.97
O7 NAG H . -10.47 6.98 -23.03
C1 NAG H . -12.67 13.63 -24.98
C2 NAG H . -13.18 14.77 -25.85
C3 NAG H . -13.37 16.02 -25.00
C4 NAG H . -14.26 15.73 -23.79
C5 NAG H . -13.72 14.53 -23.02
C6 NAG H . -14.61 14.11 -21.88
C7 NAG H . -12.68 15.07 -28.23
C8 NAG H . -11.62 15.36 -29.25
N2 NAG H . -12.28 15.03 -26.95
O3 NAG H . -13.97 17.04 -25.80
O4 NAG H . -14.29 16.86 -22.94
O5 NAG H . -13.59 13.40 -23.89
O6 NAG H . -15.75 13.39 -22.35
O7 NAG H . -13.85 14.89 -28.55
C1 NAG I . -3.91 -19.43 30.68
C2 NAG I . -4.84 -19.47 31.90
C3 NAG I . -4.54 -20.68 32.76
C4 NAG I . -4.48 -21.95 31.91
C5 NAG I . -3.46 -21.78 30.80
C6 NAG I . -3.38 -22.96 29.88
C7 NAG I . -3.88 -17.77 33.50
C8 NAG I . -2.46 -18.14 33.22
N2 NAG I . -4.82 -18.24 32.68
O3 NAG I . -5.52 -20.80 33.78
O4 NAG I . -4.11 -23.05 32.74
O5 NAG I . -3.87 -20.67 29.98
O6 NAG I . -4.61 -23.17 29.22
O7 NAG I . -4.18 -17.05 34.45
C1 NAG I . -5.18 -24.02 32.77
C2 NAG I . -4.65 -25.31 33.44
C3 NAG I . -5.75 -26.38 33.56
C4 NAG I . -6.98 -25.79 34.22
C5 NAG I . -7.43 -24.53 33.47
C6 NAG I . -8.61 -23.85 34.10
C7 NAG I . -3.27 -26.33 31.56
C8 NAG I . -4.47 -26.34 30.64
N2 NAG I . -3.44 -25.84 32.81
O3 NAG I . -5.26 -27.48 34.32
O4 NAG I . -8.04 -26.73 34.21
O5 NAG I . -6.35 -23.58 33.47
O6 NAG I . -8.48 -22.43 34.06
O7 NAG I . -2.18 -26.74 31.18
C1 NAG J . -1.14 -23.37 -16.66
C2 NAG J . -1.02 -22.30 -17.77
C3 NAG J . -0.37 -22.89 -19.02
C4 NAG J . 0.95 -23.58 -18.67
C5 NAG J . 0.68 -24.64 -17.62
C6 NAG J . 1.92 -25.37 -17.17
C7 NAG J . -2.95 -20.84 -17.34
C8 NAG J . -4.28 -20.37 -17.84
N2 NAG J . -2.32 -21.75 -18.10
O3 NAG J . -0.15 -21.86 -19.97
O4 NAG J . 1.50 -24.16 -19.85
O5 NAG J . 0.12 -24.01 -16.46
O6 NAG J . 2.78 -24.51 -16.42
O7 NAG J . -2.46 -20.41 -16.30
C1 NAG J . 2.86 -23.69 -20.02
C2 NAG J . 3.59 -24.70 -20.90
C3 NAG J . 5.03 -24.27 -21.12
C4 NAG J . 5.08 -22.85 -21.65
C5 NAG J . 4.28 -21.90 -20.76
C6 NAG J . 4.20 -20.50 -21.29
C7 NAG J . 3.09 -27.10 -20.99
C8 NAG J . 3.10 -28.40 -20.24
N2 NAG J . 3.53 -26.04 -20.32
O3 NAG J . 5.64 -25.16 -22.04
O4 NAG J . 6.44 -22.40 -21.71
O5 NAG J . 2.94 -22.38 -20.62
O6 NAG J . 3.28 -20.40 -22.36
O7 NAG J . 2.70 -27.02 -22.15
C1 NAG K . -7.94 35.08 6.39
C2 NAG K . -7.64 36.44 5.76
C3 NAG K . -8.45 37.53 6.46
C4 NAG K . -9.91 37.14 6.54
C5 NAG K . -10.04 35.80 7.26
C6 NAG K . -11.46 35.30 7.35
C7 NAG K . -5.41 37.13 6.73
C8 NAG K . -5.72 36.61 8.10
N2 NAG K . -6.23 36.78 5.73
O3 NAG K . -8.29 38.76 5.76
O4 NAG K . -10.62 38.13 7.27
O5 NAG K . -9.33 34.81 6.48
O6 NAG K . -12.00 35.09 6.06
O7 NAG K . -4.44 37.84 6.52
C1 NAG K . -11.62 38.75 6.43
C2 NAG K . -12.55 39.61 7.32
C3 NAG K . -13.61 40.34 6.48
C4 NAG K . -12.94 41.10 5.33
C5 NAG K . -12.07 40.14 4.52
C6 NAG K . -11.32 40.82 3.40
C7 NAG K . -14.02 37.85 8.41
C8 NAG K . -14.46 37.33 7.06
N2 NAG K . -13.14 38.89 8.44
O3 NAG K . -14.33 41.26 7.30
O4 NAG K . -13.93 41.66 4.48
O5 NAG K . -11.08 39.56 5.38
O6 NAG K . -10.01 40.31 3.27
O7 NAG K . -14.43 37.34 9.45
C1 NAG L . -27.68 -7.66 -0.58
C2 NAG L . -27.06 -9.03 -0.89
C3 NAG L . -27.98 -10.17 -0.44
C4 NAG L . -28.37 -9.98 1.02
C5 NAG L . -29.03 -8.62 1.19
C6 NAG L . -29.43 -8.30 2.60
C7 NAG L . -25.73 -8.59 -2.91
C8 NAG L . -25.58 -8.83 -4.38
N2 NAG L . -26.77 -9.16 -2.31
O3 NAG L . -27.32 -11.41 -0.62
O4 NAG L . -29.27 -11.02 1.40
O5 NAG L . -28.09 -7.60 0.80
O6 NAG L . -28.29 -8.13 3.45
O7 NAG L . -24.92 -7.89 -2.29
C1 NAG L . -28.76 -11.67 2.59
C2 NAG L . -29.94 -12.36 3.26
C3 NAG L . -29.48 -13.08 4.53
C4 NAG L . -28.33 -14.02 4.21
C5 NAG L . -27.21 -13.29 3.47
C6 NAG L . -26.09 -14.19 3.03
C7 NAG L . -32.26 -11.57 3.19
C8 NAG L . -33.21 -10.48 3.60
N2 NAG L . -30.99 -11.41 3.58
O3 NAG L . -30.57 -13.81 5.07
O4 NAG L . -27.81 -14.57 5.42
O5 NAG L . -27.74 -12.66 2.30
O6 NAG L . -26.45 -14.95 1.88
O7 NAG L . -32.63 -12.55 2.56
C1 NAG M . -6.72 26.83 -19.11
C2 NAG M . -7.18 28.22 -18.66
C3 NAG M . -7.42 29.12 -19.87
C4 NAG M . -6.19 29.14 -20.77
C5 NAG M . -5.81 27.71 -21.15
C6 NAG M . -4.54 27.63 -21.96
C7 NAG M . -8.47 28.50 -16.58
C8 NAG M . -9.80 28.34 -15.92
N2 NAG M . -8.41 28.12 -17.86
O3 NAG M . -7.71 30.44 -19.42
O4 NAG M . -6.46 29.87 -21.96
O5 NAG M . -5.58 26.95 -19.96
O6 NAG M . -4.74 28.11 -23.29
O7 NAG M . -7.51 28.96 -15.99
C1 NAG N . 47.38 7.52 4.17
C2 NAG N . 47.67 6.35 5.13
C3 NAG N . 49.15 6.37 5.51
C4 NAG N . 50.02 6.37 4.26
C5 NAG N . 49.63 7.55 3.38
C6 NAG N . 50.39 7.59 2.08
C7 NAG N . 46.61 5.44 7.16
C8 NAG N . 46.66 4.04 6.61
N2 NAG N . 46.81 6.43 6.29
O3 NAG N . 49.48 5.27 6.35
O4 NAG N . 51.38 6.50 4.64
O5 NAG N . 48.24 7.45 3.05
O6 NAG N . 49.97 8.68 1.27
O7 NAG N . 46.36 5.65 8.34
C1 NAG O . 36.45 10.59 19.34
C2 NAG O . 37.43 11.22 20.34
C3 NAG O . 36.69 12.14 21.29
C4 NAG O . 35.88 13.17 20.51
C5 NAG O . 34.96 12.48 19.52
C6 NAG O . 34.21 13.43 18.63
C7 NAG O . 39.45 9.99 20.97
C8 NAG O . 40.02 8.89 21.82
N2 NAG O . 38.13 10.18 21.08
O3 NAG O . 37.63 12.81 22.13
O4 NAG O . 35.11 13.97 21.40
O5 NAG O . 35.73 11.63 18.64
O6 NAG O . 33.39 12.74 17.69
O7 NAG O . 40.15 10.68 20.24
C1 NAG P . 17.78 -24.02 -15.36
C2 NAG P . 19.18 -23.94 -15.96
C3 NAG P . 19.58 -25.25 -16.60
C4 NAG P . 19.40 -26.41 -15.63
C5 NAG P . 17.98 -26.40 -15.09
C6 NAG P . 17.73 -27.46 -14.04
C7 NAG P . 20.05 -21.79 -16.80
C8 NAG P . 20.01 -20.78 -17.90
N2 NAG P . 19.26 -22.85 -16.93
O3 NAG P . 20.95 -25.19 -17.02
O4 NAG P . 19.66 -27.65 -16.28
O5 NAG P . 17.70 -25.14 -14.47
O6 NAG P . 17.70 -28.76 -14.60
O7 NAG P . 20.78 -21.64 -15.81
C1 NAG Q . 12.88 -11.05 45.04
C2 NAG Q . 12.16 -9.90 45.74
C3 NAG Q . 12.45 -9.95 47.24
C4 NAG Q . 12.10 -11.32 47.80
C5 NAG Q . 12.86 -12.38 47.03
C6 NAG Q . 12.51 -13.79 47.47
C7 NAG Q . 11.91 -7.48 45.32
C8 NAG Q . 10.42 -7.56 45.50
N2 NAG Q . 12.55 -8.64 45.15
O3 NAG Q . 11.74 -8.93 47.93
O4 NAG Q . 12.48 -11.37 49.17
O5 NAG Q . 12.51 -12.29 45.64
O6 NAG Q . 13.20 -14.76 46.69
O7 NAG Q . 12.50 -6.40 45.31
C1 NAG R . 19.99 4.71 37.31
C2 NAG R . 21.01 5.17 38.36
C3 NAG R . 22.14 5.94 37.68
C4 NAG R . 22.76 5.12 36.56
C5 NAG R . 21.67 4.67 35.59
C6 NAG R . 22.18 3.76 34.49
C7 NAG R . 20.28 5.59 40.65
C8 NAG R . 19.59 6.55 41.58
N2 NAG R . 20.37 5.98 39.37
O3 NAG R . 23.13 6.26 38.66
O4 NAG R . 23.73 5.89 35.87
O5 NAG R . 20.65 3.94 36.29
O6 NAG R . 21.14 3.34 33.64
O7 NAG R . 20.73 4.53 41.05
C1 NAG S . -26.05 -11.28 17.97
C2 NAG S . -26.04 -12.22 19.17
C3 NAG S . -27.46 -12.51 19.65
C4 NAG S . -28.21 -11.21 19.90
C5 NAG S . -28.16 -10.34 18.64
C6 NAG S . -28.81 -8.99 18.84
C7 NAG S . -24.24 -13.89 19.45
C8 NAG S . -23.68 -15.19 18.98
N2 NAG S . -25.36 -13.48 18.84
O3 NAG S . -27.41 -13.26 20.86
O4 NAG S . -29.58 -11.48 20.23
O5 NAG S . -26.80 -10.10 18.29
O6 NAG S . -30.23 -9.09 18.91
O7 NAG S . -23.70 -13.23 20.33
C1 NAG T . 6.43 41.14 24.13
C2 NAG T . 7.68 41.61 23.39
C3 NAG T . 8.18 42.92 24.00
C4 NAG T . 7.06 43.95 24.03
C5 NAG T . 5.87 43.38 24.78
C6 NAG T . 4.68 44.30 24.79
C7 NAG T . 9.78 40.54 22.63
C8 NAG T . 9.62 41.13 21.25
N2 NAG T . 8.70 40.58 23.40
O3 NAG T . 9.30 43.42 23.29
O4 NAG T . 7.52 45.11 24.71
O5 NAG T . 5.45 42.17 24.13
O6 NAG T . 3.57 43.71 25.47
O7 NAG T . 10.83 40.04 23.00
C1 NAG U . 19.16 27.30 26.47
C2 NAG U . 20.04 27.84 27.58
C3 NAG U . 20.64 26.70 28.39
C4 NAG U . 19.54 25.77 28.89
C5 NAG U . 18.69 25.30 27.71
C6 NAG U . 17.51 24.45 28.12
C7 NAG U . 21.18 30.01 27.31
C8 NAG U . 22.32 30.73 26.68
N2 NAG U . 21.10 28.70 27.05
O3 NAG U . 21.36 27.23 29.50
O4 NAG U . 20.12 24.63 29.52
O5 NAG U . 18.15 26.44 27.02
O6 NAG U . 16.73 24.07 27.01
O7 NAG U . 20.34 30.57 28.02
#